data_2F1W
# 
_entry.id   2F1W 
# 
_audit_conform.dict_name       mmcif_pdbx.dic 
_audit_conform.dict_version    5.387 
_audit_conform.dict_location   http://mmcif.pdb.org/dictionaries/ascii/mmcif_pdbx.dic 
# 
loop_
_database_2.database_id 
_database_2.database_code 
_database_2.pdbx_database_accession 
_database_2.pdbx_DOI 
PDB   2F1W         pdb_00002f1w 10.2210/pdb2f1w/pdb 
RCSB  RCSB035349   ?            ?                   
WWPDB D_1000035349 ?            ?                   
# 
loop_
_pdbx_audit_revision_history.ordinal 
_pdbx_audit_revision_history.data_content_type 
_pdbx_audit_revision_history.major_revision 
_pdbx_audit_revision_history.minor_revision 
_pdbx_audit_revision_history.revision_date 
1 'Structure model' 1 0 2006-02-07 
2 'Structure model' 1 1 2008-05-01 
3 'Structure model' 1 2 2011-07-13 
4 'Structure model' 1 3 2024-02-14 
# 
_pdbx_audit_revision_details.ordinal             1 
_pdbx_audit_revision_details.revision_ordinal    1 
_pdbx_audit_revision_details.data_content_type   'Structure model' 
_pdbx_audit_revision_details.provider            repository 
_pdbx_audit_revision_details.type                'Initial release' 
_pdbx_audit_revision_details.description         ? 
_pdbx_audit_revision_details.details             ? 
# 
loop_
_pdbx_audit_revision_group.ordinal 
_pdbx_audit_revision_group.revision_ordinal 
_pdbx_audit_revision_group.data_content_type 
_pdbx_audit_revision_group.group 
1 2 'Structure model' 'Version format compliance' 
2 3 'Structure model' 'Version format compliance' 
3 4 'Structure model' 'Data collection'           
4 4 'Structure model' 'Database references'       
5 4 'Structure model' 'Derived calculations'      
# 
loop_
_pdbx_audit_revision_category.ordinal 
_pdbx_audit_revision_category.revision_ordinal 
_pdbx_audit_revision_category.data_content_type 
_pdbx_audit_revision_category.category 
1 4 'Structure model' chem_comp_atom         
2 4 'Structure model' chem_comp_bond         
3 4 'Structure model' database_2             
4 4 'Structure model' pdbx_struct_conn_angle 
5 4 'Structure model' struct_conn            
6 4 'Structure model' struct_ref_seq_dif     
7 4 'Structure model' struct_site            
# 
loop_
_pdbx_audit_revision_item.ordinal 
_pdbx_audit_revision_item.revision_ordinal 
_pdbx_audit_revision_item.data_content_type 
_pdbx_audit_revision_item.item 
1  4 'Structure model' '_database_2.pdbx_DOI'                        
2  4 'Structure model' '_database_2.pdbx_database_accession'         
3  4 'Structure model' '_pdbx_struct_conn_angle.ptnr1_auth_comp_id'  
4  4 'Structure model' '_pdbx_struct_conn_angle.ptnr1_auth_seq_id'   
5  4 'Structure model' '_pdbx_struct_conn_angle.ptnr1_label_asym_id' 
6  4 'Structure model' '_pdbx_struct_conn_angle.ptnr1_label_atom_id' 
7  4 'Structure model' '_pdbx_struct_conn_angle.ptnr1_label_comp_id' 
8  4 'Structure model' '_pdbx_struct_conn_angle.ptnr1_label_seq_id'  
9  4 'Structure model' '_pdbx_struct_conn_angle.ptnr1_symmetry'      
10 4 'Structure model' '_pdbx_struct_conn_angle.ptnr3_auth_comp_id'  
11 4 'Structure model' '_pdbx_struct_conn_angle.ptnr3_auth_seq_id'   
12 4 'Structure model' '_pdbx_struct_conn_angle.ptnr3_label_asym_id' 
13 4 'Structure model' '_pdbx_struct_conn_angle.ptnr3_label_atom_id' 
14 4 'Structure model' '_pdbx_struct_conn_angle.ptnr3_label_comp_id' 
15 4 'Structure model' '_pdbx_struct_conn_angle.ptnr3_label_seq_id'  
16 4 'Structure model' '_pdbx_struct_conn_angle.ptnr3_symmetry'      
17 4 'Structure model' '_pdbx_struct_conn_angle.value'               
18 4 'Structure model' '_struct_conn.pdbx_dist_value'                
19 4 'Structure model' '_struct_conn.ptnr1_auth_comp_id'             
20 4 'Structure model' '_struct_conn.ptnr1_auth_seq_id'              
21 4 'Structure model' '_struct_conn.ptnr1_label_asym_id'            
22 4 'Structure model' '_struct_conn.ptnr1_label_atom_id'            
23 4 'Structure model' '_struct_conn.ptnr1_label_comp_id'            
24 4 'Structure model' '_struct_conn.ptnr1_label_seq_id'             
25 4 'Structure model' '_struct_conn.ptnr1_symmetry'                 
26 4 'Structure model' '_struct_conn.ptnr2_auth_comp_id'             
27 4 'Structure model' '_struct_conn.ptnr2_auth_seq_id'              
28 4 'Structure model' '_struct_conn.ptnr2_label_asym_id'            
29 4 'Structure model' '_struct_conn.ptnr2_label_atom_id'            
30 4 'Structure model' '_struct_conn.ptnr2_label_comp_id'            
31 4 'Structure model' '_struct_conn.ptnr2_label_seq_id'             
32 4 'Structure model' '_struct_conn.ptnr2_symmetry'                 
33 4 'Structure model' '_struct_ref_seq_dif.details'                 
34 4 'Structure model' '_struct_site.pdbx_auth_asym_id'              
35 4 'Structure model' '_struct_site.pdbx_auth_comp_id'              
36 4 'Structure model' '_struct_site.pdbx_auth_seq_id'               
# 
_pdbx_database_status.status_code                     REL 
_pdbx_database_status.entry_id                        2F1W 
_pdbx_database_status.recvd_initial_deposition_date   2005-11-15 
_pdbx_database_status.deposit_site                    RCSB 
_pdbx_database_status.process_site                    RCSB 
_pdbx_database_status.status_code_sf                  ? 
_pdbx_database_status.status_code_mr                  ? 
_pdbx_database_status.SG_entry                        ? 
_pdbx_database_status.pdb_format_compatible           Y 
_pdbx_database_status.status_code_cs                  ? 
_pdbx_database_status.status_code_nmr_data            ? 
_pdbx_database_status.methods_development_category    ? 
# 
loop_
_audit_author.name 
_audit_author.pdbx_ordinal 
'Hu, M.'        1 
'Gu, L.'        2 
'Jeffrey, P.D.' 3 
'Shi, Y.'       4 
# 
_citation.id                        primary 
_citation.title                     
'Structural Basis of Competitive Recognition of p53 and MDM2 by HAUSP/USP7: Implications for the Regulation of the p53-MDM2 Pathway.' 
_citation.journal_abbrev            'Plos Biol.' 
_citation.journal_volume            4 
_citation.page_first                e27 
_citation.page_last                 e27 
_citation.year                      2006 
_citation.journal_id_ASTM           ? 
_citation.country                   US 
_citation.journal_id_ISSN           1544-9173 
_citation.journal_id_CSD            ? 
_citation.book_publisher            ? 
_citation.pdbx_database_id_PubMed   16402859 
_citation.pdbx_database_id_DOI      10.1371/journal.pbio.0040027 
# 
loop_
_citation_author.citation_id 
_citation_author.name 
_citation_author.ordinal 
_citation_author.identifier_ORCID 
primary 'Hu, M.'        1 ? 
primary 'Gu, L.'        2 ? 
primary 'Li, M.'        3 ? 
primary 'Jeffrey, P.D.' 4 ? 
primary 'Gu, W.'        5 ? 
primary 'Shi, Y.'       6 ? 
# 
loop_
_entity.id 
_entity.type 
_entity.src_method 
_entity.pdbx_description 
_entity.formula_weight 
_entity.pdbx_number_of_molecules 
_entity.pdbx_ec 
_entity.pdbx_mutation 
_entity.pdbx_fragment 
_entity.details 
1 polymer     man 'Ubiquitin carboxyl-terminal hydrolase 7' 18493.486 1   3.1.2.15 ? 'N-terminal fragment (Residues : 53-206)' ? 
2 non-polymer syn 'CALCIUM ION'                             40.078    2   ?        ? ?                                         ? 
3 water       nat water                                     18.015    137 ?        ? ?                                         ? 
# 
_entity_name_com.entity_id   1 
_entity_name_com.name        
;Ubiquitin thiolesterase 7, Ubiquitin-specific processing protease 7, Deubiquitinating enzyme 7, Herpesvirus associated ubiquitin-specific protease
;
# 
_entity_poly.entity_id                      1 
_entity_poly.type                           'polypeptide(L)' 
_entity_poly.nstd_linkage                   no 
_entity_poly.nstd_monomer                   no 
_entity_poly.pdbx_seq_one_letter_code       
;GSHMNTAEEDMEDDTSWRSEATFQFTVERFSRLSESVLSPPCFVRNLPWKIMVMPRFYPDRPHQKSVGFFLQCNAESDST
SWSCHAQAVLKIINYRDDEKSFSRRISHLFFHKENDWGFSNFMAWSEVTDPEKGFIDDDKVTFEVFVQADAPHGVAWD
;
_entity_poly.pdbx_seq_one_letter_code_can   
;GSHMNTAEEDMEDDTSWRSEATFQFTVERFSRLSESVLSPPCFVRNLPWKIMVMPRFYPDRPHQKSVGFFLQCNAESDST
SWSCHAQAVLKIINYRDDEKSFSRRISHLFFHKENDWGFSNFMAWSEVTDPEKGFIDDDKVTFEVFVQADAPHGVAWD
;
_entity_poly.pdbx_strand_id                 A 
_entity_poly.pdbx_target_identifier         ? 
# 
loop_
_pdbx_entity_nonpoly.entity_id 
_pdbx_entity_nonpoly.name 
_pdbx_entity_nonpoly.comp_id 
2 'CALCIUM ION' CA  
3 water         HOH 
# 
loop_
_entity_poly_seq.entity_id 
_entity_poly_seq.num 
_entity_poly_seq.mon_id 
_entity_poly_seq.hetero 
1 1   GLY n 
1 2   SER n 
1 3   HIS n 
1 4   MET n 
1 5   ASN n 
1 6   THR n 
1 7   ALA n 
1 8   GLU n 
1 9   GLU n 
1 10  ASP n 
1 11  MET n 
1 12  GLU n 
1 13  ASP n 
1 14  ASP n 
1 15  THR n 
1 16  SER n 
1 17  TRP n 
1 18  ARG n 
1 19  SER n 
1 20  GLU n 
1 21  ALA n 
1 22  THR n 
1 23  PHE n 
1 24  GLN n 
1 25  PHE n 
1 26  THR n 
1 27  VAL n 
1 28  GLU n 
1 29  ARG n 
1 30  PHE n 
1 31  SER n 
1 32  ARG n 
1 33  LEU n 
1 34  SER n 
1 35  GLU n 
1 36  SER n 
1 37  VAL n 
1 38  LEU n 
1 39  SER n 
1 40  PRO n 
1 41  PRO n 
1 42  CYS n 
1 43  PHE n 
1 44  VAL n 
1 45  ARG n 
1 46  ASN n 
1 47  LEU n 
1 48  PRO n 
1 49  TRP n 
1 50  LYS n 
1 51  ILE n 
1 52  MET n 
1 53  VAL n 
1 54  MET n 
1 55  PRO n 
1 56  ARG n 
1 57  PHE n 
1 58  TYR n 
1 59  PRO n 
1 60  ASP n 
1 61  ARG n 
1 62  PRO n 
1 63  HIS n 
1 64  GLN n 
1 65  LYS n 
1 66  SER n 
1 67  VAL n 
1 68  GLY n 
1 69  PHE n 
1 70  PHE n 
1 71  LEU n 
1 72  GLN n 
1 73  CYS n 
1 74  ASN n 
1 75  ALA n 
1 76  GLU n 
1 77  SER n 
1 78  ASP n 
1 79  SER n 
1 80  THR n 
1 81  SER n 
1 82  TRP n 
1 83  SER n 
1 84  CYS n 
1 85  HIS n 
1 86  ALA n 
1 87  GLN n 
1 88  ALA n 
1 89  VAL n 
1 90  LEU n 
1 91  LYS n 
1 92  ILE n 
1 93  ILE n 
1 94  ASN n 
1 95  TYR n 
1 96  ARG n 
1 97  ASP n 
1 98  ASP n 
1 99  GLU n 
1 100 LYS n 
1 101 SER n 
1 102 PHE n 
1 103 SER n 
1 104 ARG n 
1 105 ARG n 
1 106 ILE n 
1 107 SER n 
1 108 HIS n 
1 109 LEU n 
1 110 PHE n 
1 111 PHE n 
1 112 HIS n 
1 113 LYS n 
1 114 GLU n 
1 115 ASN n 
1 116 ASP n 
1 117 TRP n 
1 118 GLY n 
1 119 PHE n 
1 120 SER n 
1 121 ASN n 
1 122 PHE n 
1 123 MET n 
1 124 ALA n 
1 125 TRP n 
1 126 SER n 
1 127 GLU n 
1 128 VAL n 
1 129 THR n 
1 130 ASP n 
1 131 PRO n 
1 132 GLU n 
1 133 LYS n 
1 134 GLY n 
1 135 PHE n 
1 136 ILE n 
1 137 ASP n 
1 138 ASP n 
1 139 ASP n 
1 140 LYS n 
1 141 VAL n 
1 142 THR n 
1 143 PHE n 
1 144 GLU n 
1 145 VAL n 
1 146 PHE n 
1 147 VAL n 
1 148 GLN n 
1 149 ALA n 
1 150 ASP n 
1 151 ALA n 
1 152 PRO n 
1 153 HIS n 
1 154 GLY n 
1 155 VAL n 
1 156 ALA n 
1 157 TRP n 
1 158 ASP n 
# 
_entity_src_gen.entity_id                          1 
_entity_src_gen.pdbx_src_id                        1 
_entity_src_gen.pdbx_alt_source_flag               sample 
_entity_src_gen.pdbx_seq_type                      ? 
_entity_src_gen.pdbx_beg_seq_num                   ? 
_entity_src_gen.pdbx_end_seq_num                   ? 
_entity_src_gen.gene_src_common_name               human 
_entity_src_gen.gene_src_genus                     Homo 
_entity_src_gen.pdbx_gene_src_gene                 'USP7, HAUSP' 
_entity_src_gen.gene_src_species                   ? 
_entity_src_gen.gene_src_strain                    ? 
_entity_src_gen.gene_src_tissue                    ? 
_entity_src_gen.gene_src_tissue_fraction           ? 
_entity_src_gen.gene_src_details                   ? 
_entity_src_gen.pdbx_gene_src_fragment             ? 
_entity_src_gen.pdbx_gene_src_scientific_name      'Homo sapiens' 
_entity_src_gen.pdbx_gene_src_ncbi_taxonomy_id     9606 
_entity_src_gen.pdbx_gene_src_variant              ? 
_entity_src_gen.pdbx_gene_src_cell_line            ? 
_entity_src_gen.pdbx_gene_src_atcc                 ? 
_entity_src_gen.pdbx_gene_src_organ                ? 
_entity_src_gen.pdbx_gene_src_organelle            ? 
_entity_src_gen.pdbx_gene_src_cell                 ? 
_entity_src_gen.pdbx_gene_src_cellular_location    ? 
_entity_src_gen.host_org_common_name               ? 
_entity_src_gen.pdbx_host_org_scientific_name      'Escherichia coli BL21(DE3)' 
_entity_src_gen.pdbx_host_org_ncbi_taxonomy_id     469008 
_entity_src_gen.host_org_genus                     Escherichia 
_entity_src_gen.pdbx_host_org_gene                 ? 
_entity_src_gen.pdbx_host_org_organ                ? 
_entity_src_gen.host_org_species                   'Escherichia coli' 
_entity_src_gen.pdbx_host_org_tissue               ? 
_entity_src_gen.pdbx_host_org_tissue_fraction      ? 
_entity_src_gen.pdbx_host_org_strain               'BL21(DE3)' 
_entity_src_gen.pdbx_host_org_variant              ? 
_entity_src_gen.pdbx_host_org_cell_line            ? 
_entity_src_gen.pdbx_host_org_atcc                 ? 
_entity_src_gen.pdbx_host_org_culture_collection   ? 
_entity_src_gen.pdbx_host_org_cell                 ? 
_entity_src_gen.pdbx_host_org_organelle            ? 
_entity_src_gen.pdbx_host_org_cellular_location    ? 
_entity_src_gen.pdbx_host_org_vector_type          plasmid 
_entity_src_gen.pdbx_host_org_vector               ? 
_entity_src_gen.host_org_details                   ? 
_entity_src_gen.expression_system_id               ? 
_entity_src_gen.plasmid_name                       pGEX-2T 
_entity_src_gen.plasmid_details                    ? 
_entity_src_gen.pdbx_description                   ? 
# 
loop_
_chem_comp.id 
_chem_comp.type 
_chem_comp.mon_nstd_flag 
_chem_comp.name 
_chem_comp.pdbx_synonyms 
_chem_comp.formula 
_chem_comp.formula_weight 
ALA 'L-peptide linking' y ALANINE         ? 'C3 H7 N O2'     89.093  
ARG 'L-peptide linking' y ARGININE        ? 'C6 H15 N4 O2 1' 175.209 
ASN 'L-peptide linking' y ASPARAGINE      ? 'C4 H8 N2 O3'    132.118 
ASP 'L-peptide linking' y 'ASPARTIC ACID' ? 'C4 H7 N O4'     133.103 
CA  non-polymer         . 'CALCIUM ION'   ? 'Ca 2'           40.078  
CYS 'L-peptide linking' y CYSTEINE        ? 'C3 H7 N O2 S'   121.158 
GLN 'L-peptide linking' y GLUTAMINE       ? 'C5 H10 N2 O3'   146.144 
GLU 'L-peptide linking' y 'GLUTAMIC ACID' ? 'C5 H9 N O4'     147.129 
GLY 'peptide linking'   y GLYCINE         ? 'C2 H5 N O2'     75.067  
HIS 'L-peptide linking' y HISTIDINE       ? 'C6 H10 N3 O2 1' 156.162 
HOH non-polymer         . WATER           ? 'H2 O'           18.015  
ILE 'L-peptide linking' y ISOLEUCINE      ? 'C6 H13 N O2'    131.173 
LEU 'L-peptide linking' y LEUCINE         ? 'C6 H13 N O2'    131.173 
LYS 'L-peptide linking' y LYSINE          ? 'C6 H15 N2 O2 1' 147.195 
MET 'L-peptide linking' y METHIONINE      ? 'C5 H11 N O2 S'  149.211 
PHE 'L-peptide linking' y PHENYLALANINE   ? 'C9 H11 N O2'    165.189 
PRO 'L-peptide linking' y PROLINE         ? 'C5 H9 N O2'     115.130 
SER 'L-peptide linking' y SERINE          ? 'C3 H7 N O3'     105.093 
THR 'L-peptide linking' y THREONINE       ? 'C4 H9 N O3'     119.119 
TRP 'L-peptide linking' y TRYPTOPHAN      ? 'C11 H12 N2 O2'  204.225 
TYR 'L-peptide linking' y TYROSINE        ? 'C9 H11 N O3'    181.189 
VAL 'L-peptide linking' y VALINE          ? 'C5 H11 N O2'    117.146 
# 
loop_
_pdbx_poly_seq_scheme.asym_id 
_pdbx_poly_seq_scheme.entity_id 
_pdbx_poly_seq_scheme.seq_id 
_pdbx_poly_seq_scheme.mon_id 
_pdbx_poly_seq_scheme.ndb_seq_num 
_pdbx_poly_seq_scheme.pdb_seq_num 
_pdbx_poly_seq_scheme.auth_seq_num 
_pdbx_poly_seq_scheme.pdb_mon_id 
_pdbx_poly_seq_scheme.auth_mon_id 
_pdbx_poly_seq_scheme.pdb_strand_id 
_pdbx_poly_seq_scheme.pdb_ins_code 
_pdbx_poly_seq_scheme.hetero 
A 1 1   GLY 1   49  ?   ?   ?   A . n 
A 1 2   SER 2   50  ?   ?   ?   A . n 
A 1 3   HIS 3   51  ?   ?   ?   A . n 
A 1 4   MET 4   52  ?   ?   ?   A . n 
A 1 5   ASN 5   53  ?   ?   ?   A . n 
A 1 6   THR 6   54  ?   ?   ?   A . n 
A 1 7   ALA 7   55  ?   ?   ?   A . n 
A 1 8   GLU 8   56  ?   ?   ?   A . n 
A 1 9   GLU 9   57  ?   ?   ?   A . n 
A 1 10  ASP 10  58  ?   ?   ?   A . n 
A 1 11  MET 11  59  ?   ?   ?   A . n 
A 1 12  GLU 12  60  ?   ?   ?   A . n 
A 1 13  ASP 13  61  ?   ?   ?   A . n 
A 1 14  ASP 14  62  ?   ?   ?   A . n 
A 1 15  THR 15  63  63  THR THR A . n 
A 1 16  SER 16  64  64  SER SER A . n 
A 1 17  TRP 17  65  65  TRP TRP A . n 
A 1 18  ARG 18  66  66  ARG ARG A . n 
A 1 19  SER 19  67  67  SER SER A . n 
A 1 20  GLU 20  68  68  GLU GLU A . n 
A 1 21  ALA 21  69  69  ALA ALA A . n 
A 1 22  THR 22  70  70  THR THR A . n 
A 1 23  PHE 23  71  71  PHE PHE A . n 
A 1 24  GLN 24  72  72  GLN GLN A . n 
A 1 25  PHE 25  73  73  PHE PHE A . n 
A 1 26  THR 26  74  74  THR THR A . n 
A 1 27  VAL 27  75  75  VAL VAL A . n 
A 1 28  GLU 28  76  76  GLU GLU A . n 
A 1 29  ARG 29  77  77  ARG ARG A . n 
A 1 30  PHE 30  78  78  PHE PHE A . n 
A 1 31  SER 31  79  79  SER SER A . n 
A 1 32  ARG 32  80  80  ARG ARG A . n 
A 1 33  LEU 33  81  81  LEU LEU A . n 
A 1 34  SER 34  82  82  SER SER A . n 
A 1 35  GLU 35  83  83  GLU GLU A . n 
A 1 36  SER 36  84  84  SER SER A . n 
A 1 37  VAL 37  85  85  VAL VAL A . n 
A 1 38  LEU 38  86  86  LEU LEU A . n 
A 1 39  SER 39  87  87  SER SER A . n 
A 1 40  PRO 40  88  88  PRO PRO A . n 
A 1 41  PRO 41  89  89  PRO PRO A . n 
A 1 42  CYS 42  90  90  CYS CYS A . n 
A 1 43  PHE 43  91  91  PHE PHE A . n 
A 1 44  VAL 44  92  92  VAL VAL A . n 
A 1 45  ARG 45  93  93  ARG ARG A . n 
A 1 46  ASN 46  94  94  ASN ASN A . n 
A 1 47  LEU 47  95  95  LEU LEU A . n 
A 1 48  PRO 48  96  96  PRO PRO A . n 
A 1 49  TRP 49  97  97  TRP TRP A . n 
A 1 50  LYS 50  98  98  LYS LYS A . n 
A 1 51  ILE 51  99  99  ILE ILE A . n 
A 1 52  MET 52  100 100 MET MET A . n 
A 1 53  VAL 53  101 101 VAL VAL A . n 
A 1 54  MET 54  102 102 MET MET A . n 
A 1 55  PRO 55  103 103 PRO PRO A . n 
A 1 56  ARG 56  104 104 ARG ARG A . n 
A 1 57  PHE 57  105 105 PHE PHE A . n 
A 1 58  TYR 58  106 106 TYR TYR A . n 
A 1 59  PRO 59  107 107 PRO PRO A . n 
A 1 60  ASP 60  108 108 ASP ASP A . n 
A 1 61  ARG 61  109 109 ARG ARG A . n 
A 1 62  PRO 62  110 110 PRO PRO A . n 
A 1 63  HIS 63  111 111 HIS HIS A . n 
A 1 64  GLN 64  112 112 GLN GLN A . n 
A 1 65  LYS 65  113 113 LYS LYS A . n 
A 1 66  SER 66  114 114 SER SER A . n 
A 1 67  VAL 67  115 115 VAL VAL A . n 
A 1 68  GLY 68  116 116 GLY GLY A . n 
A 1 69  PHE 69  117 117 PHE PHE A . n 
A 1 70  PHE 70  118 118 PHE PHE A . n 
A 1 71  LEU 71  119 119 LEU LEU A . n 
A 1 72  GLN 72  120 120 GLN GLN A . n 
A 1 73  CYS 73  121 121 CYS CYS A . n 
A 1 74  ASN 74  122 122 ASN ASN A . n 
A 1 75  ALA 75  123 123 ALA ALA A . n 
A 1 76  GLU 76  124 124 GLU GLU A . n 
A 1 77  SER 77  125 125 SER SER A . n 
A 1 78  ASP 78  126 126 ASP ASP A . n 
A 1 79  SER 79  127 127 SER SER A . n 
A 1 80  THR 80  128 128 THR THR A . n 
A 1 81  SER 81  129 129 SER SER A . n 
A 1 82  TRP 82  130 130 TRP TRP A . n 
A 1 83  SER 83  131 131 SER SER A . n 
A 1 84  CYS 84  132 132 CYS ALA A . n 
A 1 85  HIS 85  133 133 HIS HIS A . n 
A 1 86  ALA 86  134 134 ALA ALA A . n 
A 1 87  GLN 87  135 135 GLN GLN A . n 
A 1 88  ALA 88  136 136 ALA ALA A . n 
A 1 89  VAL 89  137 137 VAL VAL A . n 
A 1 90  LEU 90  138 138 LEU LEU A . n 
A 1 91  LYS 91  139 139 LYS LYS A . n 
A 1 92  ILE 92  140 140 ILE ILE A . n 
A 1 93  ILE 93  141 141 ILE ILE A . n 
A 1 94  ASN 94  142 142 ASN ASN A . n 
A 1 95  TYR 95  143 143 TYR TYR A . n 
A 1 96  ARG 96  144 144 ARG ARG A . n 
A 1 97  ASP 97  145 145 ASP ASP A . n 
A 1 98  ASP 98  146 146 ASP ASP A . n 
A 1 99  GLU 99  147 147 GLU GLU A . n 
A 1 100 LYS 100 148 148 LYS LYS A . n 
A 1 101 SER 101 149 149 SER SER A . n 
A 1 102 PHE 102 150 150 PHE PHE A . n 
A 1 103 SER 103 151 151 SER SER A . n 
A 1 104 ARG 104 152 152 ARG ARG A . n 
A 1 105 ARG 105 153 153 ARG ARG A . n 
A 1 106 ILE 106 154 154 ILE ILE A . n 
A 1 107 SER 107 155 155 SER SER A . n 
A 1 108 HIS 108 156 156 HIS HIS A . n 
A 1 109 LEU 109 157 157 LEU LEU A . n 
A 1 110 PHE 110 158 158 PHE PHE A . n 
A 1 111 PHE 111 159 159 PHE PHE A . n 
A 1 112 HIS 112 160 160 HIS HIS A . n 
A 1 113 LYS 113 161 161 LYS LYS A . n 
A 1 114 GLU 114 162 162 GLU GLU A . n 
A 1 115 ASN 115 163 163 ASN ASN A . n 
A 1 116 ASP 116 164 164 ASP ASP A . n 
A 1 117 TRP 117 165 165 TRP TRP A . n 
A 1 118 GLY 118 166 166 GLY GLY A . n 
A 1 119 PHE 119 167 167 PHE PHE A . n 
A 1 120 SER 120 168 168 SER SER A . n 
A 1 121 ASN 121 169 169 ASN ASN A . n 
A 1 122 PHE 122 170 170 PHE PHE A . n 
A 1 123 MET 123 171 171 MET MET A . n 
A 1 124 ALA 124 172 172 ALA ALA A . n 
A 1 125 TRP 125 173 173 TRP TRP A . n 
A 1 126 SER 126 174 174 SER SER A . n 
A 1 127 GLU 127 175 175 GLU GLU A . n 
A 1 128 VAL 128 176 176 VAL VAL A . n 
A 1 129 THR 129 177 177 THR THR A . n 
A 1 130 ASP 130 178 178 ASP ASP A . n 
A 1 131 PRO 131 179 179 PRO PRO A . n 
A 1 132 GLU 132 180 180 GLU GLU A . n 
A 1 133 LYS 133 181 181 LYS LYS A . n 
A 1 134 GLY 134 182 182 GLY GLY A . n 
A 1 135 PHE 135 183 183 PHE PHE A . n 
A 1 136 ILE 136 184 184 ILE ILE A . n 
A 1 137 ASP 137 185 185 ASP ASP A . n 
A 1 138 ASP 138 186 186 ASP ASP A . n 
A 1 139 ASP 139 187 187 ASP ASP A . n 
A 1 140 LYS 140 188 188 LYS LYS A . n 
A 1 141 VAL 141 189 189 VAL VAL A . n 
A 1 142 THR 142 190 190 THR THR A . n 
A 1 143 PHE 143 191 191 PHE PHE A . n 
A 1 144 GLU 144 192 192 GLU GLU A . n 
A 1 145 VAL 145 193 193 VAL VAL A . n 
A 1 146 PHE 146 194 194 PHE PHE A . n 
A 1 147 VAL 147 195 195 VAL VAL A . n 
A 1 148 GLN 148 196 196 GLN GLN A . n 
A 1 149 ALA 149 197 197 ALA ALA A . n 
A 1 150 ASP 150 198 198 ASP ASP A . n 
A 1 151 ALA 151 199 199 ALA ALA A . n 
A 1 152 PRO 152 200 200 PRO PRO A . n 
A 1 153 HIS 153 201 201 HIS HIS A . n 
A 1 154 GLY 154 202 202 GLY GLY A . n 
A 1 155 VAL 155 203 203 VAL VAL A . n 
A 1 156 ALA 156 204 204 ALA ALA A . n 
A 1 157 TRP 157 205 205 TRP TRP A . n 
A 1 158 ASP 158 206 206 ASP ASP A . n 
# 
loop_
_pdbx_nonpoly_scheme.asym_id 
_pdbx_nonpoly_scheme.entity_id 
_pdbx_nonpoly_scheme.mon_id 
_pdbx_nonpoly_scheme.ndb_seq_num 
_pdbx_nonpoly_scheme.pdb_seq_num 
_pdbx_nonpoly_scheme.auth_seq_num 
_pdbx_nonpoly_scheme.pdb_mon_id 
_pdbx_nonpoly_scheme.auth_mon_id 
_pdbx_nonpoly_scheme.pdb_strand_id 
_pdbx_nonpoly_scheme.pdb_ins_code 
B 2 CA  1   301 1   CA  CA  A . 
C 2 CA  1   302 2   CA  CA  A . 
D 3 HOH 1   303 1   HOH TIP A . 
D 3 HOH 2   304 2   HOH TIP A . 
D 3 HOH 3   305 3   HOH TIP A . 
D 3 HOH 4   306 4   HOH TIP A . 
D 3 HOH 5   307 5   HOH TIP A . 
D 3 HOH 6   308 6   HOH TIP A . 
D 3 HOH 7   309 7   HOH TIP A . 
D 3 HOH 8   310 8   HOH TIP A . 
D 3 HOH 9   311 9   HOH TIP A . 
D 3 HOH 10  312 10  HOH TIP A . 
D 3 HOH 11  313 11  HOH TIP A . 
D 3 HOH 12  314 12  HOH TIP A . 
D 3 HOH 13  315 13  HOH TIP A . 
D 3 HOH 14  316 14  HOH TIP A . 
D 3 HOH 15  317 15  HOH TIP A . 
D 3 HOH 16  318 16  HOH TIP A . 
D 3 HOH 17  319 17  HOH TIP A . 
D 3 HOH 18  320 18  HOH TIP A . 
D 3 HOH 19  321 19  HOH TIP A . 
D 3 HOH 20  322 20  HOH TIP A . 
D 3 HOH 21  323 21  HOH TIP A . 
D 3 HOH 22  324 22  HOH TIP A . 
D 3 HOH 23  325 23  HOH TIP A . 
D 3 HOH 24  326 24  HOH TIP A . 
D 3 HOH 25  327 25  HOH TIP A . 
D 3 HOH 26  328 26  HOH TIP A . 
D 3 HOH 27  329 27  HOH TIP A . 
D 3 HOH 28  330 28  HOH TIP A . 
D 3 HOH 29  331 29  HOH TIP A . 
D 3 HOH 30  332 30  HOH TIP A . 
D 3 HOH 31  333 31  HOH TIP A . 
D 3 HOH 32  334 32  HOH TIP A . 
D 3 HOH 33  335 33  HOH TIP A . 
D 3 HOH 34  336 34  HOH TIP A . 
D 3 HOH 35  337 35  HOH TIP A . 
D 3 HOH 36  338 36  HOH TIP A . 
D 3 HOH 37  339 37  HOH TIP A . 
D 3 HOH 38  340 38  HOH TIP A . 
D 3 HOH 39  341 39  HOH TIP A . 
D 3 HOH 40  342 40  HOH TIP A . 
D 3 HOH 41  343 41  HOH TIP A . 
D 3 HOH 42  344 42  HOH TIP A . 
D 3 HOH 43  345 44  HOH TIP A . 
D 3 HOH 44  346 45  HOH TIP A . 
D 3 HOH 45  347 46  HOH TIP A . 
D 3 HOH 46  348 47  HOH TIP A . 
D 3 HOH 47  349 48  HOH TIP A . 
D 3 HOH 48  350 49  HOH TIP A . 
D 3 HOH 49  351 50  HOH TIP A . 
D 3 HOH 50  352 51  HOH TIP A . 
D 3 HOH 51  353 52  HOH TIP A . 
D 3 HOH 52  354 53  HOH TIP A . 
D 3 HOH 53  355 54  HOH TIP A . 
D 3 HOH 54  356 55  HOH TIP A . 
D 3 HOH 55  357 56  HOH TIP A . 
D 3 HOH 56  358 57  HOH TIP A . 
D 3 HOH 57  359 58  HOH TIP A . 
D 3 HOH 58  360 59  HOH TIP A . 
D 3 HOH 59  361 60  HOH TIP A . 
D 3 HOH 60  362 61  HOH TIP A . 
D 3 HOH 61  363 62  HOH TIP A . 
D 3 HOH 62  364 63  HOH TIP A . 
D 3 HOH 63  365 64  HOH TIP A . 
D 3 HOH 64  366 65  HOH TIP A . 
D 3 HOH 65  367 66  HOH TIP A . 
D 3 HOH 66  368 67  HOH TIP A . 
D 3 HOH 67  369 69  HOH TIP A . 
D 3 HOH 68  370 70  HOH TIP A . 
D 3 HOH 69  371 71  HOH TIP A . 
D 3 HOH 70  372 72  HOH TIP A . 
D 3 HOH 71  373 73  HOH TIP A . 
D 3 HOH 72  374 74  HOH TIP A . 
D 3 HOH 73  375 75  HOH TIP A . 
D 3 HOH 74  376 76  HOH TIP A . 
D 3 HOH 75  377 77  HOH TIP A . 
D 3 HOH 76  378 80  HOH TIP A . 
D 3 HOH 77  379 81  HOH TIP A . 
D 3 HOH 78  380 82  HOH TIP A . 
D 3 HOH 79  381 83  HOH TIP A . 
D 3 HOH 80  382 85  HOH TIP A . 
D 3 HOH 81  383 86  HOH TIP A . 
D 3 HOH 82  384 89  HOH TIP A . 
D 3 HOH 83  385 90  HOH TIP A . 
D 3 HOH 84  386 91  HOH TIP A . 
D 3 HOH 85  387 92  HOH TIP A . 
D 3 HOH 86  388 93  HOH TIP A . 
D 3 HOH 87  389 95  HOH TIP A . 
D 3 HOH 88  390 97  HOH TIP A . 
D 3 HOH 89  391 98  HOH TIP A . 
D 3 HOH 90  392 99  HOH TIP A . 
D 3 HOH 91  393 100 HOH TIP A . 
D 3 HOH 92  394 101 HOH TIP A . 
D 3 HOH 93  395 102 HOH TIP A . 
D 3 HOH 94  396 103 HOH TIP A . 
D 3 HOH 95  397 104 HOH TIP A . 
D 3 HOH 96  398 105 HOH TIP A . 
D 3 HOH 97  399 106 HOH TIP A . 
D 3 HOH 98  400 107 HOH TIP A . 
D 3 HOH 99  401 108 HOH TIP A . 
D 3 HOH 100 402 109 HOH TIP A . 
D 3 HOH 101 403 111 HOH TIP A . 
D 3 HOH 102 404 112 HOH TIP A . 
D 3 HOH 103 405 113 HOH TIP A . 
D 3 HOH 104 406 114 HOH TIP A . 
D 3 HOH 105 407 116 HOH TIP A . 
D 3 HOH 106 408 122 HOH TIP A . 
D 3 HOH 107 409 127 HOH TIP A . 
D 3 HOH 108 410 128 HOH TIP A . 
D 3 HOH 109 411 132 HOH TIP A . 
D 3 HOH 110 412 134 HOH TIP A . 
D 3 HOH 111 413 135 HOH TIP A . 
D 3 HOH 112 414 137 HOH TIP A . 
D 3 HOH 113 415 138 HOH TIP A . 
D 3 HOH 114 416 141 HOH TIP A . 
D 3 HOH 115 417 142 HOH TIP A . 
D 3 HOH 116 418 144 HOH TIP A . 
D 3 HOH 117 419 145 HOH TIP A . 
D 3 HOH 118 420 147 HOH TIP A . 
D 3 HOH 119 421 148 HOH TIP A . 
D 3 HOH 120 422 149 HOH TIP A . 
D 3 HOH 121 423 151 HOH TIP A . 
D 3 HOH 122 424 152 HOH TIP A . 
D 3 HOH 123 425 155 HOH TIP A . 
D 3 HOH 124 426 156 HOH TIP A . 
D 3 HOH 125 427 158 HOH TIP A . 
D 3 HOH 126 428 159 HOH TIP A . 
D 3 HOH 127 429 160 HOH TIP A . 
D 3 HOH 128 430 162 HOH TIP A . 
D 3 HOH 129 431 163 HOH TIP A . 
D 3 HOH 130 432 164 HOH TIP A . 
D 3 HOH 131 433 166 HOH TIP A . 
D 3 HOH 132 434 167 HOH TIP A . 
D 3 HOH 133 435 168 HOH TIP A . 
D 3 HOH 134 436 169 HOH TIP A . 
D 3 HOH 135 437 171 HOH TIP A . 
D 3 HOH 136 438 173 HOH TIP A . 
D 3 HOH 137 439 174 HOH TIP A . 
# 
_pdbx_unobs_or_zero_occ_atoms.id               1 
_pdbx_unobs_or_zero_occ_atoms.PDB_model_num    1 
_pdbx_unobs_or_zero_occ_atoms.polymer_flag     Y 
_pdbx_unobs_or_zero_occ_atoms.occupancy_flag   1 
_pdbx_unobs_or_zero_occ_atoms.auth_asym_id     A 
_pdbx_unobs_or_zero_occ_atoms.auth_comp_id     CYS 
_pdbx_unobs_or_zero_occ_atoms.auth_seq_id      132 
_pdbx_unobs_or_zero_occ_atoms.PDB_ins_code     ? 
_pdbx_unobs_or_zero_occ_atoms.auth_atom_id     SG 
_pdbx_unobs_or_zero_occ_atoms.label_alt_id     ? 
_pdbx_unobs_or_zero_occ_atoms.label_asym_id    A 
_pdbx_unobs_or_zero_occ_atoms.label_comp_id    CYS 
_pdbx_unobs_or_zero_occ_atoms.label_seq_id     84 
_pdbx_unobs_or_zero_occ_atoms.label_atom_id    SG 
# 
loop_
_software.name 
_software.classification 
_software.version 
_software.citation_id 
_software.pdbx_ordinal 
DENZO     'data reduction' . ? 1 
SCALEPACK 'data scaling'   . ? 2 
SOLVE     phasing          . ? 3 
CNS       refinement       . ? 4 
# 
_cell.entry_id           2F1W 
_cell.length_a           45.172 
_cell.length_b           52.242 
_cell.length_c           63.651 
_cell.angle_alpha        90.00 
_cell.angle_beta         90.00 
_cell.angle_gamma        90.00 
_cell.Z_PDB              4 
_cell.pdbx_unique_axis   ? 
# 
_symmetry.entry_id                         2F1W 
_symmetry.space_group_name_H-M             'P 21 21 21' 
_symmetry.pdbx_full_space_group_name_H-M   ? 
_symmetry.cell_setting                     ? 
_symmetry.Int_Tables_number                19 
_symmetry.space_group_name_Hall            ? 
# 
_exptl.entry_id          2F1W 
_exptl.method            'X-RAY DIFFRACTION' 
_exptl.crystals_number   1 
# 
_exptl_crystal.id                    1 
_exptl_crystal.density_meas          ? 
_exptl_crystal.density_Matthews      2.03 
_exptl_crystal.density_percent_sol   39.40 
_exptl_crystal.description           ? 
_exptl_crystal.F_000                 ? 
_exptl_crystal.preparation           ? 
# 
_exptl_crystal_grow.crystal_id      1 
_exptl_crystal_grow.method          'VAPOR DIFFUSION, HANGING DROP' 
_exptl_crystal_grow.temp            285 
_exptl_crystal_grow.temp_details    ? 
_exptl_crystal_grow.pH              8.0 
_exptl_crystal_grow.pdbx_details    
'240 mM CaCl2, 6.5% PEG4000, 20 mM ammonium sulfate, pH 8.0, VAPOR DIFFUSION, HANGING DROP, temperature 285K' 
_exptl_crystal_grow.pdbx_pH_range   . 
# 
_diffrn.id                     1 
_diffrn.ambient_temp           100 
_diffrn.ambient_temp_details   ? 
_diffrn.crystal_id             1 
# 
_diffrn_detector.diffrn_id              1 
_diffrn_detector.detector               CCD 
_diffrn_detector.type                   'ADSC QUANTUM 4' 
_diffrn_detector.pdbx_collection_date   2004-07-01 
_diffrn_detector.details                ? 
# 
_diffrn_radiation.diffrn_id                        1 
_diffrn_radiation.wavelength_id                    1 
_diffrn_radiation.pdbx_monochromatic_or_laue_m_l   M 
_diffrn_radiation.monochromator                    ? 
_diffrn_radiation.pdbx_diffrn_protocol             MAD 
_diffrn_radiation.pdbx_scattering_type             x-ray 
# 
loop_
_diffrn_radiation_wavelength.id 
_diffrn_radiation_wavelength.wavelength 
_diffrn_radiation_wavelength.wt 
1 1.1    1.0 
2 0.9794 1.0 
3 0.9797 1.0 
4 0.9500 1.0 
# 
_diffrn_source.diffrn_id                   1 
_diffrn_source.source                      SYNCHROTRON 
_diffrn_source.type                        'NSLS BEAMLINE X25' 
_diffrn_source.pdbx_synchrotron_site       NSLS 
_diffrn_source.pdbx_synchrotron_beamline   X25 
_diffrn_source.pdbx_wavelength             ? 
_diffrn_source.pdbx_wavelength_list        '1.1, 0.9794, 0.9797, 0.9500' 
# 
_reflns.entry_id                     2F1W 
_reflns.observed_criterion_sigma_I   0 
_reflns.observed_criterion_sigma_F   0 
_reflns.d_resolution_low             99 
_reflns.d_resolution_high            1.6 
_reflns.number_obs                   20180 
_reflns.number_all                   21198 
_reflns.percent_possible_obs         0.952 
_reflns.pdbx_Rmerge_I_obs            ? 
_reflns.pdbx_Rsym_value              ? 
_reflns.pdbx_netI_over_sigmaI        ? 
_reflns.B_iso_Wilson_estimate        ? 
_reflns.pdbx_redundancy              ? 
_reflns.R_free_details               ? 
_reflns.limit_h_max                  ? 
_reflns.limit_h_min                  ? 
_reflns.limit_k_max                  ? 
_reflns.limit_k_min                  ? 
_reflns.limit_l_max                  ? 
_reflns.limit_l_min                  ? 
_reflns.observed_criterion_F_max     ? 
_reflns.observed_criterion_F_min     ? 
_reflns.pdbx_chi_squared             ? 
_reflns.pdbx_scaling_rejects         ? 
_reflns.pdbx_diffrn_id               1 
_reflns.pdbx_ordinal                 1 
# 
_reflns_shell.d_res_high             1.6 
_reflns_shell.d_res_low              1.68 
_reflns_shell.percent_possible_all   60 
_reflns_shell.Rmerge_I_obs           ? 
_reflns_shell.pdbx_Rsym_value        ? 
_reflns_shell.meanI_over_sigI_obs    ? 
_reflns_shell.pdbx_redundancy        ? 
_reflns_shell.percent_possible_obs   ? 
_reflns_shell.number_unique_all      ? 
_reflns_shell.number_measured_all    ? 
_reflns_shell.number_measured_obs    ? 
_reflns_shell.number_unique_obs      ? 
_reflns_shell.pdbx_chi_squared       ? 
_reflns_shell.pdbx_diffrn_id         ? 
_reflns_shell.pdbx_ordinal           1 
# 
_refine.entry_id                                 2F1W 
_refine.ls_number_reflns_obs                     18198 
_refine.ls_number_reflns_all                     18684 
_refine.pdbx_ls_sigma_I                          ? 
_refine.pdbx_ls_sigma_F                          0 
_refine.pdbx_data_cutoff_high_absF               ? 
_refine.pdbx_data_cutoff_low_absF                ? 
_refine.pdbx_data_cutoff_high_rms_absF           ? 
_refine.ls_d_res_low                             20 
_refine.ls_d_res_high                            1.65 
_refine.ls_percent_reflns_obs                    ? 
_refine.ls_R_factor_obs                          0.195 
_refine.ls_R_factor_all                          0.199 
_refine.ls_R_factor_R_work                       0.194 
_refine.ls_R_factor_R_free                       0.212 
_refine.ls_R_factor_R_free_error                 ? 
_refine.ls_R_factor_R_free_error_details         ? 
_refine.ls_percent_reflns_R_free                 ? 
_refine.ls_number_reflns_R_free                  887 
_refine.ls_number_parameters                     ? 
_refine.ls_number_restraints                     ? 
_refine.occupancy_min                            ? 
_refine.occupancy_max                            ? 
_refine.correlation_coeff_Fo_to_Fc               ? 
_refine.correlation_coeff_Fo_to_Fc_free          ? 
_refine.B_iso_mean                               ? 
_refine.aniso_B[1][1]                            ? 
_refine.aniso_B[2][2]                            ? 
_refine.aniso_B[3][3]                            ? 
_refine.aniso_B[1][2]                            ? 
_refine.aniso_B[1][3]                            ? 
_refine.aniso_B[2][3]                            ? 
_refine.solvent_model_details                    ? 
_refine.solvent_model_param_ksol                 ? 
_refine.solvent_model_param_bsol                 ? 
_refine.pdbx_solvent_vdw_probe_radii             ? 
_refine.pdbx_solvent_ion_probe_radii             ? 
_refine.pdbx_solvent_shrinkage_radii             ? 
_refine.pdbx_ls_cross_valid_method               ? 
_refine.details                                  ? 
_refine.pdbx_starting_model                      ? 
_refine.pdbx_method_to_determine_struct          MAD 
_refine.pdbx_isotropic_thermal_model             ? 
_refine.pdbx_stereochemistry_target_values       'Engh & Huber' 
_refine.pdbx_stereochem_target_val_spec_case     ? 
_refine.pdbx_R_Free_selection_details            random 
_refine.pdbx_overall_ESU_R                       ? 
_refine.pdbx_overall_ESU_R_Free                  ? 
_refine.overall_SU_ML                            ? 
_refine.overall_SU_B                             ? 
_refine.ls_redundancy_reflns_obs                 ? 
_refine.B_iso_min                                ? 
_refine.B_iso_max                                ? 
_refine.overall_SU_R_Cruickshank_DPI             ? 
_refine.overall_SU_R_free                        ? 
_refine.ls_wR_factor_R_free                      ? 
_refine.ls_wR_factor_R_work                      ? 
_refine.overall_FOM_free_R_set                   ? 
_refine.overall_FOM_work_R_set                   ? 
_refine.pdbx_refine_id                           'X-RAY DIFFRACTION' 
_refine.pdbx_diffrn_id                           1 
_refine.pdbx_TLS_residual_ADP_flag               ? 
_refine.pdbx_overall_phase_error                 ? 
_refine.pdbx_overall_SU_R_free_Cruickshank_DPI   ? 
_refine.pdbx_overall_SU_R_Blow_DPI               ? 
_refine.pdbx_overall_SU_R_free_Blow_DPI          ? 
# 
_refine_hist.pdbx_refine_id                   'X-RAY DIFFRACTION' 
_refine_hist.cycle_id                         LAST 
_refine_hist.pdbx_number_atoms_protein        1196 
_refine_hist.pdbx_number_atoms_nucleic_acid   0 
_refine_hist.pdbx_number_atoms_ligand         2 
_refine_hist.number_atoms_solvent             137 
_refine_hist.number_atoms_total               1335 
_refine_hist.d_res_high                       1.65 
_refine_hist.d_res_low                        20 
# 
loop_
_refine_ls_restr.type 
_refine_ls_restr.dev_ideal 
_refine_ls_restr.dev_ideal_target 
_refine_ls_restr.weight 
_refine_ls_restr.number 
_refine_ls_restr.pdbx_refine_id 
_refine_ls_restr.pdbx_restraint_function 
c_angle_deg 1.56  ? ? ? 'X-RAY DIFFRACTION' ? 
c_bond_d    0.009 ? ? ? 'X-RAY DIFFRACTION' ? 
# 
_struct.entry_id                  2F1W 
_struct.title                     'Crystal structure of the TRAF-like domain of HAUSP/USP7' 
_struct.pdbx_model_details        ? 
_struct.pdbx_CASP_flag            ? 
_struct.pdbx_model_type_details   ? 
# 
_struct_keywords.entry_id        2F1W 
_struct_keywords.pdbx_keywords   HYDROLASE 
_struct_keywords.text            
'UBP, TRAF-like domain, substrate binding, HAUSP, USP7, p53 recognition, MDM2 recognition, Hydrolase' 
# 
loop_
_struct_asym.id 
_struct_asym.pdbx_blank_PDB_chainid_flag 
_struct_asym.pdbx_modified 
_struct_asym.entity_id 
_struct_asym.details 
A N N 1 ? 
B N N 2 ? 
C N N 2 ? 
D N N 3 ? 
# 
_struct_ref.id                         1 
_struct_ref.db_name                    UNP 
_struct_ref.db_code                    UBP7_HUMAN 
_struct_ref.pdbx_db_accession          Q93009 
_struct_ref.entity_id                  1 
_struct_ref.pdbx_seq_one_letter_code   
;NTAEEDMEDDTSWRSEATFQFTVERFSRLSESVLSPPCFVRNLPWKIMVMPRFYPDRPHQKSVGFFLQCNAESDSTSWSC
HAQAVLKIINYRDDEKSFSRRISHLFFHKENDWGFSNFMAWSEVTDPEKGFIDDDKVTFEVFVQADAPHGVAWD
;
_struct_ref.pdbx_align_begin           53 
_struct_ref.pdbx_db_isoform            ? 
# 
_struct_ref_seq.align_id                      1 
_struct_ref_seq.ref_id                        1 
_struct_ref_seq.pdbx_PDB_id_code              2F1W 
_struct_ref_seq.pdbx_strand_id                A 
_struct_ref_seq.seq_align_beg                 5 
_struct_ref_seq.pdbx_seq_align_beg_ins_code   ? 
_struct_ref_seq.seq_align_end                 158 
_struct_ref_seq.pdbx_seq_align_end_ins_code   ? 
_struct_ref_seq.pdbx_db_accession             Q93009 
_struct_ref_seq.db_align_beg                  53 
_struct_ref_seq.pdbx_db_align_beg_ins_code    ? 
_struct_ref_seq.db_align_end                  206 
_struct_ref_seq.pdbx_db_align_end_ins_code    ? 
_struct_ref_seq.pdbx_auth_seq_align_beg       53 
_struct_ref_seq.pdbx_auth_seq_align_end       206 
# 
loop_
_struct_ref_seq_dif.align_id 
_struct_ref_seq_dif.pdbx_pdb_id_code 
_struct_ref_seq_dif.mon_id 
_struct_ref_seq_dif.pdbx_pdb_strand_id 
_struct_ref_seq_dif.seq_num 
_struct_ref_seq_dif.pdbx_pdb_ins_code 
_struct_ref_seq_dif.pdbx_seq_db_name 
_struct_ref_seq_dif.pdbx_seq_db_accession_code 
_struct_ref_seq_dif.db_mon_id 
_struct_ref_seq_dif.pdbx_seq_db_seq_num 
_struct_ref_seq_dif.details 
_struct_ref_seq_dif.pdbx_auth_seq_num 
_struct_ref_seq_dif.pdbx_ordinal 
1 2F1W GLY A 1 ? UNP Q93009 ? ? 'cloning artifact' 49 1 
1 2F1W SER A 2 ? UNP Q93009 ? ? 'cloning artifact' 50 2 
1 2F1W HIS A 3 ? UNP Q93009 ? ? 'cloning artifact' 51 3 
1 2F1W MET A 4 ? UNP Q93009 ? ? 'cloning artifact' 52 4 
# 
_pdbx_struct_assembly.id                   1 
_pdbx_struct_assembly.details              author_defined_assembly 
_pdbx_struct_assembly.method_details       ? 
_pdbx_struct_assembly.oligomeric_details   monomeric 
_pdbx_struct_assembly.oligomeric_count     1 
# 
_pdbx_struct_assembly_gen.assembly_id       1 
_pdbx_struct_assembly_gen.oper_expression   1 
_pdbx_struct_assembly_gen.asym_id_list      A,B,C,D 
# 
_pdbx_struct_oper_list.id                   1 
_pdbx_struct_oper_list.type                 'identity operation' 
_pdbx_struct_oper_list.name                 1_555 
_pdbx_struct_oper_list.symmetry_operation   x,y,z 
_pdbx_struct_oper_list.matrix[1][1]         1.0000000000 
_pdbx_struct_oper_list.matrix[1][2]         0.0000000000 
_pdbx_struct_oper_list.matrix[1][3]         0.0000000000 
_pdbx_struct_oper_list.vector[1]            0.0000000000 
_pdbx_struct_oper_list.matrix[2][1]         0.0000000000 
_pdbx_struct_oper_list.matrix[2][2]         1.0000000000 
_pdbx_struct_oper_list.matrix[2][3]         0.0000000000 
_pdbx_struct_oper_list.vector[2]            0.0000000000 
_pdbx_struct_oper_list.matrix[3][1]         0.0000000000 
_pdbx_struct_oper_list.matrix[3][2]         0.0000000000 
_pdbx_struct_oper_list.matrix[3][3]         1.0000000000 
_pdbx_struct_oper_list.vector[3]            0.0000000000 
# 
loop_
_struct_conf.conf_type_id 
_struct_conf.id 
_struct_conf.pdbx_PDB_helix_id 
_struct_conf.beg_label_comp_id 
_struct_conf.beg_label_asym_id 
_struct_conf.beg_label_seq_id 
_struct_conf.pdbx_beg_PDB_ins_code 
_struct_conf.end_label_comp_id 
_struct_conf.end_label_asym_id 
_struct_conf.end_label_seq_id 
_struct_conf.pdbx_end_PDB_ins_code 
_struct_conf.beg_auth_comp_id 
_struct_conf.beg_auth_asym_id 
_struct_conf.beg_auth_seq_id 
_struct_conf.end_auth_comp_id 
_struct_conf.end_auth_asym_id 
_struct_conf.end_auth_seq_id 
_struct_conf.pdbx_PDB_helix_class 
_struct_conf.details 
_struct_conf.pdbx_PDB_helix_length 
HELX_P HELX_P1 1 ARG A 29  ? LEU A 33  ? ARG A 77  LEU A 81  5 ? 5 
HELX_P HELX_P2 2 ASP A 97  ? SER A 101 ? ASP A 145 SER A 149 5 ? 5 
HELX_P HELX_P3 3 TRP A 125 ? THR A 129 ? TRP A 173 THR A 177 1 ? 5 
# 
_struct_conf_type.id          HELX_P 
_struct_conf_type.criteria    ? 
_struct_conf_type.reference   ? 
# 
loop_
_struct_conn.id 
_struct_conn.conn_type_id 
_struct_conn.pdbx_leaving_atom_flag 
_struct_conn.pdbx_PDB_id 
_struct_conn.ptnr1_label_asym_id 
_struct_conn.ptnr1_label_comp_id 
_struct_conn.ptnr1_label_seq_id 
_struct_conn.ptnr1_label_atom_id 
_struct_conn.pdbx_ptnr1_label_alt_id 
_struct_conn.pdbx_ptnr1_PDB_ins_code 
_struct_conn.pdbx_ptnr1_standard_comp_id 
_struct_conn.ptnr1_symmetry 
_struct_conn.ptnr2_label_asym_id 
_struct_conn.ptnr2_label_comp_id 
_struct_conn.ptnr2_label_seq_id 
_struct_conn.ptnr2_label_atom_id 
_struct_conn.pdbx_ptnr2_label_alt_id 
_struct_conn.pdbx_ptnr2_PDB_ins_code 
_struct_conn.ptnr1_auth_asym_id 
_struct_conn.ptnr1_auth_comp_id 
_struct_conn.ptnr1_auth_seq_id 
_struct_conn.ptnr2_auth_asym_id 
_struct_conn.ptnr2_auth_comp_id 
_struct_conn.ptnr2_auth_seq_id 
_struct_conn.ptnr2_symmetry 
_struct_conn.pdbx_ptnr3_label_atom_id 
_struct_conn.pdbx_ptnr3_label_seq_id 
_struct_conn.pdbx_ptnr3_label_comp_id 
_struct_conn.pdbx_ptnr3_label_asym_id 
_struct_conn.pdbx_ptnr3_label_alt_id 
_struct_conn.pdbx_ptnr3_PDB_ins_code 
_struct_conn.details 
_struct_conn.pdbx_dist_value 
_struct_conn.pdbx_value_order 
_struct_conn.pdbx_role 
metalc1  metalc ? ? A GLU 35  OE2 ? ? ? 1_555 B CA  . CA ? ? A GLU 83  A CA  301 1_555 ? ? ? ? ? ? ? 2.928 ? ? 
metalc2  metalc ? ? A SER 36  O   ? ? ? 1_555 B CA  . CA ? ? A SER 84  A CA  301 1_555 ? ? ? ? ? ? ? 2.455 ? ? 
metalc3  metalc ? ? A ASP 98  OD1 ? ? ? 3_546 B CA  . CA ? ? A ASP 146 A CA  301 1_555 ? ? ? ? ? ? ? 2.565 ? ? 
metalc4  metalc ? ? A ASP 116 OD2 ? ? ? 4_557 C CA  . CA ? ? A ASP 164 A CA  302 1_555 ? ? ? ? ? ? ? 2.486 ? ? 
metalc5  metalc ? ? A GLY 154 O   ? ? ? 1_555 C CA  . CA ? ? A GLY 202 A CA  302 1_555 ? ? ? ? ? ? ? 2.444 ? ? 
metalc6  metalc ? ? A ASP 158 OXT ? ? ? 4_457 B CA  . CA ? ? A ASP 206 A CA  301 1_555 ? ? ? ? ? ? ? 2.492 ? ? 
metalc7  metalc ? ? B CA  .   CA  ? ? ? 1_555 D HOH . O  ? ? A CA  301 A HOH 332 3_546 ? ? ? ? ? ? ? 2.888 ? ? 
metalc8  metalc ? ? B CA  .   CA  ? ? ? 1_555 D HOH . O  ? ? A CA  301 A HOH 416 1_555 ? ? ? ? ? ? ? 2.897 ? ? 
metalc9  metalc ? ? B CA  .   CA  ? ? ? 1_555 D HOH . O  ? ? A CA  301 A HOH 417 1_555 ? ? ? ? ? ? ? 2.889 ? ? 
metalc10 metalc ? ? C CA  .   CA  ? ? ? 1_555 D HOH . O  ? ? A CA  302 A HOH 312 4_557 ? ? ? ? ? ? ? 2.790 ? ? 
metalc11 metalc ? ? C CA  .   CA  ? ? ? 1_555 D HOH . O  ? ? A CA  302 A HOH 323 4_557 ? ? ? ? ? ? ? 2.703 ? ? 
metalc12 metalc ? ? C CA  .   CA  ? ? ? 1_555 D HOH . O  ? ? A CA  302 A HOH 325 4_557 ? ? ? ? ? ? ? 2.806 ? ? 
metalc13 metalc ? ? C CA  .   CA  ? ? ? 1_555 D HOH . O  ? ? A CA  302 A HOH 356 2_565 ? ? ? ? ? ? ? 2.680 ? ? 
metalc14 metalc ? ? C CA  .   CA  ? ? ? 1_555 D HOH . O  ? ? A CA  302 A HOH 386 1_555 ? ? ? ? ? ? ? 2.936 ? ? 
metalc15 metalc ? ? C CA  .   CA  ? ? ? 1_555 D HOH . O  ? ? A CA  302 A HOH 422 2_565 ? ? ? ? ? ? ? 2.628 ? ? 
# 
_struct_conn_type.id          metalc 
_struct_conn_type.criteria    ? 
_struct_conn_type.reference   ? 
# 
loop_
_pdbx_struct_conn_angle.id 
_pdbx_struct_conn_angle.ptnr1_label_atom_id 
_pdbx_struct_conn_angle.ptnr1_label_alt_id 
_pdbx_struct_conn_angle.ptnr1_label_asym_id 
_pdbx_struct_conn_angle.ptnr1_label_comp_id 
_pdbx_struct_conn_angle.ptnr1_label_seq_id 
_pdbx_struct_conn_angle.ptnr1_auth_atom_id 
_pdbx_struct_conn_angle.ptnr1_auth_asym_id 
_pdbx_struct_conn_angle.ptnr1_auth_comp_id 
_pdbx_struct_conn_angle.ptnr1_auth_seq_id 
_pdbx_struct_conn_angle.ptnr1_PDB_ins_code 
_pdbx_struct_conn_angle.ptnr1_symmetry 
_pdbx_struct_conn_angle.ptnr2_label_atom_id 
_pdbx_struct_conn_angle.ptnr2_label_alt_id 
_pdbx_struct_conn_angle.ptnr2_label_asym_id 
_pdbx_struct_conn_angle.ptnr2_label_comp_id 
_pdbx_struct_conn_angle.ptnr2_label_seq_id 
_pdbx_struct_conn_angle.ptnr2_auth_atom_id 
_pdbx_struct_conn_angle.ptnr2_auth_asym_id 
_pdbx_struct_conn_angle.ptnr2_auth_comp_id 
_pdbx_struct_conn_angle.ptnr2_auth_seq_id 
_pdbx_struct_conn_angle.ptnr2_PDB_ins_code 
_pdbx_struct_conn_angle.ptnr2_symmetry 
_pdbx_struct_conn_angle.ptnr3_label_atom_id 
_pdbx_struct_conn_angle.ptnr3_label_alt_id 
_pdbx_struct_conn_angle.ptnr3_label_asym_id 
_pdbx_struct_conn_angle.ptnr3_label_comp_id 
_pdbx_struct_conn_angle.ptnr3_label_seq_id 
_pdbx_struct_conn_angle.ptnr3_auth_atom_id 
_pdbx_struct_conn_angle.ptnr3_auth_asym_id 
_pdbx_struct_conn_angle.ptnr3_auth_comp_id 
_pdbx_struct_conn_angle.ptnr3_auth_seq_id 
_pdbx_struct_conn_angle.ptnr3_PDB_ins_code 
_pdbx_struct_conn_angle.ptnr3_symmetry 
_pdbx_struct_conn_angle.value 
_pdbx_struct_conn_angle.value_esd 
1  OE2 ? A GLU 35  ? A GLU 83  ? 1_555 CA ? B CA . ? A CA 301 ? 1_555 O   ? A SER 36  ? A SER 84  ? 1_555 91.9  ? 
2  OE2 ? A GLU 35  ? A GLU 83  ? 1_555 CA ? B CA . ? A CA 301 ? 1_555 OD1 ? A ASP 98  ? A ASP 146 ? 3_546 86.8  ? 
3  O   ? A SER 36  ? A SER 84  ? 1_555 CA ? B CA . ? A CA 301 ? 1_555 OD1 ? A ASP 98  ? A ASP 146 ? 3_546 178.6 ? 
4  OE2 ? A GLU 35  ? A GLU 83  ? 1_555 CA ? B CA . ? A CA 301 ? 1_555 OXT ? A ASP 158 ? A ASP 206 ? 4_457 148.5 ? 
5  O   ? A SER 36  ? A SER 84  ? 1_555 CA ? B CA . ? A CA 301 ? 1_555 OXT ? A ASP 158 ? A ASP 206 ? 4_457 90.1  ? 
6  OD1 ? A ASP 98  ? A ASP 146 ? 3_546 CA ? B CA . ? A CA 301 ? 1_555 OXT ? A ASP 158 ? A ASP 206 ? 4_457 91.1  ? 
7  OE2 ? A GLU 35  ? A GLU 83  ? 1_555 CA ? B CA . ? A CA 301 ? 1_555 O   ? D HOH .   ? A HOH 332 ? 3_546 146.8 ? 
8  O   ? A SER 36  ? A SER 84  ? 1_555 CA ? B CA . ? A CA 301 ? 1_555 O   ? D HOH .   ? A HOH 332 ? 3_546 86.5  ? 
9  OD1 ? A ASP 98  ? A ASP 146 ? 3_546 CA ? B CA . ? A CA 301 ? 1_555 O   ? D HOH .   ? A HOH 332 ? 3_546 94.5  ? 
10 OXT ? A ASP 158 ? A ASP 206 ? 4_457 CA ? B CA . ? A CA 301 ? 1_555 O   ? D HOH .   ? A HOH 332 ? 3_546 64.7  ? 
11 OE2 ? A GLU 35  ? A GLU 83  ? 1_555 CA ? B CA . ? A CA 301 ? 1_555 O   ? D HOH .   ? A HOH 416 ? 1_555 76.0  ? 
12 O   ? A SER 36  ? A SER 84  ? 1_555 CA ? B CA . ? A CA 301 ? 1_555 O   ? D HOH .   ? A HOH 416 ? 1_555 85.1  ? 
13 OD1 ? A ASP 98  ? A ASP 146 ? 3_546 CA ? B CA . ? A CA 301 ? 1_555 O   ? D HOH .   ? A HOH 416 ? 1_555 94.8  ? 
14 OXT ? A ASP 158 ? A ASP 206 ? 4_457 CA ? B CA . ? A CA 301 ? 1_555 O   ? D HOH .   ? A HOH 416 ? 1_555 72.9  ? 
15 O   ? D HOH .   ? A HOH 332 ? 3_546 CA ? B CA . ? A CA 301 ? 1_555 O   ? D HOH .   ? A HOH 416 ? 1_555 136.6 ? 
16 OE2 ? A GLU 35  ? A GLU 83  ? 1_555 CA ? B CA . ? A CA 301 ? 1_555 O   ? D HOH .   ? A HOH 417 ? 1_555 72.6  ? 
17 O   ? A SER 36  ? A SER 84  ? 1_555 CA ? B CA . ? A CA 301 ? 1_555 O   ? D HOH .   ? A HOH 417 ? 1_555 79.1  ? 
18 OD1 ? A ASP 98  ? A ASP 146 ? 3_546 CA ? B CA . ? A CA 301 ? 1_555 O   ? D HOH .   ? A HOH 417 ? 1_555 100.2 ? 
19 OXT ? A ASP 158 ? A ASP 206 ? 4_457 CA ? B CA . ? A CA 301 ? 1_555 O   ? D HOH .   ? A HOH 417 ? 1_555 138.4 ? 
20 O   ? D HOH .   ? A HOH 332 ? 3_546 CA ? B CA . ? A CA 301 ? 1_555 O   ? D HOH .   ? A HOH 417 ? 1_555 74.6  ? 
21 O   ? D HOH .   ? A HOH 416 ? 1_555 CA ? B CA . ? A CA 301 ? 1_555 O   ? D HOH .   ? A HOH 417 ? 1_555 144.1 ? 
22 OD2 ? A ASP 116 ? A ASP 164 ? 4_557 CA ? C CA . ? A CA 302 ? 1_555 O   ? A GLY 154 ? A GLY 202 ? 1_555 82.1  ? 
23 OD2 ? A ASP 116 ? A ASP 164 ? 4_557 CA ? C CA . ? A CA 302 ? 1_555 O   ? D HOH .   ? A HOH 312 ? 4_557 69.3  ? 
24 O   ? A GLY 154 ? A GLY 202 ? 1_555 CA ? C CA . ? A CA 302 ? 1_555 O   ? D HOH .   ? A HOH 312 ? 4_557 98.9  ? 
25 OD2 ? A ASP 116 ? A ASP 164 ? 4_557 CA ? C CA . ? A CA 302 ? 1_555 O   ? D HOH .   ? A HOH 323 ? 4_557 81.5  ? 
26 O   ? A GLY 154 ? A GLY 202 ? 1_555 CA ? C CA . ? A CA 302 ? 1_555 O   ? D HOH .   ? A HOH 323 ? 4_557 159.4 ? 
27 O   ? D HOH .   ? A HOH 312 ? 4_557 CA ? C CA . ? A CA 302 ? 1_555 O   ? D HOH .   ? A HOH 323 ? 4_557 86.9  ? 
28 OD2 ? A ASP 116 ? A ASP 164 ? 4_557 CA ? C CA . ? A CA 302 ? 1_555 O   ? D HOH .   ? A HOH 325 ? 4_557 71.7  ? 
29 O   ? A GLY 154 ? A GLY 202 ? 1_555 CA ? C CA . ? A CA 302 ? 1_555 O   ? D HOH .   ? A HOH 325 ? 4_557 84.5  ? 
30 O   ? D HOH .   ? A HOH 312 ? 4_557 CA ? C CA . ? A CA 302 ? 1_555 O   ? D HOH .   ? A HOH 325 ? 4_557 139.9 ? 
31 O   ? D HOH .   ? A HOH 323 ? 4_557 CA ? C CA . ? A CA 302 ? 1_555 O   ? D HOH .   ? A HOH 325 ? 4_557 78.6  ? 
32 OD2 ? A ASP 116 ? A ASP 164 ? 4_557 CA ? C CA . ? A CA 302 ? 1_555 O   ? D HOH .   ? A HOH 356 ? 2_565 132.6 ? 
33 O   ? A GLY 154 ? A GLY 202 ? 1_555 CA ? C CA . ? A CA 302 ? 1_555 O   ? D HOH .   ? A HOH 356 ? 2_565 129.5 ? 
34 O   ? D HOH .   ? A HOH 312 ? 4_557 CA ? C CA . ? A CA 302 ? 1_555 O   ? D HOH .   ? A HOH 356 ? 2_565 71.3  ? 
35 O   ? D HOH .   ? A HOH 323 ? 4_557 CA ? C CA . ? A CA 302 ? 1_555 O   ? D HOH .   ? A HOH 356 ? 2_565 71.1  ? 
36 O   ? D HOH .   ? A HOH 325 ? 4_557 CA ? C CA . ? A CA 302 ? 1_555 O   ? D HOH .   ? A HOH 356 ? 2_565 134.9 ? 
37 OD2 ? A ASP 116 ? A ASP 164 ? 4_557 CA ? C CA . ? A CA 302 ? 1_555 O   ? D HOH .   ? A HOH 386 ? 1_555 130.5 ? 
38 O   ? A GLY 154 ? A GLY 202 ? 1_555 CA ? C CA . ? A CA 302 ? 1_555 O   ? D HOH .   ? A HOH 386 ? 1_555 67.5  ? 
39 O   ? D HOH .   ? A HOH 312 ? 4_557 CA ? C CA . ? A CA 302 ? 1_555 O   ? D HOH .   ? A HOH 386 ? 1_555 77.6  ? 
40 O   ? D HOH .   ? A HOH 323 ? 4_557 CA ? C CA . ? A CA 302 ? 1_555 O   ? D HOH .   ? A HOH 386 ? 1_555 133.1 ? 
41 O   ? D HOH .   ? A HOH 325 ? 4_557 CA ? C CA . ? A CA 302 ? 1_555 O   ? D HOH .   ? A HOH 386 ? 1_555 137.8 ? 
42 O   ? D HOH .   ? A HOH 356 ? 2_565 CA ? C CA . ? A CA 302 ? 1_555 O   ? D HOH .   ? A HOH 386 ? 1_555 62.0  ? 
43 OD2 ? A ASP 116 ? A ASP 164 ? 4_557 CA ? C CA . ? A CA 302 ? 1_555 O   ? D HOH .   ? A HOH 422 ? 2_565 136.8 ? 
44 O   ? A GLY 154 ? A GLY 202 ? 1_555 CA ? C CA . ? A CA 302 ? 1_555 O   ? D HOH .   ? A HOH 422 ? 2_565 85.7  ? 
45 O   ? D HOH .   ? A HOH 312 ? 4_557 CA ? C CA . ? A CA 302 ? 1_555 O   ? D HOH .   ? A HOH 422 ? 2_565 153.8 ? 
46 O   ? D HOH .   ? A HOH 323 ? 4_557 CA ? C CA . ? A CA 302 ? 1_555 O   ? D HOH .   ? A HOH 422 ? 2_565 97.8  ? 
47 O   ? D HOH .   ? A HOH 325 ? 4_557 CA ? C CA . ? A CA 302 ? 1_555 O   ? D HOH .   ? A HOH 422 ? 2_565 66.0  ? 
48 O   ? D HOH .   ? A HOH 356 ? 2_565 CA ? C CA . ? A CA 302 ? 1_555 O   ? D HOH .   ? A HOH 422 ? 2_565 85.8  ? 
49 O   ? D HOH .   ? A HOH 386 ? 1_555 CA ? C CA . ? A CA 302 ? 1_555 O   ? D HOH .   ? A HOH 422 ? 2_565 80.4  ? 
# 
loop_
_struct_sheet.id 
_struct_sheet.type 
_struct_sheet.number_strands 
_struct_sheet.details 
A ? 4 ? 
B ? 3 ? 
C ? 4 ? 
# 
loop_
_struct_sheet_order.sheet_id 
_struct_sheet_order.range_id_1 
_struct_sheet_order.range_id_2 
_struct_sheet_order.offset 
_struct_sheet_order.sense 
A 1 2 ? anti-parallel 
A 2 3 ? anti-parallel 
A 3 4 ? anti-parallel 
B 1 2 ? anti-parallel 
B 2 3 ? anti-parallel 
C 1 2 ? anti-parallel 
C 2 3 ? anti-parallel 
C 3 4 ? anti-parallel 
# 
loop_
_struct_sheet_range.sheet_id 
_struct_sheet_range.id 
_struct_sheet_range.beg_label_comp_id 
_struct_sheet_range.beg_label_asym_id 
_struct_sheet_range.beg_label_seq_id 
_struct_sheet_range.pdbx_beg_PDB_ins_code 
_struct_sheet_range.end_label_comp_id 
_struct_sheet_range.end_label_asym_id 
_struct_sheet_range.end_label_seq_id 
_struct_sheet_range.pdbx_end_PDB_ins_code 
_struct_sheet_range.beg_auth_comp_id 
_struct_sheet_range.beg_auth_asym_id 
_struct_sheet_range.beg_auth_seq_id 
_struct_sheet_range.end_auth_comp_id 
_struct_sheet_range.end_auth_asym_id 
_struct_sheet_range.end_auth_seq_id 
A 1 GLU A 20  ? VAL A 27  ? GLU A 68  VAL A 75  
A 2 VAL A 141 ? ALA A 149 ? VAL A 189 ALA A 197 
A 3 CYS A 84  ? ILE A 92  ? CYS A 132 ILE A 140 
A 4 PHE A 102 ? PHE A 110 ? PHE A 150 PHE A 158 
B 1 VAL A 37  ? LEU A 38  ? VAL A 85  LEU A 86  
B 2 LEU A 47  ? PHE A 57  ? LEU A 95  PHE A 105 
B 3 CYS A 42  ? VAL A 44  ? CYS A 90  VAL A 92  
C 1 VAL A 37  ? LEU A 38  ? VAL A 85  LEU A 86  
C 2 LEU A 47  ? PHE A 57  ? LEU A 95  PHE A 105 
C 3 LYS A 65  ? CYS A 73  ? LYS A 113 CYS A 121 
C 4 ASP A 116 ? ALA A 124 ? ASP A 164 ALA A 172 
# 
loop_
_pdbx_struct_sheet_hbond.sheet_id 
_pdbx_struct_sheet_hbond.range_id_1 
_pdbx_struct_sheet_hbond.range_id_2 
_pdbx_struct_sheet_hbond.range_1_label_atom_id 
_pdbx_struct_sheet_hbond.range_1_label_comp_id 
_pdbx_struct_sheet_hbond.range_1_label_asym_id 
_pdbx_struct_sheet_hbond.range_1_label_seq_id 
_pdbx_struct_sheet_hbond.range_1_PDB_ins_code 
_pdbx_struct_sheet_hbond.range_1_auth_atom_id 
_pdbx_struct_sheet_hbond.range_1_auth_comp_id 
_pdbx_struct_sheet_hbond.range_1_auth_asym_id 
_pdbx_struct_sheet_hbond.range_1_auth_seq_id 
_pdbx_struct_sheet_hbond.range_2_label_atom_id 
_pdbx_struct_sheet_hbond.range_2_label_comp_id 
_pdbx_struct_sheet_hbond.range_2_label_asym_id 
_pdbx_struct_sheet_hbond.range_2_label_seq_id 
_pdbx_struct_sheet_hbond.range_2_PDB_ins_code 
_pdbx_struct_sheet_hbond.range_2_auth_atom_id 
_pdbx_struct_sheet_hbond.range_2_auth_comp_id 
_pdbx_struct_sheet_hbond.range_2_auth_asym_id 
_pdbx_struct_sheet_hbond.range_2_auth_seq_id 
A 1 2 N PHE A 25  ? N PHE A 73  O PHE A 143 ? O PHE A 191 
A 2 3 O GLU A 144 ? O GLU A 192 N LYS A 91  ? N LYS A 139 
A 3 4 N LEU A 90  ? N LEU A 138 O ARG A 104 ? O ARG A 152 
B 1 2 N VAL A 37  ? N VAL A 85  O VAL A 53  ? O VAL A 101 
B 2 3 O TRP A 49  ? O TRP A 97  N CYS A 42  ? N CYS A 90  
C 1 2 N VAL A 37  ? N VAL A 85  O VAL A 53  ? O VAL A 101 
C 2 3 N LYS A 50  ? N LYS A 98  O GLN A 72  ? O GLN A 120 
C 3 4 N PHE A 69  ? N PHE A 117 O PHE A 119 ? O PHE A 167 
# 
loop_
_struct_site.id 
_struct_site.pdbx_evidence_code 
_struct_site.pdbx_auth_asym_id 
_struct_site.pdbx_auth_comp_id 
_struct_site.pdbx_auth_seq_id 
_struct_site.pdbx_auth_ins_code 
_struct_site.pdbx_num_residues 
_struct_site.details 
AC1 Software A CA 301 ? 7 'BINDING SITE FOR RESIDUE CA A 301' 
AC2 Software A CA 302 ? 8 'BINDING SITE FOR RESIDUE CA A 302' 
# 
loop_
_struct_site_gen.id 
_struct_site_gen.site_id 
_struct_site_gen.pdbx_num_res 
_struct_site_gen.label_comp_id 
_struct_site_gen.label_asym_id 
_struct_site_gen.label_seq_id 
_struct_site_gen.pdbx_auth_ins_code 
_struct_site_gen.auth_comp_id 
_struct_site_gen.auth_asym_id 
_struct_site_gen.auth_seq_id 
_struct_site_gen.label_atom_id 
_struct_site_gen.label_alt_id 
_struct_site_gen.symmetry 
_struct_site_gen.details 
1  AC1 7 GLU A 35  ? GLU A 83  . ? 1_555 ? 
2  AC1 7 SER A 36  ? SER A 84  . ? 1_555 ? 
3  AC1 7 ASP A 98  ? ASP A 146 . ? 3_546 ? 
4  AC1 7 ASP A 158 ? ASP A 206 . ? 4_457 ? 
5  AC1 7 HOH D .   ? HOH A 332 . ? 3_546 ? 
6  AC1 7 HOH D .   ? HOH A 416 . ? 1_555 ? 
7  AC1 7 HOH D .   ? HOH A 417 . ? 1_555 ? 
8  AC2 8 ASP A 116 ? ASP A 164 . ? 4_557 ? 
9  AC2 8 GLY A 154 ? GLY A 202 . ? 1_555 ? 
10 AC2 8 HOH D .   ? HOH A 312 . ? 4_557 ? 
11 AC2 8 HOH D .   ? HOH A 323 . ? 4_557 ? 
12 AC2 8 HOH D .   ? HOH A 325 . ? 4_557 ? 
13 AC2 8 HOH D .   ? HOH A 356 . ? 2_565 ? 
14 AC2 8 HOH D .   ? HOH A 386 . ? 1_555 ? 
15 AC2 8 HOH D .   ? HOH A 422 . ? 2_565 ? 
# 
_pdbx_validate_rmsd_bond.id                        1 
_pdbx_validate_rmsd_bond.PDB_model_num             1 
_pdbx_validate_rmsd_bond.auth_atom_id_1            C 
_pdbx_validate_rmsd_bond.auth_asym_id_1            A 
_pdbx_validate_rmsd_bond.auth_comp_id_1            PRO 
_pdbx_validate_rmsd_bond.auth_seq_id_1             110 
_pdbx_validate_rmsd_bond.PDB_ins_code_1            ? 
_pdbx_validate_rmsd_bond.label_alt_id_1            ? 
_pdbx_validate_rmsd_bond.auth_atom_id_2            O 
_pdbx_validate_rmsd_bond.auth_asym_id_2            A 
_pdbx_validate_rmsd_bond.auth_comp_id_2            PRO 
_pdbx_validate_rmsd_bond.auth_seq_id_2             110 
_pdbx_validate_rmsd_bond.PDB_ins_code_2            ? 
_pdbx_validate_rmsd_bond.label_alt_id_2            ? 
_pdbx_validate_rmsd_bond.bond_value                1.406 
_pdbx_validate_rmsd_bond.bond_target_value         1.228 
_pdbx_validate_rmsd_bond.bond_deviation            0.178 
_pdbx_validate_rmsd_bond.bond_standard_deviation   0.020 
_pdbx_validate_rmsd_bond.linker_flag               N 
# 
loop_
_pdbx_validate_rmsd_angle.id 
_pdbx_validate_rmsd_angle.PDB_model_num 
_pdbx_validate_rmsd_angle.auth_atom_id_1 
_pdbx_validate_rmsd_angle.auth_asym_id_1 
_pdbx_validate_rmsd_angle.auth_comp_id_1 
_pdbx_validate_rmsd_angle.auth_seq_id_1 
_pdbx_validate_rmsd_angle.PDB_ins_code_1 
_pdbx_validate_rmsd_angle.label_alt_id_1 
_pdbx_validate_rmsd_angle.auth_atom_id_2 
_pdbx_validate_rmsd_angle.auth_asym_id_2 
_pdbx_validate_rmsd_angle.auth_comp_id_2 
_pdbx_validate_rmsd_angle.auth_seq_id_2 
_pdbx_validate_rmsd_angle.PDB_ins_code_2 
_pdbx_validate_rmsd_angle.label_alt_id_2 
_pdbx_validate_rmsd_angle.auth_atom_id_3 
_pdbx_validate_rmsd_angle.auth_asym_id_3 
_pdbx_validate_rmsd_angle.auth_comp_id_3 
_pdbx_validate_rmsd_angle.auth_seq_id_3 
_pdbx_validate_rmsd_angle.PDB_ins_code_3 
_pdbx_validate_rmsd_angle.label_alt_id_3 
_pdbx_validate_rmsd_angle.angle_value 
_pdbx_validate_rmsd_angle.angle_target_value 
_pdbx_validate_rmsd_angle.angle_deviation 
_pdbx_validate_rmsd_angle.angle_standard_deviation 
_pdbx_validate_rmsd_angle.linker_flag 
1 1 C A ARG 109 ? ? N  A PRO 110 ? ? CA A PRO 110 ? ? 129.22 119.30 9.92   1.50 Y 
2 1 N A HIS 111 ? ? CA A HIS 111 ? ? CB A HIS 111 ? ? 91.79  110.60 -18.81 1.80 N 
# 
_pdbx_validate_torsion.id              1 
_pdbx_validate_torsion.PDB_model_num   1 
_pdbx_validate_torsion.auth_comp_id    PRO 
_pdbx_validate_torsion.auth_asym_id    A 
_pdbx_validate_torsion.auth_seq_id     179 
_pdbx_validate_torsion.PDB_ins_code    ? 
_pdbx_validate_torsion.label_alt_id    ? 
_pdbx_validate_torsion.phi             -57.89 
_pdbx_validate_torsion.psi             0.71 
# 
loop_
_pdbx_unobs_or_zero_occ_residues.id 
_pdbx_unobs_or_zero_occ_residues.PDB_model_num 
_pdbx_unobs_or_zero_occ_residues.polymer_flag 
_pdbx_unobs_or_zero_occ_residues.occupancy_flag 
_pdbx_unobs_or_zero_occ_residues.auth_asym_id 
_pdbx_unobs_or_zero_occ_residues.auth_comp_id 
_pdbx_unobs_or_zero_occ_residues.auth_seq_id 
_pdbx_unobs_or_zero_occ_residues.PDB_ins_code 
_pdbx_unobs_or_zero_occ_residues.label_asym_id 
_pdbx_unobs_or_zero_occ_residues.label_comp_id 
_pdbx_unobs_or_zero_occ_residues.label_seq_id 
1  1 Y 1 A GLY 49 ? A GLY 1  
2  1 Y 1 A SER 50 ? A SER 2  
3  1 Y 1 A HIS 51 ? A HIS 3  
4  1 Y 1 A MET 52 ? A MET 4  
5  1 Y 1 A ASN 53 ? A ASN 5  
6  1 Y 1 A THR 54 ? A THR 6  
7  1 Y 1 A ALA 55 ? A ALA 7  
8  1 Y 1 A GLU 56 ? A GLU 8  
9  1 Y 1 A GLU 57 ? A GLU 9  
10 1 Y 1 A ASP 58 ? A ASP 10 
11 1 Y 1 A MET 59 ? A MET 11 
12 1 Y 1 A GLU 60 ? A GLU 12 
13 1 Y 1 A ASP 61 ? A ASP 13 
14 1 Y 1 A ASP 62 ? A ASP 14 
# 
loop_
_chem_comp_atom.comp_id 
_chem_comp_atom.atom_id 
_chem_comp_atom.type_symbol 
_chem_comp_atom.pdbx_aromatic_flag 
_chem_comp_atom.pdbx_stereo_config 
_chem_comp_atom.pdbx_ordinal 
ALA N    N  N N 1   
ALA CA   C  N S 2   
ALA C    C  N N 3   
ALA O    O  N N 4   
ALA CB   C  N N 5   
ALA OXT  O  N N 6   
ALA H    H  N N 7   
ALA H2   H  N N 8   
ALA HA   H  N N 9   
ALA HB1  H  N N 10  
ALA HB2  H  N N 11  
ALA HB3  H  N N 12  
ALA HXT  H  N N 13  
ARG N    N  N N 14  
ARG CA   C  N S 15  
ARG C    C  N N 16  
ARG O    O  N N 17  
ARG CB   C  N N 18  
ARG CG   C  N N 19  
ARG CD   C  N N 20  
ARG NE   N  N N 21  
ARG CZ   C  N N 22  
ARG NH1  N  N N 23  
ARG NH2  N  N N 24  
ARG OXT  O  N N 25  
ARG H    H  N N 26  
ARG H2   H  N N 27  
ARG HA   H  N N 28  
ARG HB2  H  N N 29  
ARG HB3  H  N N 30  
ARG HG2  H  N N 31  
ARG HG3  H  N N 32  
ARG HD2  H  N N 33  
ARG HD3  H  N N 34  
ARG HE   H  N N 35  
ARG HH11 H  N N 36  
ARG HH12 H  N N 37  
ARG HH21 H  N N 38  
ARG HH22 H  N N 39  
ARG HXT  H  N N 40  
ASN N    N  N N 41  
ASN CA   C  N S 42  
ASN C    C  N N 43  
ASN O    O  N N 44  
ASN CB   C  N N 45  
ASN CG   C  N N 46  
ASN OD1  O  N N 47  
ASN ND2  N  N N 48  
ASN OXT  O  N N 49  
ASN H    H  N N 50  
ASN H2   H  N N 51  
ASN HA   H  N N 52  
ASN HB2  H  N N 53  
ASN HB3  H  N N 54  
ASN HD21 H  N N 55  
ASN HD22 H  N N 56  
ASN HXT  H  N N 57  
ASP N    N  N N 58  
ASP CA   C  N S 59  
ASP C    C  N N 60  
ASP O    O  N N 61  
ASP CB   C  N N 62  
ASP CG   C  N N 63  
ASP OD1  O  N N 64  
ASP OD2  O  N N 65  
ASP OXT  O  N N 66  
ASP H    H  N N 67  
ASP H2   H  N N 68  
ASP HA   H  N N 69  
ASP HB2  H  N N 70  
ASP HB3  H  N N 71  
ASP HD2  H  N N 72  
ASP HXT  H  N N 73  
CA  CA   CA N N 74  
CYS N    N  N N 75  
CYS CA   C  N R 76  
CYS C    C  N N 77  
CYS O    O  N N 78  
CYS CB   C  N N 79  
CYS SG   S  N N 80  
CYS OXT  O  N N 81  
CYS H    H  N N 82  
CYS H2   H  N N 83  
CYS HA   H  N N 84  
CYS HB2  H  N N 85  
CYS HB3  H  N N 86  
CYS HG   H  N N 87  
CYS HXT  H  N N 88  
GLN N    N  N N 89  
GLN CA   C  N S 90  
GLN C    C  N N 91  
GLN O    O  N N 92  
GLN CB   C  N N 93  
GLN CG   C  N N 94  
GLN CD   C  N N 95  
GLN OE1  O  N N 96  
GLN NE2  N  N N 97  
GLN OXT  O  N N 98  
GLN H    H  N N 99  
GLN H2   H  N N 100 
GLN HA   H  N N 101 
GLN HB2  H  N N 102 
GLN HB3  H  N N 103 
GLN HG2  H  N N 104 
GLN HG3  H  N N 105 
GLN HE21 H  N N 106 
GLN HE22 H  N N 107 
GLN HXT  H  N N 108 
GLU N    N  N N 109 
GLU CA   C  N S 110 
GLU C    C  N N 111 
GLU O    O  N N 112 
GLU CB   C  N N 113 
GLU CG   C  N N 114 
GLU CD   C  N N 115 
GLU OE1  O  N N 116 
GLU OE2  O  N N 117 
GLU OXT  O  N N 118 
GLU H    H  N N 119 
GLU H2   H  N N 120 
GLU HA   H  N N 121 
GLU HB2  H  N N 122 
GLU HB3  H  N N 123 
GLU HG2  H  N N 124 
GLU HG3  H  N N 125 
GLU HE2  H  N N 126 
GLU HXT  H  N N 127 
GLY N    N  N N 128 
GLY CA   C  N N 129 
GLY C    C  N N 130 
GLY O    O  N N 131 
GLY OXT  O  N N 132 
GLY H    H  N N 133 
GLY H2   H  N N 134 
GLY HA2  H  N N 135 
GLY HA3  H  N N 136 
GLY HXT  H  N N 137 
HIS N    N  N N 138 
HIS CA   C  N S 139 
HIS C    C  N N 140 
HIS O    O  N N 141 
HIS CB   C  N N 142 
HIS CG   C  Y N 143 
HIS ND1  N  Y N 144 
HIS CD2  C  Y N 145 
HIS CE1  C  Y N 146 
HIS NE2  N  Y N 147 
HIS OXT  O  N N 148 
HIS H    H  N N 149 
HIS H2   H  N N 150 
HIS HA   H  N N 151 
HIS HB2  H  N N 152 
HIS HB3  H  N N 153 
HIS HD1  H  N N 154 
HIS HD2  H  N N 155 
HIS HE1  H  N N 156 
HIS HE2  H  N N 157 
HIS HXT  H  N N 158 
HOH O    O  N N 159 
HOH H1   H  N N 160 
HOH H2   H  N N 161 
ILE N    N  N N 162 
ILE CA   C  N S 163 
ILE C    C  N N 164 
ILE O    O  N N 165 
ILE CB   C  N S 166 
ILE CG1  C  N N 167 
ILE CG2  C  N N 168 
ILE CD1  C  N N 169 
ILE OXT  O  N N 170 
ILE H    H  N N 171 
ILE H2   H  N N 172 
ILE HA   H  N N 173 
ILE HB   H  N N 174 
ILE HG12 H  N N 175 
ILE HG13 H  N N 176 
ILE HG21 H  N N 177 
ILE HG22 H  N N 178 
ILE HG23 H  N N 179 
ILE HD11 H  N N 180 
ILE HD12 H  N N 181 
ILE HD13 H  N N 182 
ILE HXT  H  N N 183 
LEU N    N  N N 184 
LEU CA   C  N S 185 
LEU C    C  N N 186 
LEU O    O  N N 187 
LEU CB   C  N N 188 
LEU CG   C  N N 189 
LEU CD1  C  N N 190 
LEU CD2  C  N N 191 
LEU OXT  O  N N 192 
LEU H    H  N N 193 
LEU H2   H  N N 194 
LEU HA   H  N N 195 
LEU HB2  H  N N 196 
LEU HB3  H  N N 197 
LEU HG   H  N N 198 
LEU HD11 H  N N 199 
LEU HD12 H  N N 200 
LEU HD13 H  N N 201 
LEU HD21 H  N N 202 
LEU HD22 H  N N 203 
LEU HD23 H  N N 204 
LEU HXT  H  N N 205 
LYS N    N  N N 206 
LYS CA   C  N S 207 
LYS C    C  N N 208 
LYS O    O  N N 209 
LYS CB   C  N N 210 
LYS CG   C  N N 211 
LYS CD   C  N N 212 
LYS CE   C  N N 213 
LYS NZ   N  N N 214 
LYS OXT  O  N N 215 
LYS H    H  N N 216 
LYS H2   H  N N 217 
LYS HA   H  N N 218 
LYS HB2  H  N N 219 
LYS HB3  H  N N 220 
LYS HG2  H  N N 221 
LYS HG3  H  N N 222 
LYS HD2  H  N N 223 
LYS HD3  H  N N 224 
LYS HE2  H  N N 225 
LYS HE3  H  N N 226 
LYS HZ1  H  N N 227 
LYS HZ2  H  N N 228 
LYS HZ3  H  N N 229 
LYS HXT  H  N N 230 
MET N    N  N N 231 
MET CA   C  N S 232 
MET C    C  N N 233 
MET O    O  N N 234 
MET CB   C  N N 235 
MET CG   C  N N 236 
MET SD   S  N N 237 
MET CE   C  N N 238 
MET OXT  O  N N 239 
MET H    H  N N 240 
MET H2   H  N N 241 
MET HA   H  N N 242 
MET HB2  H  N N 243 
MET HB3  H  N N 244 
MET HG2  H  N N 245 
MET HG3  H  N N 246 
MET HE1  H  N N 247 
MET HE2  H  N N 248 
MET HE3  H  N N 249 
MET HXT  H  N N 250 
PHE N    N  N N 251 
PHE CA   C  N S 252 
PHE C    C  N N 253 
PHE O    O  N N 254 
PHE CB   C  N N 255 
PHE CG   C  Y N 256 
PHE CD1  C  Y N 257 
PHE CD2  C  Y N 258 
PHE CE1  C  Y N 259 
PHE CE2  C  Y N 260 
PHE CZ   C  Y N 261 
PHE OXT  O  N N 262 
PHE H    H  N N 263 
PHE H2   H  N N 264 
PHE HA   H  N N 265 
PHE HB2  H  N N 266 
PHE HB3  H  N N 267 
PHE HD1  H  N N 268 
PHE HD2  H  N N 269 
PHE HE1  H  N N 270 
PHE HE2  H  N N 271 
PHE HZ   H  N N 272 
PHE HXT  H  N N 273 
PRO N    N  N N 274 
PRO CA   C  N S 275 
PRO C    C  N N 276 
PRO O    O  N N 277 
PRO CB   C  N N 278 
PRO CG   C  N N 279 
PRO CD   C  N N 280 
PRO OXT  O  N N 281 
PRO H    H  N N 282 
PRO HA   H  N N 283 
PRO HB2  H  N N 284 
PRO HB3  H  N N 285 
PRO HG2  H  N N 286 
PRO HG3  H  N N 287 
PRO HD2  H  N N 288 
PRO HD3  H  N N 289 
PRO HXT  H  N N 290 
SER N    N  N N 291 
SER CA   C  N S 292 
SER C    C  N N 293 
SER O    O  N N 294 
SER CB   C  N N 295 
SER OG   O  N N 296 
SER OXT  O  N N 297 
SER H    H  N N 298 
SER H2   H  N N 299 
SER HA   H  N N 300 
SER HB2  H  N N 301 
SER HB3  H  N N 302 
SER HG   H  N N 303 
SER HXT  H  N N 304 
THR N    N  N N 305 
THR CA   C  N S 306 
THR C    C  N N 307 
THR O    O  N N 308 
THR CB   C  N R 309 
THR OG1  O  N N 310 
THR CG2  C  N N 311 
THR OXT  O  N N 312 
THR H    H  N N 313 
THR H2   H  N N 314 
THR HA   H  N N 315 
THR HB   H  N N 316 
THR HG1  H  N N 317 
THR HG21 H  N N 318 
THR HG22 H  N N 319 
THR HG23 H  N N 320 
THR HXT  H  N N 321 
TRP N    N  N N 322 
TRP CA   C  N S 323 
TRP C    C  N N 324 
TRP O    O  N N 325 
TRP CB   C  N N 326 
TRP CG   C  Y N 327 
TRP CD1  C  Y N 328 
TRP CD2  C  Y N 329 
TRP NE1  N  Y N 330 
TRP CE2  C  Y N 331 
TRP CE3  C  Y N 332 
TRP CZ2  C  Y N 333 
TRP CZ3  C  Y N 334 
TRP CH2  C  Y N 335 
TRP OXT  O  N N 336 
TRP H    H  N N 337 
TRP H2   H  N N 338 
TRP HA   H  N N 339 
TRP HB2  H  N N 340 
TRP HB3  H  N N 341 
TRP HD1  H  N N 342 
TRP HE1  H  N N 343 
TRP HE3  H  N N 344 
TRP HZ2  H  N N 345 
TRP HZ3  H  N N 346 
TRP HH2  H  N N 347 
TRP HXT  H  N N 348 
TYR N    N  N N 349 
TYR CA   C  N S 350 
TYR C    C  N N 351 
TYR O    O  N N 352 
TYR CB   C  N N 353 
TYR CG   C  Y N 354 
TYR CD1  C  Y N 355 
TYR CD2  C  Y N 356 
TYR CE1  C  Y N 357 
TYR CE2  C  Y N 358 
TYR CZ   C  Y N 359 
TYR OH   O  N N 360 
TYR OXT  O  N N 361 
TYR H    H  N N 362 
TYR H2   H  N N 363 
TYR HA   H  N N 364 
TYR HB2  H  N N 365 
TYR HB3  H  N N 366 
TYR HD1  H  N N 367 
TYR HD2  H  N N 368 
TYR HE1  H  N N 369 
TYR HE2  H  N N 370 
TYR HH   H  N N 371 
TYR HXT  H  N N 372 
VAL N    N  N N 373 
VAL CA   C  N S 374 
VAL C    C  N N 375 
VAL O    O  N N 376 
VAL CB   C  N N 377 
VAL CG1  C  N N 378 
VAL CG2  C  N N 379 
VAL OXT  O  N N 380 
VAL H    H  N N 381 
VAL H2   H  N N 382 
VAL HA   H  N N 383 
VAL HB   H  N N 384 
VAL HG11 H  N N 385 
VAL HG12 H  N N 386 
VAL HG13 H  N N 387 
VAL HG21 H  N N 388 
VAL HG22 H  N N 389 
VAL HG23 H  N N 390 
VAL HXT  H  N N 391 
# 
loop_
_chem_comp_bond.comp_id 
_chem_comp_bond.atom_id_1 
_chem_comp_bond.atom_id_2 
_chem_comp_bond.value_order 
_chem_comp_bond.pdbx_aromatic_flag 
_chem_comp_bond.pdbx_stereo_config 
_chem_comp_bond.pdbx_ordinal 
ALA N   CA   sing N N 1   
ALA N   H    sing N N 2   
ALA N   H2   sing N N 3   
ALA CA  C    sing N N 4   
ALA CA  CB   sing N N 5   
ALA CA  HA   sing N N 6   
ALA C   O    doub N N 7   
ALA C   OXT  sing N N 8   
ALA CB  HB1  sing N N 9   
ALA CB  HB2  sing N N 10  
ALA CB  HB3  sing N N 11  
ALA OXT HXT  sing N N 12  
ARG N   CA   sing N N 13  
ARG N   H    sing N N 14  
ARG N   H2   sing N N 15  
ARG CA  C    sing N N 16  
ARG CA  CB   sing N N 17  
ARG CA  HA   sing N N 18  
ARG C   O    doub N N 19  
ARG C   OXT  sing N N 20  
ARG CB  CG   sing N N 21  
ARG CB  HB2  sing N N 22  
ARG CB  HB3  sing N N 23  
ARG CG  CD   sing N N 24  
ARG CG  HG2  sing N N 25  
ARG CG  HG3  sing N N 26  
ARG CD  NE   sing N N 27  
ARG CD  HD2  sing N N 28  
ARG CD  HD3  sing N N 29  
ARG NE  CZ   sing N N 30  
ARG NE  HE   sing N N 31  
ARG CZ  NH1  sing N N 32  
ARG CZ  NH2  doub N N 33  
ARG NH1 HH11 sing N N 34  
ARG NH1 HH12 sing N N 35  
ARG NH2 HH21 sing N N 36  
ARG NH2 HH22 sing N N 37  
ARG OXT HXT  sing N N 38  
ASN N   CA   sing N N 39  
ASN N   H    sing N N 40  
ASN N   H2   sing N N 41  
ASN CA  C    sing N N 42  
ASN CA  CB   sing N N 43  
ASN CA  HA   sing N N 44  
ASN C   O    doub N N 45  
ASN C   OXT  sing N N 46  
ASN CB  CG   sing N N 47  
ASN CB  HB2  sing N N 48  
ASN CB  HB3  sing N N 49  
ASN CG  OD1  doub N N 50  
ASN CG  ND2  sing N N 51  
ASN ND2 HD21 sing N N 52  
ASN ND2 HD22 sing N N 53  
ASN OXT HXT  sing N N 54  
ASP N   CA   sing N N 55  
ASP N   H    sing N N 56  
ASP N   H2   sing N N 57  
ASP CA  C    sing N N 58  
ASP CA  CB   sing N N 59  
ASP CA  HA   sing N N 60  
ASP C   O    doub N N 61  
ASP C   OXT  sing N N 62  
ASP CB  CG   sing N N 63  
ASP CB  HB2  sing N N 64  
ASP CB  HB3  sing N N 65  
ASP CG  OD1  doub N N 66  
ASP CG  OD2  sing N N 67  
ASP OD2 HD2  sing N N 68  
ASP OXT HXT  sing N N 69  
CYS N   CA   sing N N 70  
CYS N   H    sing N N 71  
CYS N   H2   sing N N 72  
CYS CA  C    sing N N 73  
CYS CA  CB   sing N N 74  
CYS CA  HA   sing N N 75  
CYS C   O    doub N N 76  
CYS C   OXT  sing N N 77  
CYS CB  SG   sing N N 78  
CYS CB  HB2  sing N N 79  
CYS CB  HB3  sing N N 80  
CYS SG  HG   sing N N 81  
CYS OXT HXT  sing N N 82  
GLN N   CA   sing N N 83  
GLN N   H    sing N N 84  
GLN N   H2   sing N N 85  
GLN CA  C    sing N N 86  
GLN CA  CB   sing N N 87  
GLN CA  HA   sing N N 88  
GLN C   O    doub N N 89  
GLN C   OXT  sing N N 90  
GLN CB  CG   sing N N 91  
GLN CB  HB2  sing N N 92  
GLN CB  HB3  sing N N 93  
GLN CG  CD   sing N N 94  
GLN CG  HG2  sing N N 95  
GLN CG  HG3  sing N N 96  
GLN CD  OE1  doub N N 97  
GLN CD  NE2  sing N N 98  
GLN NE2 HE21 sing N N 99  
GLN NE2 HE22 sing N N 100 
GLN OXT HXT  sing N N 101 
GLU N   CA   sing N N 102 
GLU N   H    sing N N 103 
GLU N   H2   sing N N 104 
GLU CA  C    sing N N 105 
GLU CA  CB   sing N N 106 
GLU CA  HA   sing N N 107 
GLU C   O    doub N N 108 
GLU C   OXT  sing N N 109 
GLU CB  CG   sing N N 110 
GLU CB  HB2  sing N N 111 
GLU CB  HB3  sing N N 112 
GLU CG  CD   sing N N 113 
GLU CG  HG2  sing N N 114 
GLU CG  HG3  sing N N 115 
GLU CD  OE1  doub N N 116 
GLU CD  OE2  sing N N 117 
GLU OE2 HE2  sing N N 118 
GLU OXT HXT  sing N N 119 
GLY N   CA   sing N N 120 
GLY N   H    sing N N 121 
GLY N   H2   sing N N 122 
GLY CA  C    sing N N 123 
GLY CA  HA2  sing N N 124 
GLY CA  HA3  sing N N 125 
GLY C   O    doub N N 126 
GLY C   OXT  sing N N 127 
GLY OXT HXT  sing N N 128 
HIS N   CA   sing N N 129 
HIS N   H    sing N N 130 
HIS N   H2   sing N N 131 
HIS CA  C    sing N N 132 
HIS CA  CB   sing N N 133 
HIS CA  HA   sing N N 134 
HIS C   O    doub N N 135 
HIS C   OXT  sing N N 136 
HIS CB  CG   sing N N 137 
HIS CB  HB2  sing N N 138 
HIS CB  HB3  sing N N 139 
HIS CG  ND1  sing Y N 140 
HIS CG  CD2  doub Y N 141 
HIS ND1 CE1  doub Y N 142 
HIS ND1 HD1  sing N N 143 
HIS CD2 NE2  sing Y N 144 
HIS CD2 HD2  sing N N 145 
HIS CE1 NE2  sing Y N 146 
HIS CE1 HE1  sing N N 147 
HIS NE2 HE2  sing N N 148 
HIS OXT HXT  sing N N 149 
HOH O   H1   sing N N 150 
HOH O   H2   sing N N 151 
ILE N   CA   sing N N 152 
ILE N   H    sing N N 153 
ILE N   H2   sing N N 154 
ILE CA  C    sing N N 155 
ILE CA  CB   sing N N 156 
ILE CA  HA   sing N N 157 
ILE C   O    doub N N 158 
ILE C   OXT  sing N N 159 
ILE CB  CG1  sing N N 160 
ILE CB  CG2  sing N N 161 
ILE CB  HB   sing N N 162 
ILE CG1 CD1  sing N N 163 
ILE CG1 HG12 sing N N 164 
ILE CG1 HG13 sing N N 165 
ILE CG2 HG21 sing N N 166 
ILE CG2 HG22 sing N N 167 
ILE CG2 HG23 sing N N 168 
ILE CD1 HD11 sing N N 169 
ILE CD1 HD12 sing N N 170 
ILE CD1 HD13 sing N N 171 
ILE OXT HXT  sing N N 172 
LEU N   CA   sing N N 173 
LEU N   H    sing N N 174 
LEU N   H2   sing N N 175 
LEU CA  C    sing N N 176 
LEU CA  CB   sing N N 177 
LEU CA  HA   sing N N 178 
LEU C   O    doub N N 179 
LEU C   OXT  sing N N 180 
LEU CB  CG   sing N N 181 
LEU CB  HB2  sing N N 182 
LEU CB  HB3  sing N N 183 
LEU CG  CD1  sing N N 184 
LEU CG  CD2  sing N N 185 
LEU CG  HG   sing N N 186 
LEU CD1 HD11 sing N N 187 
LEU CD1 HD12 sing N N 188 
LEU CD1 HD13 sing N N 189 
LEU CD2 HD21 sing N N 190 
LEU CD2 HD22 sing N N 191 
LEU CD2 HD23 sing N N 192 
LEU OXT HXT  sing N N 193 
LYS N   CA   sing N N 194 
LYS N   H    sing N N 195 
LYS N   H2   sing N N 196 
LYS CA  C    sing N N 197 
LYS CA  CB   sing N N 198 
LYS CA  HA   sing N N 199 
LYS C   O    doub N N 200 
LYS C   OXT  sing N N 201 
LYS CB  CG   sing N N 202 
LYS CB  HB2  sing N N 203 
LYS CB  HB3  sing N N 204 
LYS CG  CD   sing N N 205 
LYS CG  HG2  sing N N 206 
LYS CG  HG3  sing N N 207 
LYS CD  CE   sing N N 208 
LYS CD  HD2  sing N N 209 
LYS CD  HD3  sing N N 210 
LYS CE  NZ   sing N N 211 
LYS CE  HE2  sing N N 212 
LYS CE  HE3  sing N N 213 
LYS NZ  HZ1  sing N N 214 
LYS NZ  HZ2  sing N N 215 
LYS NZ  HZ3  sing N N 216 
LYS OXT HXT  sing N N 217 
MET N   CA   sing N N 218 
MET N   H    sing N N 219 
MET N   H2   sing N N 220 
MET CA  C    sing N N 221 
MET CA  CB   sing N N 222 
MET CA  HA   sing N N 223 
MET C   O    doub N N 224 
MET C   OXT  sing N N 225 
MET CB  CG   sing N N 226 
MET CB  HB2  sing N N 227 
MET CB  HB3  sing N N 228 
MET CG  SD   sing N N 229 
MET CG  HG2  sing N N 230 
MET CG  HG3  sing N N 231 
MET SD  CE   sing N N 232 
MET CE  HE1  sing N N 233 
MET CE  HE2  sing N N 234 
MET CE  HE3  sing N N 235 
MET OXT HXT  sing N N 236 
PHE N   CA   sing N N 237 
PHE N   H    sing N N 238 
PHE N   H2   sing N N 239 
PHE CA  C    sing N N 240 
PHE CA  CB   sing N N 241 
PHE CA  HA   sing N N 242 
PHE C   O    doub N N 243 
PHE C   OXT  sing N N 244 
PHE CB  CG   sing N N 245 
PHE CB  HB2  sing N N 246 
PHE CB  HB3  sing N N 247 
PHE CG  CD1  doub Y N 248 
PHE CG  CD2  sing Y N 249 
PHE CD1 CE1  sing Y N 250 
PHE CD1 HD1  sing N N 251 
PHE CD2 CE2  doub Y N 252 
PHE CD2 HD2  sing N N 253 
PHE CE1 CZ   doub Y N 254 
PHE CE1 HE1  sing N N 255 
PHE CE2 CZ   sing Y N 256 
PHE CE2 HE2  sing N N 257 
PHE CZ  HZ   sing N N 258 
PHE OXT HXT  sing N N 259 
PRO N   CA   sing N N 260 
PRO N   CD   sing N N 261 
PRO N   H    sing N N 262 
PRO CA  C    sing N N 263 
PRO CA  CB   sing N N 264 
PRO CA  HA   sing N N 265 
PRO C   O    doub N N 266 
PRO C   OXT  sing N N 267 
PRO CB  CG   sing N N 268 
PRO CB  HB2  sing N N 269 
PRO CB  HB3  sing N N 270 
PRO CG  CD   sing N N 271 
PRO CG  HG2  sing N N 272 
PRO CG  HG3  sing N N 273 
PRO CD  HD2  sing N N 274 
PRO CD  HD3  sing N N 275 
PRO OXT HXT  sing N N 276 
SER N   CA   sing N N 277 
SER N   H    sing N N 278 
SER N   H2   sing N N 279 
SER CA  C    sing N N 280 
SER CA  CB   sing N N 281 
SER CA  HA   sing N N 282 
SER C   O    doub N N 283 
SER C   OXT  sing N N 284 
SER CB  OG   sing N N 285 
SER CB  HB2  sing N N 286 
SER CB  HB3  sing N N 287 
SER OG  HG   sing N N 288 
SER OXT HXT  sing N N 289 
THR N   CA   sing N N 290 
THR N   H    sing N N 291 
THR N   H2   sing N N 292 
THR CA  C    sing N N 293 
THR CA  CB   sing N N 294 
THR CA  HA   sing N N 295 
THR C   O    doub N N 296 
THR C   OXT  sing N N 297 
THR CB  OG1  sing N N 298 
THR CB  CG2  sing N N 299 
THR CB  HB   sing N N 300 
THR OG1 HG1  sing N N 301 
THR CG2 HG21 sing N N 302 
THR CG2 HG22 sing N N 303 
THR CG2 HG23 sing N N 304 
THR OXT HXT  sing N N 305 
TRP N   CA   sing N N 306 
TRP N   H    sing N N 307 
TRP N   H2   sing N N 308 
TRP CA  C    sing N N 309 
TRP CA  CB   sing N N 310 
TRP CA  HA   sing N N 311 
TRP C   O    doub N N 312 
TRP C   OXT  sing N N 313 
TRP CB  CG   sing N N 314 
TRP CB  HB2  sing N N 315 
TRP CB  HB3  sing N N 316 
TRP CG  CD1  doub Y N 317 
TRP CG  CD2  sing Y N 318 
TRP CD1 NE1  sing Y N 319 
TRP CD1 HD1  sing N N 320 
TRP CD2 CE2  doub Y N 321 
TRP CD2 CE3  sing Y N 322 
TRP NE1 CE2  sing Y N 323 
TRP NE1 HE1  sing N N 324 
TRP CE2 CZ2  sing Y N 325 
TRP CE3 CZ3  doub Y N 326 
TRP CE3 HE3  sing N N 327 
TRP CZ2 CH2  doub Y N 328 
TRP CZ2 HZ2  sing N N 329 
TRP CZ3 CH2  sing Y N 330 
TRP CZ3 HZ3  sing N N 331 
TRP CH2 HH2  sing N N 332 
TRP OXT HXT  sing N N 333 
TYR N   CA   sing N N 334 
TYR N   H    sing N N 335 
TYR N   H2   sing N N 336 
TYR CA  C    sing N N 337 
TYR CA  CB   sing N N 338 
TYR CA  HA   sing N N 339 
TYR C   O    doub N N 340 
TYR C   OXT  sing N N 341 
TYR CB  CG   sing N N 342 
TYR CB  HB2  sing N N 343 
TYR CB  HB3  sing N N 344 
TYR CG  CD1  doub Y N 345 
TYR CG  CD2  sing Y N 346 
TYR CD1 CE1  sing Y N 347 
TYR CD1 HD1  sing N N 348 
TYR CD2 CE2  doub Y N 349 
TYR CD2 HD2  sing N N 350 
TYR CE1 CZ   doub Y N 351 
TYR CE1 HE1  sing N N 352 
TYR CE2 CZ   sing Y N 353 
TYR CE2 HE2  sing N N 354 
TYR CZ  OH   sing N N 355 
TYR OH  HH   sing N N 356 
TYR OXT HXT  sing N N 357 
VAL N   CA   sing N N 358 
VAL N   H    sing N N 359 
VAL N   H2   sing N N 360 
VAL CA  C    sing N N 361 
VAL CA  CB   sing N N 362 
VAL CA  HA   sing N N 363 
VAL C   O    doub N N 364 
VAL C   OXT  sing N N 365 
VAL CB  CG1  sing N N 366 
VAL CB  CG2  sing N N 367 
VAL CB  HB   sing N N 368 
VAL CG1 HG11 sing N N 369 
VAL CG1 HG12 sing N N 370 
VAL CG1 HG13 sing N N 371 
VAL CG2 HG21 sing N N 372 
VAL CG2 HG22 sing N N 373 
VAL CG2 HG23 sing N N 374 
VAL OXT HXT  sing N N 375 
# 
_atom_sites.entry_id                    2F1W 
_atom_sites.fract_transf_matrix[1][1]   -0.02201911 
_atom_sites.fract_transf_matrix[1][2]   -0.00058321 
_atom_sites.fract_transf_matrix[1][3]   0.00221575 
_atom_sites.fract_transf_matrix[2][1]   -0.00058186 
_atom_sites.fract_transf_matrix[2][2]   -0.01627174 
_atom_sites.fract_transf_matrix[2][3]   -0.01006519 
_atom_sites.fract_transf_matrix[3][1]   0.00155433 
_atom_sites.fract_transf_matrix[3][2]   -0.00826455 
_atom_sites.fract_transf_matrix[3][3]   0.01327090 
_atom_sites.fract_transf_vector[1]      0.066770 
_atom_sites.fract_transf_vector[2]      0.315134 
_atom_sites.fract_transf_vector[3]      0.829951 
# 
loop_
_atom_type.symbol 
C  
CA 
N  
O  
S  
# 
loop_
_atom_site.group_PDB 
_atom_site.id 
_atom_site.type_symbol 
_atom_site.label_atom_id 
_atom_site.label_alt_id 
_atom_site.label_comp_id 
_atom_site.label_asym_id 
_atom_site.label_entity_id 
_atom_site.label_seq_id 
_atom_site.pdbx_PDB_ins_code 
_atom_site.Cartn_x 
_atom_site.Cartn_y 
_atom_site.Cartn_z 
_atom_site.occupancy 
_atom_site.B_iso_or_equiv 
_atom_site.pdbx_formal_charge 
_atom_site.auth_seq_id 
_atom_site.auth_comp_id 
_atom_site.auth_asym_id 
_atom_site.auth_atom_id 
_atom_site.pdbx_PDB_model_num 
ATOM   1    N  N   . THR A 1 15  ? -15.466 -14.299 -3.398  1.00 57.45 ? 63  THR A N   1 
ATOM   2    C  CA  . THR A 1 15  ? -16.324 -13.078 -3.435  1.00 56.04 ? 63  THR A CA  1 
ATOM   3    C  C   . THR A 1 15  ? -15.605 -11.894 -2.792  1.00 50.76 ? 63  THR A C   1 
ATOM   4    O  O   . THR A 1 15  ? -14.476 -12.026 -2.312  1.00 49.45 ? 63  THR A O   1 
ATOM   5    C  CB  . THR A 1 15  ? -17.653 -13.315 -2.691  1.00 60.07 ? 63  THR A CB  1 
ATOM   6    O  OG1 . THR A 1 15  ? -18.476 -12.148 -2.794  1.00 63.98 ? 63  THR A OG1 1 
ATOM   7    C  CG2 . THR A 1 15  ? -17.398 -13.623 -1.222  1.00 61.81 ? 63  THR A CG2 1 
ATOM   8    N  N   . SER A 1 16  ? -16.261 -10.738 -2.789  1.00 44.51 ? 64  SER A N   1 
ATOM   9    C  CA  . SER A 1 16  ? -15.682 -9.538  -2.204  1.00 39.80 ? 64  SER A CA  1 
ATOM   10   C  C   . SER A 1 16  ? -15.546 -9.701  -0.693  1.00 36.03 ? 64  SER A C   1 
ATOM   11   O  O   . SER A 1 16  ? -14.906 -8.884  -0.028  1.00 29.86 ? 64  SER A O   1 
ATOM   12   C  CB  . SER A 1 16  ? -16.554 -8.321  -2.516  1.00 39.05 ? 64  SER A CB  1 
ATOM   13   O  OG  . SER A 1 16  ? -17.822 -8.428  -1.893  1.00 46.24 ? 64  SER A OG  1 
ATOM   14   N  N   . TRP A 1 17  ? -16.150 -10.758 -0.157  1.00 31.19 ? 65  TRP A N   1 
ATOM   15   C  CA  . TRP A 1 17  ? -16.091 -11.027 1.275   1.00 33.26 ? 65  TRP A CA  1 
ATOM   16   C  C   . TRP A 1 17  ? -14.919 -11.928 1.651   1.00 30.09 ? 65  TRP A C   1 
ATOM   17   O  O   . TRP A 1 17  ? -14.837 -12.409 2.780   1.00 32.14 ? 65  TRP A O   1 
ATOM   18   C  CB  . TRP A 1 17  ? -17.393 -11.671 1.758   1.00 38.39 ? 65  TRP A CB  1 
ATOM   19   C  CG  . TRP A 1 17  ? -18.587 -10.788 1.617   1.00 44.64 ? 65  TRP A CG  1 
ATOM   20   C  CD1 . TRP A 1 17  ? -19.325 -10.578 0.488   1.00 46.29 ? 65  TRP A CD1 1 
ATOM   21   C  CD2 . TRP A 1 17  ? -19.157 -9.955  2.629   1.00 47.79 ? 65  TRP A CD2 1 
ATOM   22   N  NE1 . TRP A 1 17  ? -20.329 -9.675  0.738   1.00 48.38 ? 65  TRP A NE1 1 
ATOM   23   C  CE2 . TRP A 1 17  ? -20.259 -9.286  2.055   1.00 48.83 ? 65  TRP A CE2 1 
ATOM   24   C  CE3 . TRP A 1 17  ? -18.869 -9.735  3.986   1.00 50.63 ? 65  TRP A CE3 1 
ATOM   25   C  CZ2 . TRP A 1 17  ? -21.044 -8.376  2.767   1.00 51.74 ? 65  TRP A CZ2 1 
ATOM   26   C  CZ3 . TRP A 1 17  ? -19.653 -8.831  4.698   1.00 52.62 ? 65  TRP A CZ3 1 
ATOM   27   C  CH2 . TRP A 1 17  ? -20.738 -8.178  4.090   1.00 52.60 ? 65  TRP A CH2 1 
ATOM   28   N  N   . ARG A 1 18  ? -14.015 -12.162 0.704   1.00 27.57 ? 66  ARG A N   1 
ATOM   29   C  CA  . ARG A 1 18  ? -12.849 -12.996 0.968   1.00 23.94 ? 66  ARG A CA  1 
ATOM   30   C  C   . ARG A 1 18  ? -12.071 -12.417 2.149   1.00 21.42 ? 66  ARG A C   1 
ATOM   31   O  O   . ARG A 1 18  ? -12.134 -11.215 2.409   1.00 19.64 ? 66  ARG A O   1 
ATOM   32   C  CB  . ARG A 1 18  ? -11.959 -13.057 -0.272  1.00 24.83 ? 66  ARG A CB  1 
ATOM   33   C  CG  . ARG A 1 18  ? -11.598 -11.698 -0.824  1.00 26.70 ? 66  ARG A CG  1 
ATOM   34   C  CD  . ARG A 1 18  ? -10.817 -11.822 -2.115  1.00 30.69 ? 66  ARG A CD  1 
ATOM   35   N  NE  . ARG A 1 18  ? -10.579 -10.513 -2.708  1.00 33.45 ? 66  ARG A NE  1 
ATOM   36   C  CZ  . ARG A 1 18  ? -9.892  -10.310 -3.826  1.00 36.66 ? 66  ARG A CZ  1 
ATOM   37   N  NH1 . ARG A 1 18  ? -9.733  -9.075  -4.283  1.00 35.10 ? 66  ARG A NH1 1 
ATOM   38   N  NH2 . ARG A 1 18  ? -9.366  -11.335 -4.484  1.00 36.53 ? 66  ARG A NH2 1 
ATOM   39   N  N   . SER A 1 19  ? -11.335 -13.272 2.855   1.00 19.68 ? 67  SER A N   1 
ATOM   40   C  CA  . SER A 1 19  ? -10.569 -12.849 4.025   1.00 19.65 ? 67  SER A CA  1 
ATOM   41   C  C   . SER A 1 19  ? -9.185  -12.289 3.708   1.00 19.04 ? 67  SER A C   1 
ATOM   42   O  O   . SER A 1 19  ? -8.538  -11.694 4.570   1.00 16.36 ? 67  SER A O   1 
ATOM   43   C  CB  . SER A 1 19  ? -10.424 -14.018 4.998   1.00 21.20 ? 67  SER A CB  1 
ATOM   44   O  OG  . SER A 1 19  ? -9.738  -15.096 4.389   1.00 24.28 ? 67  SER A OG  1 
ATOM   45   N  N   . GLU A 1 20  ? -8.721  -12.489 2.481   1.00 16.64 ? 68  GLU A N   1 
ATOM   46   C  CA  . GLU A 1 20  ? -7.413  -11.984 2.096   1.00 15.89 ? 68  GLU A CA  1 
ATOM   47   C  C   . GLU A 1 20  ? -7.298  -11.858 0.590   1.00 16.90 ? 68  GLU A C   1 
ATOM   48   O  O   . GLU A 1 20  ? -8.079  -12.445 -0.158  1.00 16.67 ? 68  GLU A O   1 
ATOM   49   C  CB  . GLU A 1 20  ? -6.304  -12.900 2.619   1.00 17.73 ? 68  GLU A CB  1 
ATOM   50   C  CG  . GLU A 1 20  ? -6.383  -14.328 2.109   1.00 21.64 ? 68  GLU A CG  1 
ATOM   51   C  CD  . GLU A 1 20  ? -5.223  -15.182 2.584   1.00 23.42 ? 68  GLU A CD  1 
ATOM   52   O  OE1 . GLU A 1 20  ? -5.032  -15.308 3.811   1.00 25.97 ? 68  GLU A OE1 1 
ATOM   53   O  OE2 . GLU A 1 20  ? -4.503  -15.731 1.727   1.00 29.64 ? 68  GLU A OE2 1 
ATOM   54   N  N   . ALA A 1 21  ? -6.310  -11.088 0.152   1.00 16.40 ? 69  ALA A N   1 
ATOM   55   C  CA  . ALA A 1 21  ? -6.077  -10.883 -1.265  1.00 15.83 ? 69  ALA A CA  1 
ATOM   56   C  C   . ALA A 1 21  ? -4.739  -10.204 -1.491  1.00 16.34 ? 69  ALA A C   1 
ATOM   57   O  O   . ALA A 1 21  ? -4.157  -9.611  -0.574  1.00 14.43 ? 69  ALA A O   1 
ATOM   58   C  CB  . ALA A 1 21  ? -7.197  -10.031 -1.864  1.00 16.88 ? 69  ALA A CB  1 
ATOM   59   N  N   . THR A 1 22  ? -4.249  -10.316 -2.719  1.00 15.47 ? 70  THR A N   1 
ATOM   60   C  CA  . THR A 1 22  ? -2.999  -9.691  -3.117  1.00 15.06 ? 70  THR A CA  1 
ATOM   61   C  C   . THR A 1 22  ? -3.332  -8.853  -4.339  1.00 17.23 ? 70  THR A C   1 
ATOM   62   O  O   . THR A 1 22  ? -3.934  -9.358  -5.290  1.00 17.44 ? 70  THR A O   1 
ATOM   63   C  CB  . THR A 1 22  ? -1.938  -10.730 -3.525  1.00 16.64 ? 70  THR A CB  1 
ATOM   64   O  OG1 . THR A 1 22  ? -1.627  -11.559 -2.400  1.00 16.88 ? 70  THR A OG1 1 
ATOM   65   C  CG2 . THR A 1 22  ? -0.670  -10.033 -4.011  1.00 16.29 ? 70  THR A CG2 1 
ATOM   66   N  N   . PHE A 1 23  ? -2.967  -7.575  -4.314  1.00 12.76 ? 71  PHE A N   1 
ATOM   67   C  CA  . PHE A 1 23  ? -3.241  -6.716  -5.458  1.00 12.90 ? 71  PHE A CA  1 
ATOM   68   C  C   . PHE A 1 23  ? -2.077  -5.789  -5.766  1.00 13.40 ? 71  PHE A C   1 
ATOM   69   O  O   . PHE A 1 23  ? -1.283  -5.462  -4.885  1.00 13.79 ? 71  PHE A O   1 
ATOM   70   C  CB  . PHE A 1 23  ? -4.558  -5.938  -5.260  1.00 12.93 ? 71  PHE A CB  1 
ATOM   71   C  CG  . PHE A 1 23  ? -4.558  -4.919  -4.144  1.00 13.15 ? 71  PHE A CG  1 
ATOM   72   C  CD1 . PHE A 1 23  ? -4.462  -3.558  -4.431  1.00 15.36 ? 71  PHE A CD1 1 
ATOM   73   C  CD2 . PHE A 1 23  ? -4.693  -5.311  -2.812  1.00 13.64 ? 71  PHE A CD2 1 
ATOM   74   C  CE1 . PHE A 1 23  ? -4.557  -2.596  -3.417  1.00 15.26 ? 71  PHE A CE1 1 
ATOM   75   C  CE2 . PHE A 1 23  ? -4.788  -4.358  -1.789  1.00 13.90 ? 71  PHE A CE2 1 
ATOM   76   C  CZ  . PHE A 1 23  ? -4.700  -3.001  -2.090  1.00 15.60 ? 71  PHE A CZ  1 
ATOM   77   N  N   . GLN A 1 24  ? -1.954  -5.403  -7.033  1.00 14.30 ? 72  GLN A N   1 
ATOM   78   C  CA  . GLN A 1 24  ? -0.865  -4.531  -7.455  1.00 13.59 ? 72  GLN A CA  1 
ATOM   79   C  C   . GLN A 1 24  ? -1.373  -3.218  -8.025  1.00 13.34 ? 72  GLN A C   1 
ATOM   80   O  O   . GLN A 1 24  ? -2.511  -3.116  -8.474  1.00 14.20 ? 72  GLN A O   1 
ATOM   81   C  CB  . GLN A 1 24  ? 0.004   -5.209  -8.520  1.00 14.31 ? 72  GLN A CB  1 
ATOM   82   C  CG  . GLN A 1 24  ? 0.549   -6.588  -8.162  1.00 16.64 ? 72  GLN A CG  1 
ATOM   83   C  CD  . GLN A 1 24  ? -0.485  -7.681  -8.326  1.00 17.51 ? 72  GLN A CD  1 
ATOM   84   O  OE1 . GLN A 1 24  ? -1.367  -7.591  -9.178  1.00 19.93 ? 72  GLN A OE1 1 
ATOM   85   N  NE2 . GLN A 1 24  ? -0.371  -8.731  -7.521  1.00 22.23 ? 72  GLN A NE2 1 
ATOM   86   N  N   . PHE A 1 25  ? -0.493  -2.226  -8.018  1.00 12.64 ? 73  PHE A N   1 
ATOM   87   C  CA  . PHE A 1 25  ? -0.798  -0.900  -8.526  1.00 13.24 ? 73  PHE A CA  1 
ATOM   88   C  C   . PHE A 1 25  ? 0.468   -0.384  -9.195  1.00 12.46 ? 73  PHE A C   1 
ATOM   89   O  O   . PHE A 1 25  ? 1.499   -0.200  -8.542  1.00 12.61 ? 73  PHE A O   1 
ATOM   90   C  CB  . PHE A 1 25  ? -1.217  0.002   -7.356  1.00 14.57 ? 73  PHE A CB  1 
ATOM   91   C  CG  . PHE A 1 25  ? -1.437  1.444   -7.721  1.00 16.20 ? 73  PHE A CG  1 
ATOM   92   C  CD1 . PHE A 1 25  ? -2.086  1.797   -8.899  1.00 16.74 ? 73  PHE A CD1 1 
ATOM   93   C  CD2 . PHE A 1 25  ? -1.012  2.455   -6.864  1.00 16.76 ? 73  PHE A CD2 1 
ATOM   94   C  CE1 . PHE A 1 25  ? -2.344  3.139   -9.197  1.00 16.36 ? 73  PHE A CE1 1 
ATOM   95   C  CE2 . PHE A 1 25  ? -1.267  3.794   -7.154  1.00 19.17 ? 73  PHE A CE2 1 
ATOM   96   C  CZ  . PHE A 1 25  ? -1.920  4.135   -8.332  1.00 18.87 ? 73  PHE A CZ  1 
ATOM   97   N  N   . THR A 1 26  ? 0.399   -0.182  -10.507 1.00 13.51 ? 74  THR A N   1 
ATOM   98   C  CA  . THR A 1 26  ? 1.545   0.316   -11.251 1.00 12.18 ? 74  THR A CA  1 
ATOM   99   C  C   . THR A 1 26  ? 1.405   1.814   -11.487 1.00 13.91 ? 74  THR A C   1 
ATOM   100  O  O   . THR A 1 26  ? 0.456   2.268   -12.128 1.00 17.53 ? 74  THR A O   1 
ATOM   101  C  CB  . THR A 1 26  ? 1.683   -0.399  -12.611 1.00 12.40 ? 74  THR A CB  1 
ATOM   102  O  OG1 . THR A 1 26  ? 1.941   -1.789  -12.389 1.00 14.28 ? 74  THR A OG1 1 
ATOM   103  C  CG2 . THR A 1 26  ? 2.833   0.197   -13.416 1.00 16.51 ? 74  THR A CG2 1 
ATOM   104  N  N   . VAL A 1 27  ? 2.345   2.576   -10.940 1.00 15.25 ? 75  VAL A N   1 
ATOM   105  C  CA  . VAL A 1 27  ? 2.343   4.024   -11.100 1.00 15.43 ? 75  VAL A CA  1 
ATOM   106  C  C   . VAL A 1 27  ? 3.218   4.369   -12.297 1.00 17.72 ? 75  VAL A C   1 
ATOM   107  O  O   . VAL A 1 27  ? 4.424   4.123   -12.282 1.00 17.14 ? 75  VAL A O   1 
ATOM   108  C  CB  . VAL A 1 27  ? 2.900   4.723   -9.848  1.00 15.96 ? 75  VAL A CB  1 
ATOM   109  C  CG1 . VAL A 1 27  ? 2.936   6.229   -10.066 1.00 16.12 ? 75  VAL A CG1 1 
ATOM   110  C  CG2 . VAL A 1 27  ? 2.027   4.394   -8.643  1.00 15.17 ? 75  VAL A CG2 1 
ATOM   111  N  N   . GLU A 1 28  ? 2.600   4.933   -13.331 1.00 19.53 ? 76  GLU A N   1 
ATOM   112  C  CA  . GLU A 1 28  ? 3.317   5.303   -14.547 1.00 24.17 ? 76  GLU A CA  1 
ATOM   113  C  C   . GLU A 1 28  ? 3.906   6.708   -14.451 1.00 22.41 ? 76  GLU A C   1 
ATOM   114  O  O   . GLU A 1 28  ? 3.515   7.494   -13.586 1.00 22.34 ? 76  GLU A O   1 
ATOM   115  C  CB  . GLU A 1 28  ? 2.375   5.203   -15.749 1.00 27.90 ? 76  GLU A CB  1 
ATOM   116  C  CG  . GLU A 1 28  ? 1.772   3.812   -15.923 1.00 36.61 ? 76  GLU A CG  1 
ATOM   117  C  CD  . GLU A 1 28  ? 0.847   3.709   -17.122 1.00 41.65 ? 76  GLU A CD  1 
ATOM   118  O  OE1 . GLU A 1 28  ? 0.268   2.622   -17.331 1.00 43.97 ? 76  GLU A OE1 1 
ATOM   119  O  OE2 . GLU A 1 28  ? 0.701   4.711   -17.853 1.00 45.49 ? 76  GLU A OE2 1 
ATOM   120  N  N   . ARG A 1 29  ? 4.847   7.016   -15.342 1.00 23.49 ? 77  ARG A N   1 
ATOM   121  C  CA  . ARG A 1 29  ? 5.506   8.318   -15.350 1.00 24.20 ? 77  ARG A CA  1 
ATOM   122  C  C   . ARG A 1 29  ? 5.882   8.656   -13.912 1.00 20.79 ? 77  ARG A C   1 
ATOM   123  O  O   . ARG A 1 29  ? 5.678   9.775   -13.440 1.00 19.77 ? 77  ARG A O   1 
ATOM   124  C  CB  . ARG A 1 29  ? 4.563   9.378   -15.926 1.00 30.95 ? 77  ARG A CB  1 
ATOM   125  C  CG  . ARG A 1 29  ? 4.124   9.072   -17.350 1.00 39.37 ? 77  ARG A CG  1 
ATOM   126  C  CD  . ARG A 1 29  ? 3.180   10.128  -17.900 1.00 48.45 ? 77  ARG A CD  1 
ATOM   127  N  NE  . ARG A 1 29  ? 2.739   9.800   -19.255 1.00 56.32 ? 77  ARG A NE  1 
ATOM   128  C  CZ  . ARG A 1 29  ? 1.897   10.539  -19.971 1.00 60.30 ? 77  ARG A CZ  1 
ATOM   129  N  NH1 . ARG A 1 29  ? 1.395   11.657  -19.466 1.00 62.25 ? 77  ARG A NH1 1 
ATOM   130  N  NH2 . ARG A 1 29  ? 1.554   10.155  -21.193 1.00 62.19 ? 77  ARG A NH2 1 
ATOM   131  N  N   . PHE A 1 30  ? 6.441   7.663   -13.229 1.00 18.29 ? 78  PHE A N   1 
ATOM   132  C  CA  . PHE A 1 30  ? 6.829   7.791   -11.834 1.00 18.35 ? 78  PHE A CA  1 
ATOM   133  C  C   . PHE A 1 30  ? 7.754   8.959   -11.530 1.00 20.18 ? 78  PHE A C   1 
ATOM   134  O  O   . PHE A 1 30  ? 7.569   9.656   -10.532 1.00 20.64 ? 78  PHE A O   1 
ATOM   135  C  CB  . PHE A 1 30  ? 7.494   6.499   -11.354 1.00 18.02 ? 78  PHE A CB  1 
ATOM   136  C  CG  . PHE A 1 30  ? 7.648   6.429   -9.865  1.00 16.82 ? 78  PHE A CG  1 
ATOM   137  C  CD1 . PHE A 1 30  ? 6.585   6.022   -9.064  1.00 19.27 ? 78  PHE A CD1 1 
ATOM   138  C  CD2 . PHE A 1 30  ? 8.846   6.788   -9.258  1.00 16.10 ? 78  PHE A CD2 1 
ATOM   139  C  CE1 . PHE A 1 30  ? 6.705   5.993   -7.676  1.00 19.01 ? 78  PHE A CE1 1 
ATOM   140  C  CE2 . PHE A 1 30  ? 8.976   6.762   -7.870  1.00 18.97 ? 78  PHE A CE2 1 
ATOM   141  C  CZ  . PHE A 1 30  ? 7.908   6.356   -7.079  1.00 18.95 ? 78  PHE A CZ  1 
ATOM   142  N  N   . SER A 1 31  ? 8.757   9.166   -12.376 1.00 20.97 ? 79  SER A N   1 
ATOM   143  C  CA  . SER A 1 31  ? 9.710   10.247  -12.165 1.00 22.50 ? 79  SER A CA  1 
ATOM   144  C  C   . SER A 1 31  ? 9.031   11.612  -12.106 1.00 22.79 ? 79  SER A C   1 
ATOM   145  O  O   . SER A 1 31  ? 9.588   12.565  -11.563 1.00 24.41 ? 79  SER A O   1 
ATOM   146  C  CB  . SER A 1 31  ? 10.758  10.245  -13.281 1.00 23.56 ? 79  SER A CB  1 
ATOM   147  O  OG  . SER A 1 31  ? 10.145  10.446  -14.539 1.00 22.65 ? 79  SER A OG  1 
ATOM   148  N  N   . ARG A 1 32  ? 7.826   11.701  -12.657 1.00 24.37 ? 80  ARG A N   1 
ATOM   149  C  CA  . ARG A 1 32  ? 7.086   12.959  -12.684 1.00 28.12 ? 80  ARG A CA  1 
ATOM   150  C  C   . ARG A 1 32  ? 5.994   13.053  -11.620 1.00 27.07 ? 80  ARG A C   1 
ATOM   151  O  O   . ARG A 1 32  ? 5.303   14.070  -11.531 1.00 25.80 ? 80  ARG A O   1 
ATOM   152  C  CB  . ARG A 1 32  ? 6.456   13.152  -14.064 1.00 34.79 ? 80  ARG A CB  1 
ATOM   153  C  CG  . ARG A 1 32  ? 7.425   12.978  -15.217 1.00 46.54 ? 80  ARG A CG  1 
ATOM   154  C  CD  . ARG A 1 32  ? 6.682   12.881  -16.537 1.00 56.98 ? 80  ARG A CD  1 
ATOM   155  N  NE  . ARG A 1 32  ? 7.556   12.459  -17.627 1.00 65.21 ? 80  ARG A NE  1 
ATOM   156  C  CZ  . ARG A 1 32  ? 7.132   12.161  -18.851 1.00 68.77 ? 80  ARG A CZ  1 
ATOM   157  N  NH1 . ARG A 1 32  ? 5.841   12.236  -19.145 1.00 70.07 ? 80  ARG A NH1 1 
ATOM   158  N  NH2 . ARG A 1 32  ? 8.000   11.782  -19.780 1.00 71.39 ? 80  ARG A NH2 1 
ATOM   159  N  N   . LEU A 1 33  ? 5.831   12.003  -10.819 1.00 23.26 ? 81  LEU A N   1 
ATOM   160  C  CA  . LEU A 1 33  ? 4.802   12.008  -9.780  1.00 21.11 ? 81  LEU A CA  1 
ATOM   161  C  C   . LEU A 1 33  ? 4.960   13.223  -8.873  1.00 22.32 ? 81  LEU A C   1 
ATOM   162  O  O   . LEU A 1 33  ? 6.010   13.414  -8.257  1.00 21.90 ? 81  LEU A O   1 
ATOM   163  C  CB  . LEU A 1 33  ? 4.871   10.723  -8.947  1.00 19.47 ? 81  LEU A CB  1 
ATOM   164  C  CG  . LEU A 1 33  ? 3.798   10.575  -7.858  1.00 19.20 ? 81  LEU A CG  1 
ATOM   165  C  CD1 . LEU A 1 33  ? 2.412   10.620  -8.484  1.00 21.36 ? 81  LEU A CD1 1 
ATOM   166  C  CD2 . LEU A 1 33  ? 3.994   9.264   -7.113  1.00 17.67 ? 81  LEU A CD2 1 
ATOM   167  N  N   . SER A 1 34  ? 3.910   14.036  -8.789  1.00 23.24 ? 82  SER A N   1 
ATOM   168  C  CA  . SER A 1 34  ? 3.943   15.244  -7.971  1.00 24.64 ? 82  SER A CA  1 
ATOM   169  C  C   . SER A 1 34  ? 2.746   15.367  -7.030  1.00 24.03 ? 82  SER A C   1 
ATOM   170  O  O   . SER A 1 34  ? 2.370   16.472  -6.633  1.00 23.85 ? 82  SER A O   1 
ATOM   171  C  CB  . SER A 1 34  ? 3.998   16.478  -8.874  1.00 26.16 ? 82  SER A CB  1 
ATOM   172  O  OG  . SER A 1 34  ? 2.809   16.595  -9.633  1.00 32.27 ? 82  SER A OG  1 
ATOM   173  N  N   . GLU A 1 35  ? 2.145   14.234  -6.688  1.00 19.83 ? 83  GLU A N   1 
ATOM   174  C  CA  . GLU A 1 35  ? 1.003   14.213  -5.786  1.00 21.29 ? 83  GLU A CA  1 
ATOM   175  C  C   . GLU A 1 35  ? 0.787   12.792  -5.299  1.00 18.16 ? 83  GLU A C   1 
ATOM   176  O  O   . GLU A 1 35  ? 1.528   11.878  -5.662  1.00 17.14 ? 83  GLU A O   1 
ATOM   177  C  CB  . GLU A 1 35  ? -0.268  14.691  -6.494  1.00 23.65 ? 83  GLU A CB  1 
ATOM   178  C  CG  . GLU A 1 35  ? -0.742  13.775  -7.613  1.00 32.00 ? 83  GLU A CG  1 
ATOM   179  C  CD  . GLU A 1 35  ? -2.201  13.998  -7.975  1.00 39.04 ? 83  GLU A CD  1 
ATOM   180  O  OE1 . GLU A 1 35  ? -2.641  13.493  -9.031  1.00 41.82 ? 83  GLU A OE1 1 
ATOM   181  O  OE2 . GLU A 1 35  ? -2.913  14.670  -7.200  1.00 41.12 ? 83  GLU A OE2 1 
ATOM   182  N  N   . SER A 1 36  ? -0.228  12.614  -4.466  1.00 16.26 ? 84  SER A N   1 
ATOM   183  C  CA  . SER A 1 36  ? -0.546  11.297  -3.947  1.00 14.10 ? 84  SER A CA  1 
ATOM   184  C  C   . SER A 1 36  ? -1.520  10.637  -4.909  1.00 17.25 ? 84  SER A C   1 
ATOM   185  O  O   . SER A 1 36  ? -2.450  11.274  -5.375  1.00 17.33 ? 84  SER A O   1 
ATOM   186  C  CB  . SER A 1 36  ? -1.185  11.419  -2.563  1.00 14.96 ? 84  SER A CB  1 
ATOM   187  O  OG  . SER A 1 36  ? -1.520  10.142  -2.054  1.00 16.03 ? 84  SER A OG  1 
ATOM   188  N  N   . VAL A 1 37  ? -1.304  9.369   -5.227  1.00 16.00 ? 85  VAL A N   1 
ATOM   189  C  CA  . VAL A 1 37  ? -2.209  8.677   -6.137  1.00 16.34 ? 85  VAL A CA  1 
ATOM   190  C  C   . VAL A 1 37  ? -2.722  7.398   -5.492  1.00 16.61 ? 85  VAL A C   1 
ATOM   191  O  O   . VAL A 1 37  ? -2.016  6.765   -4.709  1.00 16.58 ? 85  VAL A O   1 
ATOM   192  C  CB  . VAL A 1 37  ? -1.524  8.356   -7.495  1.00 16.41 ? 85  VAL A CB  1 
ATOM   193  C  CG1 . VAL A 1 37  ? -1.290  9.648   -8.264  1.00 16.65 ? 85  VAL A CG1 1 
ATOM   194  C  CG2 . VAL A 1 37  ? -0.203  7.625   -7.274  1.00 14.84 ? 85  VAL A CG2 1 
ATOM   195  N  N   . LEU A 1 38  ? -3.960  7.038   -5.819  1.00 16.79 ? 86  LEU A N   1 
ATOM   196  C  CA  . LEU A 1 38  ? -4.604  5.854   -5.263  1.00 16.22 ? 86  LEU A CA  1 
ATOM   197  C  C   . LEU A 1 38  ? -4.894  4.798   -6.314  1.00 17.11 ? 86  LEU A C   1 
ATOM   198  O  O   . LEU A 1 38  ? -5.243  5.108   -7.451  1.00 17.73 ? 86  LEU A O   1 
ATOM   199  C  CB  . LEU A 1 38  ? -5.927  6.240   -4.591  1.00 19.69 ? 86  LEU A CB  1 
ATOM   200  C  CG  . LEU A 1 38  ? -5.931  6.899   -3.207  1.00 27.11 ? 86  LEU A CG  1 
ATOM   201  C  CD1 . LEU A 1 38  ? -5.628  5.852   -2.157  1.00 30.82 ? 86  LEU A CD1 1 
ATOM   202  C  CD2 . LEU A 1 38  ? -4.930  8.041   -3.152  1.00 32.12 ? 86  LEU A CD2 1 
ATOM   203  N  N   . SER A 1 39  ? -4.763  3.542   -5.912  1.00 13.83 ? 87  SER A N   1 
ATOM   204  C  CA  . SER A 1 39  ? -5.030  2.418   -6.796  1.00 15.11 ? 87  SER A CA  1 
ATOM   205  C  C   . SER A 1 39  ? -6.531  2.171   -6.821  1.00 13.97 ? 87  SER A C   1 
ATOM   206  O  O   . SER A 1 39  ? -7.273  2.732   -6.020  1.00 14.35 ? 87  SER A O   1 
ATOM   207  C  CB  . SER A 1 39  ? -4.369  1.155   -6.240  1.00 14.26 ? 87  SER A CB  1 
ATOM   208  O  OG  . SER A 1 39  ? -5.109  0.667   -5.123  1.00 14.50 ? 87  SER A OG  1 
ATOM   209  N  N   . PRO A 1 40  ? -7.004  1.346   -7.767  1.00 14.80 ? 88  PRO A N   1 
ATOM   210  C  CA  . PRO A 1 40  ? -8.442  1.086   -7.769  1.00 15.68 ? 88  PRO A CA  1 
ATOM   211  C  C   . PRO A 1 40  ? -8.671  0.233   -6.515  1.00 18.23 ? 88  PRO A C   1 
ATOM   212  O  O   . PRO A 1 40  ? -7.714  -0.293  -5.933  1.00 14.71 ? 88  PRO A O   1 
ATOM   213  C  CB  . PRO A 1 40  ? -8.663  0.321   -9.076  1.00 18.14 ? 88  PRO A CB  1 
ATOM   214  C  CG  . PRO A 1 40  ? -7.335  -0.285  -9.371  1.00 23.14 ? 88  PRO A CG  1 
ATOM   215  C  CD  . PRO A 1 40  ? -6.359  0.790   -8.968  1.00 16.45 ? 88  PRO A CD  1 
ATOM   216  N  N   . PRO A 1 41  ? -9.926  0.084   -6.078  1.00 16.17 ? 89  PRO A N   1 
ATOM   217  C  CA  . PRO A 1 41  ? -10.191 -0.709  -4.879  1.00 15.41 ? 89  PRO A CA  1 
ATOM   218  C  C   . PRO A 1 41  ? -10.151 -2.224  -5.038  1.00 14.34 ? 89  PRO A C   1 
ATOM   219  O  O   . PRO A 1 41  ? -10.641 -2.772  -6.025  1.00 16.27 ? 89  PRO A O   1 
ATOM   220  C  CB  . PRO A 1 41  ? -11.571 -0.220  -4.455  1.00 16.46 ? 89  PRO A CB  1 
ATOM   221  C  CG  . PRO A 1 41  ? -12.244 -0.011  -5.783  1.00 15.69 ? 89  PRO A CG  1 
ATOM   222  C  CD  . PRO A 1 41  ? -11.166 0.694   -6.593  1.00 17.42 ? 89  PRO A CD  1 
ATOM   223  N  N   . CYS A 1 42  ? -9.547  -2.885  -4.056  1.00 11.42 ? 90  CYS A N   1 
ATOM   224  C  CA  . CYS A 1 42  ? -9.473  -4.337  -4.011  1.00 12.45 ? 90  CYS A CA  1 
ATOM   225  C  C   . CYS A 1 42  ? -10.336 -4.705  -2.809  1.00 14.42 ? 90  CYS A C   1 
ATOM   226  O  O   . CYS A 1 42  ? -10.070 -4.264  -1.690  1.00 14.56 ? 90  CYS A O   1 
ATOM   227  C  CB  . CYS A 1 42  ? -8.036  -4.804  -3.784  1.00 13.68 ? 90  CYS A CB  1 
ATOM   228  S  SG  . CYS A 1 42  ? -7.902  -6.583  -3.527  1.00 16.83 ? 90  CYS A SG  1 
ATOM   229  N  N   . PHE A 1 43  ? -11.373 -5.504  -3.031  1.00 13.45 ? 91  PHE A N   1 
ATOM   230  C  CA  . PHE A 1 43  ? -12.254 -5.862  -1.930  1.00 15.19 ? 91  PHE A CA  1 
ATOM   231  C  C   . PHE A 1 43  ? -11.878 -7.088  -1.115  1.00 15.62 ? 91  PHE A C   1 
ATOM   232  O  O   . PHE A 1 43  ? -11.641 -8.172  -1.647  1.00 16.89 ? 91  PHE A O   1 
ATOM   233  C  CB  . PHE A 1 43  ? -13.695 -6.005  -2.434  1.00 15.69 ? 91  PHE A CB  1 
ATOM   234  C  CG  . PHE A 1 43  ? -14.283 -4.717  -2.936  1.00 16.94 ? 91  PHE A CG  1 
ATOM   235  C  CD1 . PHE A 1 43  ? -14.069 -4.304  -4.247  1.00 17.93 ? 91  PHE A CD1 1 
ATOM   236  C  CD2 . PHE A 1 43  ? -15.019 -3.897  -2.085  1.00 18.19 ? 91  PHE A CD2 1 
ATOM   237  C  CE1 . PHE A 1 43  ? -14.576 -3.086  -4.705  1.00 20.09 ? 91  PHE A CE1 1 
ATOM   238  C  CE2 . PHE A 1 43  ? -15.528 -2.679  -2.531  1.00 18.98 ? 91  PHE A CE2 1 
ATOM   239  C  CZ  . PHE A 1 43  ? -15.306 -2.274  -3.845  1.00 19.35 ? 91  PHE A CZ  1 
ATOM   240  N  N   . VAL A 1 44  ? -11.815 -6.877  0.197   1.00 12.94 ? 92  VAL A N   1 
ATOM   241  C  CA  . VAL A 1 44  ? -11.517 -7.916  1.172   1.00 14.76 ? 92  VAL A CA  1 
ATOM   242  C  C   . VAL A 1 44  ? -12.448 -7.623  2.347   1.00 14.96 ? 92  VAL A C   1 
ATOM   243  O  O   . VAL A 1 44  ? -12.532 -6.483  2.810   1.00 13.27 ? 92  VAL A O   1 
ATOM   244  C  CB  . VAL A 1 44  ? -10.044 -7.868  1.623   1.00 15.25 ? 92  VAL A CB  1 
ATOM   245  C  CG1 . VAL A 1 44  ? -9.831  -8.794  2.813   1.00 15.47 ? 92  VAL A CG1 1 
ATOM   246  C  CG2 . VAL A 1 44  ? -9.146  -8.282  0.469   1.00 15.77 ? 92  VAL A CG2 1 
ATOM   247  N  N   . ARG A 1 45  ? -13.158 -8.647  2.812   1.00 15.27 ? 93  ARG A N   1 
ATOM   248  C  CA  . ARG A 1 45  ? -14.127 -8.499  3.901   1.00 15.21 ? 93  ARG A CA  1 
ATOM   249  C  C   . ARG A 1 45  ? -15.154 -7.431  3.521   1.00 15.85 ? 93  ARG A C   1 
ATOM   250  O  O   . ARG A 1 45  ? -15.631 -6.671  4.359   1.00 14.83 ? 93  ARG A O   1 
ATOM   251  C  CB  . ARG A 1 45  ? -13.436 -8.122  5.217   1.00 15.80 ? 93  ARG A CB  1 
ATOM   252  C  CG  . ARG A 1 45  ? -12.544 -9.210  5.793   1.00 17.19 ? 93  ARG A CG  1 
ATOM   253  C  CD  . ARG A 1 45  ? -13.317 -10.494 6.085   1.00 16.92 ? 93  ARG A CD  1 
ATOM   254  N  NE  . ARG A 1 45  ? -12.499 -11.452 6.823   1.00 17.23 ? 93  ARG A NE  1 
ATOM   255  C  CZ  . ARG A 1 45  ? -12.915 -12.647 7.231   1.00 21.16 ? 93  ARG A CZ  1 
ATOM   256  N  NH1 . ARG A 1 45  ? -14.152 -13.053 6.972   1.00 22.88 ? 93  ARG A NH1 1 
ATOM   257  N  NH2 . ARG A 1 45  ? -12.091 -13.433 7.910   1.00 23.10 ? 93  ARG A NH2 1 
ATOM   258  N  N   . ASN A 1 46  ? -15.479 -7.390  2.232   1.00 17.73 ? 94  ASN A N   1 
ATOM   259  C  CA  . ASN A 1 46  ? -16.444 -6.450  1.682   1.00 19.21 ? 94  ASN A CA  1 
ATOM   260  C  C   . ASN A 1 46  ? -16.089 -4.979  1.883   1.00 18.23 ? 94  ASN A C   1 
ATOM   261  O  O   . ASN A 1 46  ? -16.957 -4.111  1.829   1.00 19.53 ? 94  ASN A O   1 
ATOM   262  C  CB  . ASN A 1 46  ? -17.838 -6.734  2.249   1.00 23.85 ? 94  ASN A CB  1 
ATOM   263  C  CG  . ASN A 1 46  ? -18.939 -6.142  1.392   1.00 31.60 ? 94  ASN A CG  1 
ATOM   264  O  OD1 . ASN A 1 46  ? -18.920 -6.273  0.164   1.00 31.60 ? 94  ASN A OD1 1 
ATOM   265  N  ND2 . ASN A 1 46  ? -19.907 -5.495  2.030   1.00 33.97 ? 94  ASN A ND2 1 
ATOM   266  N  N   . LEU A 1 47  ? -14.811 -4.701  2.116   1.00 13.86 ? 95  LEU A N   1 
ATOM   267  C  CA  . LEU A 1 47  ? -14.343 -3.329  2.281   1.00 15.56 ? 95  LEU A CA  1 
ATOM   268  C  C   . LEU A 1 47  ? -13.354 -3.018  1.156   1.00 14.56 ? 95  LEU A C   1 
ATOM   269  O  O   . LEU A 1 47  ? -12.619 -3.897  0.705   1.00 15.20 ? 95  LEU A O   1 
ATOM   270  C  CB  . LEU A 1 47  ? -13.648 -3.150  3.635   1.00 16.66 ? 95  LEU A CB  1 
ATOM   271  C  CG  . LEU A 1 47  ? -14.534 -3.240  4.878   1.00 18.58 ? 95  LEU A CG  1 
ATOM   272  C  CD1 . LEU A 1 47  ? -13.674 -3.205  6.130   1.00 17.06 ? 95  LEU A CD1 1 
ATOM   273  C  CD2 . LEU A 1 47  ? -15.527 -2.081  4.873   1.00 19.42 ? 95  LEU A CD2 1 
ATOM   274  N  N   . PRO A 1 48  ? -13.332 -1.761  0.683   1.00 14.59 ? 96  PRO A N   1 
ATOM   275  C  CA  . PRO A 1 48  ? -12.409 -1.388  -0.393  1.00 15.01 ? 96  PRO A CA  1 
ATOM   276  C  C   . PRO A 1 48  ? -11.024 -1.004  0.117   1.00 15.90 ? 96  PRO A C   1 
ATOM   277  O  O   . PRO A 1 48  ? -10.873 -0.036  0.863   1.00 15.94 ? 96  PRO A O   1 
ATOM   278  C  CB  . PRO A 1 48  ? -13.121 -0.217  -1.061  1.00 15.10 ? 96  PRO A CB  1 
ATOM   279  C  CG  . PRO A 1 48  ? -13.781 0.464   0.099   1.00 16.95 ? 96  PRO A CG  1 
ATOM   280  C  CD  . PRO A 1 48  ? -14.329 -0.697  0.914   1.00 16.42 ? 96  PRO A CD  1 
ATOM   281  N  N   . TRP A 1 49  ? -10.015 -1.771  -0.283  1.00 12.72 ? 97  TRP A N   1 
ATOM   282  C  CA  . TRP A 1 49  ? -8.644  -1.489  0.116   1.00 11.55 ? 97  TRP A CA  1 
ATOM   283  C  C   . TRP A 1 49  ? -7.900  -0.877  -1.066  1.00 13.65 ? 97  TRP A C   1 
ATOM   284  O  O   . TRP A 1 49  ? -8.078  -1.298  -2.210  1.00 12.09 ? 97  TRP A O   1 
ATOM   285  C  CB  . TRP A 1 49  ? -7.936  -2.767  0.573   1.00 13.29 ? 97  TRP A CB  1 
ATOM   286  C  CG  . TRP A 1 49  ? -8.620  -3.452  1.725   1.00 12.73 ? 97  TRP A CG  1 
ATOM   287  C  CD1 . TRP A 1 49  ? -9.737  -4.231  1.665   1.00 14.02 ? 97  TRP A CD1 1 
ATOM   288  C  CD2 . TRP A 1 49  ? -8.248  -3.388  3.113   1.00 12.01 ? 97  TRP A CD2 1 
ATOM   289  N  NE1 . TRP A 1 49  ? -10.089 -4.657  2.926   1.00 14.14 ? 97  TRP A NE1 1 
ATOM   290  C  CE2 . TRP A 1 49  ? -9.194  -4.151  3.833   1.00 13.47 ? 97  TRP A CE2 1 
ATOM   291  C  CE3 . TRP A 1 49  ? -7.214  -2.754  3.817   1.00 12.91 ? 97  TRP A CE3 1 
ATOM   292  C  CZ2 . TRP A 1 49  ? -9.134  -4.309  5.224   1.00 13.08 ? 97  TRP A CZ2 1 
ATOM   293  C  CZ3 . TRP A 1 49  ? -7.153  -2.907  5.202   1.00 12.19 ? 97  TRP A CZ3 1 
ATOM   294  C  CH2 . TRP A 1 49  ? -8.111  -3.678  5.889   1.00 15.01 ? 97  TRP A CH2 1 
ATOM   295  N  N   . LYS A 1 50  ? -7.077  0.127   -0.792  1.00 12.50 ? 98  LYS A N   1 
ATOM   296  C  CA  . LYS A 1 50  ? -6.322  0.785   -1.853  1.00 11.73 ? 98  LYS A CA  1 
ATOM   297  C  C   . LYS A 1 50  ? -4.888  1.057   -1.442  1.00 12.68 ? 98  LYS A C   1 
ATOM   298  O  O   . LYS A 1 50  ? -4.579  1.173   -0.256  1.00 13.50 ? 98  LYS A O   1 
ATOM   299  C  CB  . LYS A 1 50  ? -6.960  2.129   -2.223  1.00 13.91 ? 98  LYS A CB  1 
ATOM   300  C  CG  . LYS A 1 50  ? -8.415  2.076   -2.670  1.00 13.91 ? 98  LYS A CG  1 
ATOM   301  C  CD  . LYS A 1 50  ? -8.886  3.471   -3.067  1.00 14.63 ? 98  LYS A CD  1 
ATOM   302  C  CE  . LYS A 1 50  ? -10.357 3.478   -3.446  1.00 15.88 ? 98  LYS A CE  1 
ATOM   303  N  NZ  . LYS A 1 50  ? -10.809 4.843   -3.852  1.00 16.36 ? 98  LYS A NZ  1 
ATOM   304  N  N   . ILE A 1 51  ? -4.021  1.163   -2.442  1.00 10.99 ? 99  ILE A N   1 
ATOM   305  C  CA  . ILE A 1 51  ? -2.621  1.480   -2.215  1.00 12.72 ? 99  ILE A CA  1 
ATOM   306  C  C   . ILE A 1 51  ? -2.500  2.980   -2.451  1.00 12.30 ? 99  ILE A C   1 
ATOM   307  O  O   . ILE A 1 51  ? -3.054  3.505   -3.421  1.00 12.86 ? 99  ILE A O   1 
ATOM   308  C  CB  . ILE A 1 51  ? -1.705  0.724   -3.208  1.00 11.68 ? 99  ILE A CB  1 
ATOM   309  C  CG1 . ILE A 1 51  ? -1.585  -0.741  -2.776  1.00 13.71 ? 99  ILE A CG1 1 
ATOM   310  C  CG2 . ILE A 1 51  ? -0.325  1.393   -3.279  1.00 13.50 ? 99  ILE A CG2 1 
ATOM   311  C  CD1 . ILE A 1 51  ? -0.897  -1.630  -3.792  1.00 12.17 ? 99  ILE A CD1 1 
ATOM   312  N  N   . MET A 1 52  ? -1.809  3.664   -1.544  1.00 12.07 ? 100 MET A N   1 
ATOM   313  C  CA  . MET A 1 52  ? -1.592  5.107   -1.652  1.00 12.25 ? 100 MET A CA  1 
ATOM   314  C  C   . MET A 1 52  ? -0.102  5.302   -1.894  1.00 12.56 ? 100 MET A C   1 
ATOM   315  O  O   . MET A 1 52  ? 0.715   4.741   -1.171  1.00 12.55 ? 100 MET A O   1 
ATOM   316  C  CB  . MET A 1 52  ? -1.949  5.827   -0.347  1.00 11.98 ? 100 MET A CB  1 
ATOM   317  C  CG  . MET A 1 52  ? -3.325  5.563   0.216   1.00 15.67 ? 100 MET A CG  1 
ATOM   318  S  SD  . MET A 1 52  ? -3.531  6.425   1.807   1.00 15.83 ? 100 MET A SD  1 
ATOM   319  C  CE  . MET A 1 52  ? -3.885  8.094   1.241   1.00 17.82 ? 100 MET A CE  1 
ATOM   320  N  N   . VAL A 1 53  ? 0.251   6.090   -2.905  1.00 12.46 ? 101 VAL A N   1 
ATOM   321  C  CA  . VAL A 1 53  ? 1.657   6.352   -3.212  1.00 11.68 ? 101 VAL A CA  1 
ATOM   322  C  C   . VAL A 1 53  ? 1.867   7.848   -3.399  1.00 12.58 ? 101 VAL A C   1 
ATOM   323  O  O   . VAL A 1 53  ? 1.093   8.499   -4.096  1.00 13.76 ? 101 VAL A O   1 
ATOM   324  C  CB  . VAL A 1 53  ? 2.103   5.644   -4.514  1.00 11.43 ? 101 VAL A CB  1 
ATOM   325  C  CG1 . VAL A 1 53  ? 3.551   6.000   -4.837  1.00 11.47 ? 101 VAL A CG1 1 
ATOM   326  C  CG2 . VAL A 1 53  ? 1.959   4.136   -4.367  1.00 13.83 ? 101 VAL A CG2 1 
ATOM   327  N  N   . MET A 1 54  ? 2.909   8.395   -2.780  1.00 13.76 ? 102 MET A N   1 
ATOM   328  C  CA  . MET A 1 54  ? 3.181   9.820   -2.929  1.00 13.17 ? 102 MET A CA  1 
ATOM   329  C  C   . MET A 1 54  ? 4.612   10.183  -2.563  1.00 15.05 ? 102 MET A C   1 
ATOM   330  O  O   . MET A 1 54  ? 5.238   9.539   -1.721  1.00 13.41 ? 102 MET A O   1 
ATOM   331  C  CB  . MET A 1 54  ? 2.221   10.651  -2.067  1.00 15.48 ? 102 MET A CB  1 
ATOM   332  C  CG  . MET A 1 54  ? 2.684   10.916  -0.635  1.00 17.04 ? 102 MET A CG  1 
ATOM   333  S  SD  . MET A 1 54  ? 2.512   9.515   0.489   1.00 14.69 ? 102 MET A SD  1 
ATOM   334  C  CE  . MET A 1 54  ? 0.737   9.556   0.806   1.00 18.64 ? 102 MET A CE  1 
ATOM   335  N  N   . PRO A 1 55  ? 5.157   11.223  -3.205  1.00 15.36 ? 103 PRO A N   1 
ATOM   336  C  CA  . PRO A 1 55  ? 6.527   11.617  -2.879  1.00 17.01 ? 103 PRO A CA  1 
ATOM   337  C  C   . PRO A 1 55  ? 6.536   12.276  -1.500  1.00 15.11 ? 103 PRO A C   1 
ATOM   338  O  O   . PRO A 1 55  ? 5.596   12.983  -1.138  1.00 16.37 ? 103 PRO A O   1 
ATOM   339  C  CB  . PRO A 1 55  ? 6.889   12.579  -4.010  1.00 18.88 ? 103 PRO A CB  1 
ATOM   340  C  CG  . PRO A 1 55  ? 5.575   13.188  -4.376  1.00 22.75 ? 103 PRO A CG  1 
ATOM   341  C  CD  . PRO A 1 55  ? 4.618   12.019  -4.323  1.00 17.31 ? 103 PRO A CD  1 
ATOM   342  N  N   . ARG A 1 56  ? 7.582   12.019  -0.724  1.00 14.06 ? 104 ARG A N   1 
ATOM   343  C  CA  . ARG A 1 56  ? 7.687   12.593  0.614   1.00 15.54 ? 104 ARG A CA  1 
ATOM   344  C  C   . ARG A 1 56  ? 9.060   13.228  0.817   1.00 18.14 ? 104 ARG A C   1 
ATOM   345  O  O   . ARG A 1 56  ? 10.054  12.798  0.228   1.00 16.69 ? 104 ARG A O   1 
ATOM   346  C  CB  . ARG A 1 56  ? 7.440   11.515  1.680   1.00 14.37 ? 104 ARG A CB  1 
ATOM   347  C  CG  . ARG A 1 56  ? 6.025   10.907  1.659   1.00 12.19 ? 104 ARG A CG  1 
ATOM   348  C  CD  . ARG A 1 56  ? 4.950   11.908  2.106   1.00 15.27 ? 104 ARG A CD  1 
ATOM   349  N  NE  . ARG A 1 56  ? 4.874   12.068  3.561   1.00 15.62 ? 104 ARG A NE  1 
ATOM   350  C  CZ  . ARG A 1 56  ? 3.974   11.471  4.341   1.00 13.75 ? 104 ARG A CZ  1 
ATOM   351  N  NH1 . ARG A 1 56  ? 3.063   10.663  3.816   1.00 12.64 ? 104 ARG A NH1 1 
ATOM   352  N  NH2 . ARG A 1 56  ? 3.971   11.695  5.652   1.00 14.64 ? 104 ARG A NH2 1 
ATOM   353  N  N   . PHE A 1 57  ? 9.099   14.257  1.655   1.00 19.33 ? 105 PHE A N   1 
ATOM   354  C  CA  . PHE A 1 57  ? 10.328  14.986  1.950   1.00 18.73 ? 105 PHE A CA  1 
ATOM   355  C  C   . PHE A 1 57  ? 11.102  14.422  3.138   1.00 21.77 ? 105 PHE A C   1 
ATOM   356  O  O   . PHE A 1 57  ? 10.585  14.370  4.253   1.00 26.54 ? 105 PHE A O   1 
ATOM   357  C  CB  . PHE A 1 57  ? 9.983   16.455  2.225   1.00 17.78 ? 105 PHE A CB  1 
ATOM   358  C  CG  . PHE A 1 57  ? 11.107  17.237  2.857   1.00 15.60 ? 105 PHE A CG  1 
ATOM   359  C  CD1 . PHE A 1 57  ? 12.295  17.458  2.169   1.00 17.05 ? 105 PHE A CD1 1 
ATOM   360  C  CD2 . PHE A 1 57  ? 10.943  17.810  4.117   1.00 16.80 ? 105 PHE A CD2 1 
ATOM   361  C  CE1 . PHE A 1 57  ? 13.324  18.210  2.740   1.00 17.33 ? 105 PHE A CE1 1 
ATOM   362  C  CE2 . PHE A 1 57  ? 11.963  18.564  4.699   1.00 19.12 ? 105 PHE A CE2 1 
ATOM   363  C  CZ  . PHE A 1 57  ? 13.150  18.779  3.998   1.00 20.30 ? 105 PHE A CZ  1 
ATOM   364  N  N   . TYR A 1 58  ? 12.339  14.000  2.894   1.00 22.76 ? 106 TYR A N   1 
ATOM   365  C  CA  . TYR A 1 58  ? 13.203  13.497  3.958   1.00 25.81 ? 106 TYR A CA  1 
ATOM   366  C  C   . TYR A 1 58  ? 14.615  14.034  3.757   1.00 28.30 ? 106 TYR A C   1 
ATOM   367  O  O   . TYR A 1 58  ? 15.343  13.588  2.873   1.00 27.37 ? 106 TYR A O   1 
ATOM   368  C  CB  . TYR A 1 58  ? 13.183  11.967  4.016   1.00 27.63 ? 106 TYR A CB  1 
ATOM   369  C  CG  . TYR A 1 58  ? 11.991  11.469  4.803   1.00 26.98 ? 106 TYR A CG  1 
ATOM   370  C  CD1 . TYR A 1 58  ? 10.771  11.207  4.176   1.00 25.94 ? 106 TYR A CD1 1 
ATOM   371  C  CD2 . TYR A 1 58  ? 12.048  11.387  6.195   1.00 27.87 ? 106 TYR A CD2 1 
ATOM   372  C  CE1 . TYR A 1 58  ? 9.634   10.889  4.919   1.00 25.72 ? 106 TYR A CE1 1 
ATOM   373  C  CE2 . TYR A 1 58  ? 10.919  11.074  6.947   1.00 28.01 ? 106 TYR A CE2 1 
ATOM   374  C  CZ  . TYR A 1 58  ? 9.718   10.831  6.305   1.00 25.68 ? 106 TYR A CZ  1 
ATOM   375  O  OH  . TYR A 1 58  ? 8.596   10.583  7.055   1.00 28.74 ? 106 TYR A OH  1 
ATOM   376  N  N   . PRO A 1 59  ? 15.014  15.011  4.591   1.00 31.34 ? 107 PRO A N   1 
ATOM   377  C  CA  . PRO A 1 59  ? 16.320  15.680  4.569   1.00 34.41 ? 107 PRO A CA  1 
ATOM   378  C  C   . PRO A 1 59  ? 17.572  14.816  4.449   1.00 36.00 ? 107 PRO A C   1 
ATOM   379  O  O   . PRO A 1 59  ? 18.464  15.129  3.660   1.00 37.87 ? 107 PRO A O   1 
ATOM   380  C  CB  . PRO A 1 59  ? 16.301  16.515  5.853   1.00 34.85 ? 107 PRO A CB  1 
ATOM   381  C  CG  . PRO A 1 59  ? 15.371  15.757  6.752   1.00 33.67 ? 107 PRO A CG  1 
ATOM   382  C  CD  . PRO A 1 59  ? 14.267  15.384  5.806   1.00 33.07 ? 107 PRO A CD  1 
ATOM   383  N  N   . ASP A 1 60  ? 17.646  13.738  5.222   1.00 40.03 ? 108 ASP A N   1 
ATOM   384  C  CA  . ASP A 1 60  ? 18.811  12.859  5.191   1.00 42.88 ? 108 ASP A CA  1 
ATOM   385  C  C   . ASP A 1 60  ? 18.860  11.980  3.934   1.00 42.28 ? 108 ASP A C   1 
ATOM   386  O  O   . ASP A 1 60  ? 19.931  11.614  3.475   1.00 41.43 ? 108 ASP A O   1 
ATOM   387  C  CB  . ASP A 1 60  ? 18.844  11.967  6.431   1.00 47.69 ? 108 ASP A CB  1 
ATOM   388  C  CG  . ASP A 1 60  ? 18.888  12.761  7.722   1.00 53.53 ? 108 ASP A CG  1 
ATOM   389  O  OD1 . ASP A 1 60  ? 18.939  12.133  8.802   1.00 57.58 ? 108 ASP A OD1 1 
ATOM   390  O  OD2 . ASP A 1 60  ? 18.871  14.008  7.664   1.00 56.13 ? 108 ASP A OD2 1 
ATOM   391  N  N   . ARG A 1 61  ? 17.733  11.598  3.343   1.00 41.56 ? 109 ARG A N   1 
ATOM   392  C  CA  . ARG A 1 61  ? 17.765  10.768  2.105   1.00 42.51 ? 109 ARG A CA  1 
ATOM   393  C  C   . ARG A 1 61  ? 18.660  11.571  1.011   1.00 43.78 ? 109 ARG A C   1 
ATOM   394  O  O   . ARG A 1 61  ? 18.627  12.756  1.020   1.00 41.87 ? 109 ARG A O   1 
ATOM   395  C  CB  . ARG A 1 61  ? 16.221  10.553  1.830   1.00 41.08 ? 109 ARG A CB  1 
ATOM   396  C  CG  . ARG A 1 61  ? 15.901  9.454   0.881   1.00 39.55 ? 109 ARG A CG  1 
ATOM   397  C  CD  . ARG A 1 61  ? 16.409  8.119   1.410   1.00 38.26 ? 109 ARG A CD  1 
ATOM   398  N  NE  . ARG A 1 61  ? 15.398  7.405   2.185   1.00 33.61 ? 109 ARG A NE  1 
ATOM   399  C  CZ  . ARG A 1 61  ? 15.543  6.158   2.626   1.00 36.94 ? 109 ARG A CZ  1 
ATOM   400  N  NH1 . ARG A 1 61  ? 16.661  5.489   2.371   1.00 34.69 ? 109 ARG A NH1 1 
ATOM   401  N  NH2 . ARG A 1 61  ? 14.565  5.571   3.303   1.00 35.63 ? 109 ARG A NH2 1 
ATOM   402  N  N   . PRO A 1 62  ? 19.327  10.929  -0.039  1.00 42.30 ? 110 PRO A N   1 
ATOM   403  C  CA  . PRO A 1 62  ? 20.255  11.535  -1.134  1.00 43.75 ? 110 PRO A CA  1 
ATOM   404  C  C   . PRO A 1 62  ? 19.952  12.893  -1.720  1.00 44.35 ? 110 PRO A C   1 
ATOM   405  O  O   . PRO A 1 62  ? 20.880  13.950  -1.678  1.00 47.64 ? 110 PRO A O   1 
ATOM   406  C  CB  . PRO A 1 62  ? 20.272  10.338  -2.179  1.00 45.52 ? 110 PRO A CB  1 
ATOM   407  C  CG  . PRO A 1 62  ? 19.041  9.544   -1.847  1.00 46.26 ? 110 PRO A CG  1 
ATOM   408  C  CD  . PRO A 1 62  ? 18.911  9.533   -0.359  1.00 46.14 ? 110 PRO A CD  1 
ATOM   409  N  N   . HIS A 1 63  ? 18.616  13.004  -2.037  1.00 46.68 ? 111 HIS A N   1 
ATOM   410  C  CA  . HIS A 1 63  ? 18.031  14.065  -2.755  1.00 42.83 ? 111 HIS A CA  1 
ATOM   411  C  C   . HIS A 1 63  ? 16.859  14.667  -1.960  1.00 35.74 ? 111 HIS A C   1 
ATOM   412  O  O   . HIS A 1 63  ? 15.890  15.232  -2.496  1.00 32.48 ? 111 HIS A O   1 
ATOM   413  C  CB  . HIS A 1 63  ? 17.505  13.120  -3.817  1.00 50.67 ? 111 HIS A CB  1 
ATOM   414  C  CG  . HIS A 1 63  ? 18.506  12.731  -4.858  1.00 59.41 ? 111 HIS A CG  1 
ATOM   415  N  ND1 . HIS A 1 63  ? 18.245  11.710  -5.804  1.00 64.07 ? 111 HIS A ND1 1 
ATOM   416  C  CD2 . HIS A 1 63  ? 19.660  13.270  -5.244  1.00 63.65 ? 111 HIS A CD2 1 
ATOM   417  C  CE1 . HIS A 1 63  ? 19.198  11.696  -6.684  1.00 65.95 ? 111 HIS A CE1 1 
ATOM   418  N  NE2 . HIS A 1 63  ? 20.091  12.640  -6.381  1.00 66.19 ? 111 HIS A NE2 1 
ATOM   419  N  N   . GLN A 1 64  ? 16.901  14.334  -0.693  1.00 27.84 ? 112 GLN A N   1 
ATOM   420  C  CA  . GLN A 1 64  ? 15.852  14.706  0.247   1.00 22.59 ? 112 GLN A CA  1 
ATOM   421  C  C   . GLN A 1 64  ? 14.464  14.270  -0.223  1.00 23.03 ? 112 GLN A C   1 
ATOM   422  O  O   . GLN A 1 64  ? 13.469  14.948  0.030   1.00 20.69 ? 112 GLN A O   1 
ATOM   423  C  CB  . GLN A 1 64  ? 15.849  16.215  0.476   1.00 23.05 ? 112 GLN A CB  1 
ATOM   424  C  CG  . GLN A 1 64  ? 17.142  16.754  1.056   1.00 20.41 ? 112 GLN A CG  1 
ATOM   425  C  CD  . GLN A 1 64  ? 17.015  18.193  1.523   1.00 21.31 ? 112 GLN A CD  1 
ATOM   426  O  OE1 . GLN A 1 64  ? 16.698  19.090  0.738   1.00 19.51 ? 112 GLN A OE1 1 
ATOM   427  N  NE2 . GLN A 1 64  ? 17.261  18.419  2.809   1.00 18.92 ? 112 GLN A NE2 1 
ATOM   428  N  N   . LYS A 1 65  ? 14.396  13.135  -0.903  1.00 19.60 ? 113 LYS A N   1 
ATOM   429  C  CA  . LYS A 1 65  ? 13.117  12.663  -1.407  1.00 17.97 ? 113 LYS A CA  1 
ATOM   430  C  C   . LYS A 1 65  ? 12.971  11.161  -1.209  1.00 15.83 ? 113 LYS A C   1 
ATOM   431  O  O   . LYS A 1 65  ? 13.923  10.403  -1.398  1.00 16.96 ? 113 LYS A O   1 
ATOM   432  C  CB  . LYS A 1 65  ? 13.005  13.021  -2.889  1.00 17.62 ? 113 LYS A CB  1 
ATOM   433  C  CG  . LYS A 1 65  ? 11.630  12.841  -3.510  1.00 22.32 ? 113 LYS A CG  1 
ATOM   434  C  CD  . LYS A 1 65  ? 11.615  13.476  -4.897  1.00 25.83 ? 113 LYS A CD  1 
ATOM   435  C  CE  . LYS A 1 65  ? 10.262  13.374  -5.566  1.00 27.31 ? 113 LYS A CE  1 
ATOM   436  N  NZ  . LYS A 1 65  ? 10.245  14.153  -6.836  1.00 29.65 ? 113 LYS A NZ  1 
ATOM   437  N  N   . SER A 1 66  ? 11.777  10.734  -0.812  1.00 15.15 ? 114 SER A N   1 
ATOM   438  C  CA  . SER A 1 66  ? 11.518  9.314   -0.603  1.00 15.23 ? 114 SER A CA  1 
ATOM   439  C  C   . SER A 1 66  ? 10.151  8.959   -1.149  1.00 15.69 ? 114 SER A C   1 
ATOM   440  O  O   . SER A 1 66  ? 9.352   9.840   -1.469  1.00 16.16 ? 114 SER A O   1 
ATOM   441  C  CB  . SER A 1 66  ? 11.554  8.972   0.887   1.00 15.64 ? 114 SER A CB  1 
ATOM   442  O  OG  . SER A 1 66  ? 10.443  9.547   1.562   1.00 24.49 ? 114 SER A OG  1 
ATOM   443  N  N   . VAL A 1 67  ? 9.887   7.663   -1.267  1.00 14.22 ? 115 VAL A N   1 
ATOM   444  C  CA  . VAL A 1 67  ? 8.590   7.205   -1.742  1.00 15.10 ? 115 VAL A CA  1 
ATOM   445  C  C   . VAL A 1 67  ? 7.718   6.867   -0.537  1.00 15.47 ? 115 VAL A C   1 
ATOM   446  O  O   . VAL A 1 67  ? 8.127   6.088   0.327   1.00 15.36 ? 115 VAL A O   1 
ATOM   447  C  CB  . VAL A 1 67  ? 8.710   5.936   -2.616  1.00 18.54 ? 115 VAL A CB  1 
ATOM   448  C  CG1 . VAL A 1 67  ? 7.339   5.550   -3.149  1.00 20.91 ? 115 VAL A CG1 1 
ATOM   449  C  CG2 . VAL A 1 67  ? 9.682   6.177   -3.763  1.00 19.56 ? 115 VAL A CG2 1 
ATOM   450  N  N   . GLY A 1 68  ? 6.536   7.480   -0.475  1.00 13.86 ? 116 GLY A N   1 
ATOM   451  C  CA  . GLY A 1 68  ? 5.588   7.208   0.594   1.00 12.90 ? 116 GLY A CA  1 
ATOM   452  C  C   . GLY A 1 68  ? 4.700   6.093   0.065   1.00 12.50 ? 116 GLY A C   1 
ATOM   453  O  O   . GLY A 1 68  ? 4.268   6.144   -1.085  1.00 13.61 ? 116 GLY A O   1 
ATOM   454  N  N   . PHE A 1 69  ? 4.411   5.103   0.900   1.00 12.06 ? 117 PHE A N   1 
ATOM   455  C  CA  . PHE A 1 69  ? 3.634   3.933   0.486   1.00 11.25 ? 117 PHE A CA  1 
ATOM   456  C  C   . PHE A 1 69  ? 2.698   3.537   1.633   1.00 11.15 ? 117 PHE A C   1 
ATOM   457  O  O   . PHE A 1 69  ? 3.159   3.138   2.703   1.00 10.70 ? 117 PHE A O   1 
ATOM   458  C  CB  . PHE A 1 69  ? 4.660   2.834   0.170   1.00 10.50 ? 117 PHE A CB  1 
ATOM   459  C  CG  . PHE A 1 69  ? 4.094   1.531   -0.332  1.00 11.24 ? 117 PHE A CG  1 
ATOM   460  C  CD1 . PHE A 1 69  ? 2.744   1.367   -0.633  1.00 11.16 ? 117 PHE A CD1 1 
ATOM   461  C  CD2 . PHE A 1 69  ? 4.955   0.444   -0.495  1.00 10.84 ? 117 PHE A CD2 1 
ATOM   462  C  CE1 . PHE A 1 69  ? 2.266   0.136   -1.108  1.00 12.87 ? 117 PHE A CE1 1 
ATOM   463  C  CE2 . PHE A 1 69  ? 4.490   -0.787  -0.969  1.00 11.24 ? 117 PHE A CE2 1 
ATOM   464  C  CZ  . PHE A 1 69  ? 3.143   -0.943  -1.265  1.00 12.29 ? 117 PHE A CZ  1 
ATOM   465  N  N   . PHE A 1 70  ? 1.389   3.646   1.410   1.00 10.10 ? 118 PHE A N   1 
ATOM   466  C  CA  . PHE A 1 70  ? 0.406   3.329   2.448   1.00 10.67 ? 118 PHE A CA  1 
ATOM   467  C  C   . PHE A 1 70  ? -0.738  2.434   1.993   1.00 11.09 ? 118 PHE A C   1 
ATOM   468  O  O   . PHE A 1 70  ? -1.056  2.375   0.806   1.00 11.92 ? 118 PHE A O   1 
ATOM   469  C  CB  . PHE A 1 70  ? -0.226  4.615   3.005   1.00 11.47 ? 118 PHE A CB  1 
ATOM   470  C  CG  . PHE A 1 70  ? 0.759   5.558   3.624   1.00 12.82 ? 118 PHE A CG  1 
ATOM   471  C  CD1 . PHE A 1 70  ? 1.590   6.340   2.832   1.00 11.89 ? 118 PHE A CD1 1 
ATOM   472  C  CD2 . PHE A 1 70  ? 0.854   5.667   5.009   1.00 11.34 ? 118 PHE A CD2 1 
ATOM   473  C  CE1 . PHE A 1 70  ? 2.511   7.206   3.406   1.00 14.86 ? 118 PHE A CE1 1 
ATOM   474  C  CE2 . PHE A 1 70  ? 1.771   6.529   5.590   1.00 13.05 ? 118 PHE A CE2 1 
ATOM   475  C  CZ  . PHE A 1 70  ? 2.598   7.305   4.787   1.00 13.99 ? 118 PHE A CZ  1 
ATOM   476  N  N   . LEU A 1 71  ? -1.345  1.740   2.955   1.00 10.09 ? 119 LEU A N   1 
ATOM   477  C  CA  . LEU A 1 71  ? -2.506  0.894   2.698   1.00 9.06  ? 119 LEU A CA  1 
ATOM   478  C  C   . LEU A 1 71  ? -3.694  1.657   3.282   1.00 11.54 ? 119 LEU A C   1 
ATOM   479  O  O   . LEU A 1 71  ? -3.657  2.092   4.440   1.00 12.15 ? 119 LEU A O   1 
ATOM   480  C  CB  . LEU A 1 71  ? -2.372  -0.464  3.394   1.00 9.43  ? 119 LEU A CB  1 
ATOM   481  C  CG  . LEU A 1 71  ? -3.576  -1.406  3.271   1.00 11.15 ? 119 LEU A CG  1 
ATOM   482  C  CD1 . LEU A 1 71  ? -3.925  -1.660  1.798   1.00 11.25 ? 119 LEU A CD1 1 
ATOM   483  C  CD2 . LEU A 1 71  ? -3.244  -2.722  3.971   1.00 13.43 ? 119 LEU A CD2 1 
ATOM   484  N  N   . GLN A 1 72  ? -4.739  1.824   2.476   1.00 10.42 ? 120 GLN A N   1 
ATOM   485  C  CA  . GLN A 1 72  ? -5.932  2.558   2.885   1.00 11.10 ? 120 GLN A CA  1 
ATOM   486  C  C   . GLN A 1 72  ? -7.157  1.655   2.853   1.00 12.56 ? 120 GLN A C   1 
ATOM   487  O  O   . GLN A 1 72  ? -7.298  0.828   1.951   1.00 13.60 ? 120 GLN A O   1 
ATOM   488  C  CB  . GLN A 1 72  ? -6.150  3.745   1.941   1.00 11.76 ? 120 GLN A CB  1 
ATOM   489  C  CG  . GLN A 1 72  ? -7.409  4.552   2.225   1.00 12.51 ? 120 GLN A CG  1 
ATOM   490  C  CD  . GLN A 1 72  ? -7.703  5.548   1.123   1.00 14.23 ? 120 GLN A CD  1 
ATOM   491  O  OE1 . GLN A 1 72  ? -7.346  6.727   1.211   1.00 17.86 ? 120 GLN A OE1 1 
ATOM   492  N  NE2 . GLN A 1 72  ? -8.341  5.070   0.065   1.00 11.71 ? 120 GLN A NE2 1 
ATOM   493  N  N   . CYS A 1 73  ? -8.049  1.822   3.827   1.00 12.34 ? 121 CYS A N   1 
ATOM   494  C  CA  . CYS A 1 73  ? -9.258  1.014   3.892   1.00 12.55 ? 121 CYS A CA  1 
ATOM   495  C  C   . CYS A 1 73  ? -10.536 1.818   4.079   1.00 13.18 ? 121 CYS A C   1 
ATOM   496  O  O   . CYS A 1 73  ? -10.621 2.661   4.975   1.00 11.73 ? 121 CYS A O   1 
ATOM   497  C  CB  . CYS A 1 73  ? -9.161  -0.004  5.039   1.00 13.13 ? 121 CYS A CB  1 
ATOM   498  S  SG  . CYS A 1 73  ? -10.662 -1.018  5.254   1.00 14.97 ? 121 CYS A SG  1 
ATOM   499  N  N   . ASN A 1 74  ? -11.514 1.561   3.210   1.00 14.83 ? 122 ASN A N   1 
ATOM   500  C  CA  . ASN A 1 74  ? -12.844 2.172   3.294   1.00 14.86 ? 122 ASN A CA  1 
ATOM   501  C  C   . ASN A 1 74  ? -12.851 3.686   3.531   1.00 16.68 ? 122 ASN A C   1 
ATOM   502  O  O   . ASN A 1 74  ? -13.666 4.195   4.299   1.00 16.15 ? 122 ASN A O   1 
ATOM   503  C  CB  . ASN A 1 74  ? -13.602 1.459   4.426   1.00 15.73 ? 122 ASN A CB  1 
ATOM   504  C  CG  . ASN A 1 74  ? -15.106 1.505   4.257   1.00 12.72 ? 122 ASN A CG  1 
ATOM   505  O  OD1 . ASN A 1 74  ? -15.618 1.471   3.141   1.00 16.84 ? 122 ASN A OD1 1 
ATOM   506  N  ND2 . ASN A 1 74  ? -15.824 1.551   5.374   1.00 16.17 ? 122 ASN A ND2 1 
ATOM   507  N  N   . ALA A 1 75  ? -11.964 4.407   2.853   1.00 13.98 ? 123 ALA A N   1 
ATOM   508  C  CA  . ALA A 1 75  ? -11.861 5.853   3.036   1.00 17.37 ? 123 ALA A CA  1 
ATOM   509  C  C   . ALA A 1 75  ? -13.031 6.680   2.510   1.00 20.04 ? 123 ALA A C   1 
ATOM   510  O  O   . ALA A 1 75  ? -13.361 7.713   3.088   1.00 21.71 ? 123 ALA A O   1 
ATOM   511  C  CB  . ALA A 1 75  ? -10.559 6.360   2.422   1.00 17.21 ? 123 ALA A CB  1 
ATOM   512  N  N   . GLU A 1 76  ? -13.652 6.238   1.422   1.00 22.71 ? 124 GLU A N   1 
ATOM   513  C  CA  . GLU A 1 76  ? -14.768 6.983   0.844   1.00 27.24 ? 124 GLU A CA  1 
ATOM   514  C  C   . GLU A 1 76  ? -16.073 6.866   1.616   1.00 26.57 ? 124 GLU A C   1 
ATOM   515  O  O   . GLU A 1 76  ? -16.976 7.679   1.441   1.00 28.25 ? 124 GLU A O   1 
ATOM   516  C  CB  . GLU A 1 76  ? -14.995 6.559   -0.609  1.00 30.70 ? 124 GLU A CB  1 
ATOM   517  C  CG  . GLU A 1 76  ? -13.959 7.102   -1.575  1.00 41.51 ? 124 GLU A CG  1 
ATOM   518  C  CD  . GLU A 1 76  ? -14.150 6.586   -2.985  1.00 46.97 ? 124 GLU A CD  1 
ATOM   519  O  OE1 . GLU A 1 76  ? -14.674 7.335   -3.837  1.00 52.32 ? 124 GLU A OE1 1 
ATOM   520  O  OE2 . GLU A 1 76  ? -13.784 5.421   -3.240  1.00 50.13 ? 124 GLU A OE2 1 
ATOM   521  N  N   . SER A 1 77  ? -16.182 5.855   2.469   1.00 25.88 ? 125 SER A N   1 
ATOM   522  C  CA  . SER A 1 77  ? -17.399 5.674   3.242   1.00 25.84 ? 125 SER A CA  1 
ATOM   523  C  C   . SER A 1 77  ? -17.558 6.762   4.293   1.00 27.90 ? 125 SER A C   1 
ATOM   524  O  O   . SER A 1 77  ? -16.582 7.208   4.897   1.00 26.73 ? 125 SER A O   1 
ATOM   525  C  CB  . SER A 1 77  ? -17.401 4.308   3.927   1.00 24.15 ? 125 SER A CB  1 
ATOM   526  O  OG  . SER A 1 77  ? -18.549 4.159   4.744   1.00 26.76 ? 125 SER A OG  1 
ATOM   527  N  N   . ASP A 1 78  ? -18.798 7.191   4.501   1.00 31.16 ? 126 ASP A N   1 
ATOM   528  C  CA  . ASP A 1 78  ? -19.093 8.217   5.492   1.00 36.51 ? 126 ASP A CA  1 
ATOM   529  C  C   . ASP A 1 78  ? -19.420 7.537   6.815   1.00 33.17 ? 126 ASP A C   1 
ATOM   530  O  O   . ASP A 1 78  ? -19.721 8.196   7.811   1.00 32.81 ? 126 ASP A O   1 
ATOM   531  C  CB  . ASP A 1 78  ? -20.278 9.071   5.036   1.00 45.14 ? 126 ASP A CB  1 
ATOM   532  C  CG  . ASP A 1 78  ? -19.986 9.830   3.754   1.00 54.00 ? 126 ASP A CG  1 
ATOM   533  O  OD1 . ASP A 1 78  ? -19.021 10.622  3.740   1.00 58.96 ? 126 ASP A OD1 1 
ATOM   534  O  OD2 . ASP A 1 78  ? -20.721 9.632   2.762   1.00 59.05 ? 126 ASP A OD2 1 
ATOM   535  N  N   . SER A 1 79  ? -19.356 6.209   6.812   1.00 29.62 ? 127 SER A N   1 
ATOM   536  C  CA  . SER A 1 79  ? -19.633 5.424   8.006   1.00 26.34 ? 127 SER A CA  1 
ATOM   537  C  C   . SER A 1 79  ? -18.570 5.650   9.067   1.00 25.82 ? 127 SER A C   1 
ATOM   538  O  O   . SER A 1 79  ? -17.387 5.775   8.756   1.00 24.36 ? 127 SER A O   1 
ATOM   539  C  CB  . SER A 1 79  ? -19.683 3.934   7.662   1.00 27.87 ? 127 SER A CB  1 
ATOM   540  O  OG  . SER A 1 79  ? -19.798 3.152   8.839   1.00 27.57 ? 127 SER A OG  1 
ATOM   541  N  N   . THR A 1 80  ? -19.002 5.705   10.320  1.00 21.75 ? 128 THR A N   1 
ATOM   542  C  CA  . THR A 1 80  ? -18.092 5.892   11.441  1.00 23.28 ? 128 THR A CA  1 
ATOM   543  C  C   . THR A 1 80  ? -18.278 4.709   12.384  1.00 23.22 ? 128 THR A C   1 
ATOM   544  O  O   . THR A 1 80  ? -17.915 4.773   13.562  1.00 24.47 ? 128 THR A O   1 
ATOM   545  C  CB  . THR A 1 80  ? -18.410 7.185   12.219  1.00 24.68 ? 128 THR A CB  1 
ATOM   546  O  OG1 . THR A 1 80  ? -19.752 7.126   12.720  1.00 26.64 ? 128 THR A OG1 1 
ATOM   547  C  CG2 . THR A 1 80  ? -18.265 8.400   11.320  1.00 25.77 ? 128 THR A CG2 1 
ATOM   548  N  N   . SER A 1 81  ? -18.843 3.626   11.859  1.00 17.85 ? 129 SER A N   1 
ATOM   549  C  CA  . SER A 1 81  ? -19.100 2.452   12.682  1.00 15.99 ? 129 SER A CA  1 
ATOM   550  C  C   . SER A 1 81  ? -18.585 1.146   12.095  1.00 16.38 ? 129 SER A C   1 
ATOM   551  O  O   . SER A 1 81  ? -19.267 0.125   12.158  1.00 19.20 ? 129 SER A O   1 
ATOM   552  C  CB  . SER A 1 81  ? -20.602 2.341   12.946  1.00 17.19 ? 129 SER A CB  1 
ATOM   553  O  OG  . SER A 1 81  ? -21.092 3.553   13.492  1.00 21.87 ? 129 SER A OG  1 
ATOM   554  N  N   . TRP A 1 82  ? -17.381 1.177   11.535  1.00 13.94 ? 130 TRP A N   1 
ATOM   555  C  CA  . TRP A 1 82  ? -16.786 -0.024  10.954  1.00 13.32 ? 130 TRP A CA  1 
ATOM   556  C  C   . TRP A 1 82  ? -15.390 -0.263  11.511  1.00 13.36 ? 130 TRP A C   1 
ATOM   557  O  O   . TRP A 1 82  ? -14.810 0.608   12.156  1.00 13.38 ? 130 TRP A O   1 
ATOM   558  C  CB  . TRP A 1 82  ? -16.695 0.093   9.428   1.00 13.04 ? 130 TRP A CB  1 
ATOM   559  C  CG  . TRP A 1 82  ? -15.832 1.227   8.945   1.00 13.78 ? 130 TRP A CG  1 
ATOM   560  C  CD1 . TRP A 1 82  ? -16.211 2.523   8.746   1.00 14.83 ? 130 TRP A CD1 1 
ATOM   561  C  CD2 . TRP A 1 82  ? -14.438 1.159   8.598   1.00 14.17 ? 130 TRP A CD2 1 
ATOM   562  N  NE1 . TRP A 1 82  ? -15.141 3.270   8.313   1.00 13.59 ? 130 TRP A NE1 1 
ATOM   563  C  CE2 . TRP A 1 82  ? -14.041 2.468   8.235   1.00 13.77 ? 130 TRP A CE2 1 
ATOM   564  C  CE3 . TRP A 1 82  ? -13.484 0.137   8.615   1.00 15.53 ? 130 TRP A CE3 1 
ATOM   565  C  CZ2 . TRP A 1 82  ? -12.731 2.760   7.822   1.00 13.49 ? 130 TRP A CZ2 1 
ATOM   566  C  CZ3 . TRP A 1 82  ? -12.180 0.432   8.209   1.00 12.53 ? 130 TRP A CZ3 1 
ATOM   567  C  CH2 . TRP A 1 82  ? -11.813 1.740   7.843   1.00 13.34 ? 130 TRP A CH2 1 
ATOM   568  N  N   . SER A 1 83  ? -14.856 -1.454  11.262  1.00 14.66 ? 131 SER A N   1 
ATOM   569  C  CA  . SER A 1 83  ? -13.512 -1.784  11.716  1.00 12.86 ? 131 SER A CA  1 
ATOM   570  C  C   . SER A 1 83  ? -12.999 -3.012  10.987  1.00 13.74 ? 131 SER A C   1 
ATOM   571  O  O   . SER A 1 83  ? -13.773 -3.852  10.538  1.00 13.13 ? 131 SER A O   1 
ATOM   572  C  CB  . SER A 1 83  ? -13.488 -2.063  13.223  1.00 13.68 ? 131 SER A CB  1 
ATOM   573  O  OG  . SER A 1 83  ? -13.875 -3.398  13.508  1.00 14.71 ? 131 SER A OG  1 
ATOM   574  N  N   . CYS A 1 84  ? -11.682 -3.100  10.870  1.00 12.74 ? 132 CYS A N   1 
ATOM   575  C  CA  . CYS A 1 84  ? -11.049 -4.243  10.239  1.00 11.74 ? 132 CYS A CA  1 
ATOM   576  C  C   . CYS A 1 84  ? -9.626  -4.318  10.753  1.00 13.22 ? 132 CYS A C   1 
ATOM   577  O  O   . CYS A 1 84  ? -8.834  -3.400  10.531  1.00 12.49 ? 132 CYS A O   1 
ATOM   578  C  CB  . CYS A 1 84  ? -11.055 -4.095  8.715   1.00 12.53 ? 132 CYS A CB  1 
ATOM   579  N  N   . HIS A 1 85  ? -9.302  -5.382  11.481  1.00 11.70 ? 133 HIS A N   1 
ATOM   580  C  CA  . HIS A 1 85  ? -7.938  -5.510  11.952  1.00 14.68 ? 133 HIS A CA  1 
ATOM   581  C  C   . HIS A 1 85  ? -7.246  -6.271  10.856  1.00 13.84 ? 133 HIS A C   1 
ATOM   582  O  O   . HIS A 1 85  ? -7.706  -7.337  10.433  1.00 15.40 ? 133 HIS A O   1 
ATOM   583  C  CB  . HIS A 1 85  ? -7.839  -6.281  13.264  1.00 17.58 ? 133 HIS A CB  1 
ATOM   584  C  CG  . HIS A 1 85  ? -6.506  -6.132  13.925  1.00 25.66 ? 133 HIS A CG  1 
ATOM   585  N  ND1 . HIS A 1 85  ? -5.351  -6.681  13.402  1.00 30.58 ? 133 HIS A ND1 1 
ATOM   586  C  CD2 . HIS A 1 85  ? -6.121  -5.416  15.005  1.00 33.45 ? 133 HIS A CD2 1 
ATOM   587  C  CE1 . HIS A 1 85  ? -4.320  -6.306  14.131  1.00 30.90 ? 133 HIS A CE1 1 
ATOM   588  N  NE2 . HIS A 1 85  ? -4.757  -5.535  15.112  1.00 32.98 ? 133 HIS A NE2 1 
ATOM   589  N  N   . ALA A 1 86  ? -6.146  -5.725  10.373  1.00 12.43 ? 134 ALA A N   1 
ATOM   590  C  CA  . ALA A 1 86  ? -5.480  -6.397  9.293   1.00 12.83 ? 134 ALA A CA  1 
ATOM   591  C  C   . ALA A 1 86  ? -3.990  -6.479  9.402   1.00 11.92 ? 134 ALA A C   1 
ATOM   592  O  O   . ALA A 1 86  ? -3.317  -5.668  10.024  1.00 13.00 ? 134 ALA A O   1 
ATOM   593  C  CB  . ALA A 1 86  ? -5.831  -5.727  7.967   1.00 15.78 ? 134 ALA A CB  1 
ATOM   594  N  N   . GLN A 1 87  ? -3.476  -7.515  8.773   1.00 11.87 ? 135 GLN A N   1 
ATOM   595  C  CA  . GLN A 1 87  ? -2.051  -7.671  8.665   1.00 12.10 ? 135 GLN A CA  1 
ATOM   596  C  C   . GLN A 1 87  ? -1.816  -7.595  7.178   1.00 13.68 ? 135 GLN A C   1 
ATOM   597  O  O   . GLN A 1 87  ? -2.647  -8.006  6.369   1.00 14.97 ? 135 GLN A O   1 
ATOM   598  C  CB  . GLN A 1 87  ? -1.584  -8.999  9.179   1.00 14.33 ? 135 GLN A CB  1 
ATOM   599  C  CG  . GLN A 1 87  ? -1.694  -9.038  10.651  1.00 21.78 ? 135 GLN A CG  1 
ATOM   600  C  CD  . GLN A 1 87  ? -3.112  -9.349  11.115  1.00 27.60 ? 135 GLN A CD  1 
ATOM   601  O  OE1 . GLN A 1 87  ? -3.541  -8.901  12.180  1.00 32.99 ? 135 GLN A OE1 1 
ATOM   602  N  NE2 . GLN A 1 87  ? -3.829  -10.151 10.333  1.00 31.38 ? 135 GLN A NE2 1 
ATOM   603  N  N   . ALA A 1 88  ? -0.703  -6.997  6.803   1.00 12.71 ? 136 ALA A N   1 
ATOM   604  C  CA  . ALA A 1 88  ? -0.394  -6.870  5.391   1.00 11.39 ? 136 ALA A CA  1 
ATOM   605  C  C   . ALA A 1 88  ? 1.089   -6.788  5.101   1.00 13.43 ? 136 ALA A C   1 
ATOM   606  O  O   . ALA A 1 88  ? 1.907   -6.556  5.986   1.00 12.76 ? 136 ALA A O   1 
ATOM   607  C  CB  . ALA A 1 88  ? -1.090  -5.648  4.808   1.00 13.65 ? 136 ALA A CB  1 
ATOM   608  N  N   . VAL A 1 89  ? 1.421   -7.009  3.837   1.00 10.51 ? 137 VAL A N   1 
ATOM   609  C  CA  . VAL A 1 89  ? 2.797   -6.929  3.376   1.00 12.45 ? 137 VAL A CA  1 
ATOM   610  C  C   . VAL A 1 89  ? 2.787   -5.881  2.272   1.00 12.03 ? 137 VAL A C   1 
ATOM   611  O  O   . VAL A 1 89  ? 2.087   -6.039  1.275   1.00 16.05 ? 137 VAL A O   1 
ATOM   612  C  CB  . VAL A 1 89  ? 3.273   -8.268  2.784   1.00 9.77  ? 137 VAL A CB  1 
ATOM   613  C  CG1 . VAL A 1 89  ? 4.718   -8.140  2.305   1.00 12.97 ? 137 VAL A CG1 1 
ATOM   614  C  CG2 . VAL A 1 89  ? 3.141   -9.365  3.820   1.00 13.18 ? 137 VAL A CG2 1 
ATOM   615  N  N   . LEU A 1 90  ? 3.528   -4.797  2.477   1.00 11.38 ? 138 LEU A N   1 
ATOM   616  C  CA  . LEU A 1 90  ? 3.631   -3.729  1.486   1.00 11.14 ? 138 LEU A CA  1 
ATOM   617  C  C   . LEU A 1 90  ? 4.948   -3.943  0.758   1.00 12.20 ? 138 LEU A C   1 
ATOM   618  O  O   . LEU A 1 90  ? 6.017   -3.904  1.367   1.00 11.96 ? 138 LEU A O   1 
ATOM   619  C  CB  . LEU A 1 90  ? 3.621   -2.357  2.165   1.00 12.04 ? 138 LEU A CB  1 
ATOM   620  C  CG  . LEU A 1 90  ? 2.246   -1.761  2.484   1.00 12.23 ? 138 LEU A CG  1 
ATOM   621  C  CD1 . LEU A 1 90  ? 1.463   -2.689  3.395   1.00 12.91 ? 138 LEU A CD1 1 
ATOM   622  C  CD2 . LEU A 1 90  ? 2.431   -0.395  3.131   1.00 12.71 ? 138 LEU A CD2 1 
ATOM   623  N  N   . LYS A 1 91  ? 4.869   -4.143  -0.553  1.00 10.37 ? 139 LYS A N   1 
ATOM   624  C  CA  . LYS A 1 91  ? 6.056   -4.425  -1.344  1.00 13.53 ? 139 LYS A CA  1 
ATOM   625  C  C   . LYS A 1 91  ? 6.220   -3.636  -2.641  1.00 12.68 ? 139 LYS A C   1 
ATOM   626  O  O   . LYS A 1 91  ? 5.248   -3.341  -3.335  1.00 14.41 ? 139 LYS A O   1 
ATOM   627  C  CB  . LYS A 1 91  ? 6.057   -5.924  -1.683  1.00 16.02 ? 139 LYS A CB  1 
ATOM   628  C  CG  . LYS A 1 91  ? 7.108   -6.361  -2.695  1.00 15.68 ? 139 LYS A CG  1 
ATOM   629  C  CD  . LYS A 1 91  ? 6.874   -7.794  -3.168  1.00 16.53 ? 139 LYS A CD  1 
ATOM   630  C  CE  . LYS A 1 91  ? 7.038   -8.793  -2.038  1.00 20.07 ? 139 LYS A CE  1 
ATOM   631  N  NZ  . LYS A 1 91  ? 6.936   -10.197 -2.527  1.00 25.46 ? 139 LYS A NZ  1 
ATOM   632  N  N   . ILE A 1 92  ? 7.459   -3.269  -2.952  1.00 11.00 ? 140 ILE A N   1 
ATOM   633  C  CA  . ILE A 1 92  ? 7.725   -2.636  -4.234  1.00 12.36 ? 140 ILE A CA  1 
ATOM   634  C  C   . ILE A 1 92  ? 8.383   -3.791  -4.979  1.00 11.83 ? 140 ILE A C   1 
ATOM   635  O  O   . ILE A 1 92  ? 9.398   -4.335  -4.544  1.00 12.35 ? 140 ILE A O   1 
ATOM   636  C  CB  . ILE A 1 92  ? 8.674   -1.421  -4.141  1.00 12.89 ? 140 ILE A CB  1 
ATOM   637  C  CG1 . ILE A 1 92  ? 7.905   -0.225  -3.569  1.00 13.43 ? 140 ILE A CG1 1 
ATOM   638  C  CG2 . ILE A 1 92  ? 9.199   -1.060  -5.535  1.00 12.83 ? 140 ILE A CG2 1 
ATOM   639  C  CD1 . ILE A 1 92  ? 8.682   1.086   -3.563  1.00 15.83 ? 140 ILE A CD1 1 
ATOM   640  N  N   . ILE A 1 93  ? 7.762   -4.194  -6.079  1.00 11.47 ? 141 ILE A N   1 
ATOM   641  C  CA  . ILE A 1 93  ? 8.248   -5.312  -6.864  1.00 13.98 ? 141 ILE A CA  1 
ATOM   642  C  C   . ILE A 1 93  ? 9.515   -5.017  -7.648  1.00 13.26 ? 141 ILE A C   1 
ATOM   643  O  O   . ILE A 1 93  ? 9.658   -3.954  -8.252  1.00 13.96 ? 141 ILE A O   1 
ATOM   644  C  CB  . ILE A 1 93  ? 7.151   -5.804  -7.844  1.00 13.80 ? 141 ILE A CB  1 
ATOM   645  C  CG1 . ILE A 1 93  ? 5.994   -6.419  -7.051  1.00 13.08 ? 141 ILE A CG1 1 
ATOM   646  C  CG2 . ILE A 1 93  ? 7.729   -6.816  -8.836  1.00 13.88 ? 141 ILE A CG2 1 
ATOM   647  C  CD1 . ILE A 1 93  ? 4.813   -6.854  -7.919  1.00 14.30 ? 141 ILE A CD1 1 
ATOM   648  N  N   . ASN A 1 94  ? 10.447  -5.960  -7.602  1.00 12.58 ? 142 ASN A N   1 
ATOM   649  C  CA  . ASN A 1 94  ? 11.670  -5.832  -8.373  1.00 13.90 ? 142 ASN A CA  1 
ATOM   650  C  C   . ASN A 1 94  ? 11.371  -6.670  -9.613  1.00 14.88 ? 142 ASN A C   1 
ATOM   651  O  O   . ASN A 1 94  ? 11.239  -7.892  -9.532  1.00 16.91 ? 142 ASN A O   1 
ATOM   652  C  CB  . ASN A 1 94  ? 12.866  -6.400  -7.616  1.00 14.29 ? 142 ASN A CB  1 
ATOM   653  C  CG  . ASN A 1 94  ? 14.169  -6.133  -8.332  1.00 19.41 ? 142 ASN A CG  1 
ATOM   654  O  OD1 . ASN A 1 94  ? 14.425  -6.691  -9.398  1.00 17.78 ? 142 ASN A OD1 1 
ATOM   655  N  ND2 . ASN A 1 94  ? 14.992  -5.256  -7.765  1.00 19.66 ? 142 ASN A ND2 1 
ATOM   656  N  N   . TYR A 1 95  ? 11.237  -6.005  -10.751 1.00 13.04 ? 143 TYR A N   1 
ATOM   657  C  CA  . TYR A 1 95  ? 10.903  -6.686  -11.998 1.00 14.36 ? 143 TYR A CA  1 
ATOM   658  C  C   . TYR A 1 95  ? 11.882  -7.772  -12.426 1.00 14.47 ? 143 TYR A C   1 
ATOM   659  O  O   . TYR A 1 95  ? 11.478  -8.791  -12.984 1.00 16.19 ? 143 TYR A O   1 
ATOM   660  C  CB  . TYR A 1 95  ? 10.790  -5.673  -13.144 1.00 14.82 ? 143 TYR A CB  1 
ATOM   661  C  CG  . TYR A 1 95  ? 9.761   -4.582  -12.942 1.00 18.17 ? 143 TYR A CG  1 
ATOM   662  C  CD1 . TYR A 1 95  ? 10.146  -3.243  -12.871 1.00 17.07 ? 143 TYR A CD1 1 
ATOM   663  C  CD2 . TYR A 1 95  ? 8.401   -4.882  -12.850 1.00 18.19 ? 143 TYR A CD2 1 
ATOM   664  C  CE1 . TYR A 1 95  ? 9.206   -2.230  -12.720 1.00 19.28 ? 143 TYR A CE1 1 
ATOM   665  C  CE2 . TYR A 1 95  ? 7.450   -3.873  -12.697 1.00 19.11 ? 143 TYR A CE2 1 
ATOM   666  C  CZ  . TYR A 1 95  ? 7.861   -2.550  -12.634 1.00 18.60 ? 143 TYR A CZ  1 
ATOM   667  O  OH  . TYR A 1 95  ? 6.932   -1.542  -12.518 1.00 17.25 ? 143 TYR A OH  1 
ATOM   668  N  N   . ARG A 1 96  ? 13.165  -7.552  -12.162 1.00 14.45 ? 144 ARG A N   1 
ATOM   669  C  CA  . ARG A 1 96  ? 14.212  -8.483  -12.579 1.00 15.52 ? 144 ARG A CA  1 
ATOM   670  C  C   . ARG A 1 96  ? 14.470  -9.698  -11.703 1.00 17.60 ? 144 ARG A C   1 
ATOM   671  O  O   . ARG A 1 96  ? 14.761  -10.779 -12.210 1.00 17.90 ? 144 ARG A O   1 
ATOM   672  C  CB  . ARG A 1 96  ? 15.526  -7.720  -12.743 1.00 16.38 ? 144 ARG A CB  1 
ATOM   673  C  CG  . ARG A 1 96  ? 15.445  -6.570  -13.726 1.00 20.95 ? 144 ARG A CG  1 
ATOM   674  C  CD  . ARG A 1 96  ? 16.703  -5.722  -13.675 1.00 27.32 ? 144 ARG A CD  1 
ATOM   675  N  NE  . ARG A 1 96  ? 16.635  -4.603  -14.610 1.00 31.90 ? 144 ARG A NE  1 
ATOM   676  C  CZ  . ARG A 1 96  ? 17.492  -3.587  -14.622 1.00 34.63 ? 144 ARG A CZ  1 
ATOM   677  N  NH1 . ARG A 1 96  ? 18.486  -3.546  -13.745 1.00 36.49 ? 144 ARG A NH1 1 
ATOM   678  N  NH2 . ARG A 1 96  ? 17.355  -2.610  -15.511 1.00 35.69 ? 144 ARG A NH2 1 
ATOM   679  N  N   . ASP A 1 97  ? 14.370  -9.524  -10.391 1.00 17.39 ? 145 ASP A N   1 
ATOM   680  C  CA  . ASP A 1 97  ? 14.649  -10.617 -9.469  1.00 17.81 ? 145 ASP A CA  1 
ATOM   681  C  C   . ASP A 1 97  ? 13.652  -10.586 -8.321  1.00 18.97 ? 145 ASP A C   1 
ATOM   682  O  O   . ASP A 1 97  ? 13.631  -9.632  -7.547  1.00 18.55 ? 145 ASP A O   1 
ATOM   683  C  CB  . ASP A 1 97  ? 16.067  -10.450 -8.921  1.00 19.73 ? 145 ASP A CB  1 
ATOM   684  C  CG  . ASP A 1 97  ? 16.575  -11.684 -8.209  1.00 22.35 ? 145 ASP A CG  1 
ATOM   685  O  OD1 . ASP A 1 97  ? 15.762  -12.416 -7.607  1.00 23.49 ? 145 ASP A OD1 1 
ATOM   686  O  OD2 . ASP A 1 97  ? 17.804  -11.909 -8.243  1.00 25.99 ? 145 ASP A OD2 1 
ATOM   687  N  N   . ASP A 1 98  ? 12.836  -11.628 -8.208  1.00 17.30 ? 146 ASP A N   1 
ATOM   688  C  CA  . ASP A 1 98  ? 11.838  -11.692 -7.148  1.00 19.69 ? 146 ASP A CA  1 
ATOM   689  C  C   . ASP A 1 98  ? 12.477  -11.797 -5.765  1.00 23.07 ? 146 ASP A C   1 
ATOM   690  O  O   . ASP A 1 98  ? 11.803  -11.624 -4.748  1.00 25.08 ? 146 ASP A O   1 
ATOM   691  C  CB  . ASP A 1 98  ? 10.894  -12.877 -7.383  1.00 20.46 ? 146 ASP A CB  1 
ATOM   692  C  CG  . ASP A 1 98  ? 11.619  -14.212 -7.423  1.00 23.03 ? 146 ASP A CG  1 
ATOM   693  O  OD1 . ASP A 1 98  ? 10.952  -15.227 -7.682  1.00 25.91 ? 146 ASP A OD1 1 
ATOM   694  O  OD2 . ASP A 1 98  ? 12.844  -14.263 -7.194  1.00 24.66 ? 146 ASP A OD2 1 
ATOM   695  N  N   . GLU A 1 99  ? 13.777  -12.082 -5.733  1.00 21.45 ? 147 GLU A N   1 
ATOM   696  C  CA  . GLU A 1 99  ? 14.500  -12.195 -4.472  1.00 25.21 ? 147 GLU A CA  1 
ATOM   697  C  C   . GLU A 1 99  ? 14.951  -10.816 -4.015  1.00 23.53 ? 147 GLU A C   1 
ATOM   698  O  O   . GLU A 1 99  ? 15.372  -10.643 -2.869  1.00 22.95 ? 147 GLU A O   1 
ATOM   699  C  CB  . GLU A 1 99  ? 15.732  -13.089 -4.634  1.00 31.10 ? 147 GLU A CB  1 
ATOM   700  C  CG  . GLU A 1 99  ? 15.433  -14.556 -4.880  1.00 44.14 ? 147 GLU A CG  1 
ATOM   701  C  CD  . GLU A 1 99  ? 14.817  -15.233 -3.675  1.00 51.55 ? 147 GLU A CD  1 
ATOM   702  O  OE1 . GLU A 1 99  ? 13.681  -14.870 -3.301  1.00 56.50 ? 147 GLU A OE1 1 
ATOM   703  O  OE2 . GLU A 1 99  ? 15.472  -16.128 -3.098  1.00 56.72 ? 147 GLU A OE2 1 
ATOM   704  N  N   . LYS A 1 100 ? 14.852  -9.838  -4.911  1.00 17.79 ? 148 LYS A N   1 
ATOM   705  C  CA  . LYS A 1 100 ? 15.281  -8.480  -4.598  1.00 19.81 ? 148 LYS A CA  1 
ATOM   706  C  C   . LYS A 1 100 ? 14.168  -7.454  -4.400  1.00 16.79 ? 148 LYS A C   1 
ATOM   707  O  O   . LYS A 1 100 ? 14.429  -6.250  -4.368  1.00 18.94 ? 148 LYS A O   1 
ATOM   708  C  CB  . LYS A 1 100 ? 16.258  -7.986  -5.669  1.00 21.85 ? 148 LYS A CB  1 
ATOM   709  C  CG  . LYS A 1 100 ? 17.561  -8.775  -5.704  1.00 28.25 ? 148 LYS A CG  1 
ATOM   710  C  CD  . LYS A 1 100 ? 18.525  -8.226  -6.742  1.00 35.52 ? 148 LYS A CD  1 
ATOM   711  C  CE  . LYS A 1 100 ? 19.817  -9.028  -6.759  1.00 39.28 ? 148 LYS A CE  1 
ATOM   712  N  NZ  . LYS A 1 100 ? 20.779  -8.526  -7.781  1.00 42.55 ? 148 LYS A NZ  1 
ATOM   713  N  N   . SER A 1 101 ? 12.929  -7.913  -4.273  1.00 16.48 ? 149 SER A N   1 
ATOM   714  C  CA  . SER A 1 101 ? 11.830  -6.982  -4.037  1.00 15.20 ? 149 SER A CA  1 
ATOM   715  C  C   . SER A 1 101 ? 12.013  -6.482  -2.609  1.00 15.61 ? 149 SER A C   1 
ATOM   716  O  O   . SER A 1 101 ? 12.664  -7.148  -1.799  1.00 16.97 ? 149 SER A O   1 
ATOM   717  C  CB  . SER A 1 101 ? 10.479  -7.688  -4.171  1.00 14.56 ? 149 SER A CB  1 
ATOM   718  O  OG  . SER A 1 101 ? 10.279  -8.150  -5.499  1.00 16.10 ? 149 SER A OG  1 
ATOM   719  N  N   . PHE A 1 102 ? 11.469  -5.310  -2.300  1.00 11.92 ? 150 PHE A N   1 
ATOM   720  C  CA  . PHE A 1 102 ? 11.591  -4.772  -0.948  1.00 13.00 ? 150 PHE A CA  1 
ATOM   721  C  C   . PHE A 1 102 ? 10.206  -4.691  -0.333  1.00 11.67 ? 150 PHE A C   1 
ATOM   722  O  O   . PHE A 1 102 ? 9.290   -4.123  -0.926  1.00 13.29 ? 150 PHE A O   1 
ATOM   723  C  CB  . PHE A 1 102 ? 12.225  -3.379  -0.961  1.00 13.77 ? 150 PHE A CB  1 
ATOM   724  C  CG  . PHE A 1 102 ? 12.446  -2.816  0.414   1.00 13.84 ? 150 PHE A CG  1 
ATOM   725  C  CD1 . PHE A 1 102 ? 13.424  -3.348  1.246   1.00 15.57 ? 150 PHE A CD1 1 
ATOM   726  C  CD2 . PHE A 1 102 ? 11.662  -1.770  0.886   1.00 14.62 ? 150 PHE A CD2 1 
ATOM   727  C  CE1 . PHE A 1 102 ? 13.605  -2.860  2.541   1.00 15.44 ? 150 PHE A CE1 1 
ATOM   728  C  CE2 . PHE A 1 102 ? 11.832  -1.274  2.180   1.00 18.52 ? 150 PHE A CE2 1 
ATOM   729  C  CZ  . PHE A 1 102 ? 12.813  -1.815  3.005   1.00 15.76 ? 150 PHE A CZ  1 
ATOM   730  N  N   . SER A 1 103 ? 10.047  -5.257  0.858   1.00 14.30 ? 151 SER A N   1 
ATOM   731  C  CA  . SER A 1 103 ? 8.743   -5.233  1.500   1.00 13.34 ? 151 SER A CA  1 
ATOM   732  C  C   . SER A 1 103 ? 8.815   -5.059  3.004   1.00 14.65 ? 151 SER A C   1 
ATOM   733  O  O   . SER A 1 103 ? 9.828   -5.369  3.637   1.00 13.23 ? 151 SER A O   1 
ATOM   734  C  CB  . SER A 1 103 ? 7.984   -6.519  1.178   1.00 16.45 ? 151 SER A CB  1 
ATOM   735  O  OG  . SER A 1 103 ? 8.639   -7.648  1.726   1.00 17.27 ? 151 SER A OG  1 
ATOM   736  N  N   . ARG A 1 104 ? 7.726   -4.545  3.563   1.00 11.88 ? 152 ARG A N   1 
ATOM   737  C  CA  . ARG A 1 104 ? 7.611   -4.336  4.996   1.00 13.34 ? 152 ARG A CA  1 
ATOM   738  C  C   . ARG A 1 104 ? 6.222   -4.783  5.423   1.00 13.15 ? 152 ARG A C   1 
ATOM   739  O  O   . ARG A 1 104 ? 5.236   -4.556  4.717   1.00 14.61 ? 152 ARG A O   1 
ATOM   740  C  CB  . ARG A 1 104 ? 7.834   -2.865  5.348   1.00 13.05 ? 152 ARG A CB  1 
ATOM   741  C  CG  . ARG A 1 104 ? 9.241   -2.378  4.992   1.00 12.55 ? 152 ARG A CG  1 
ATOM   742  C  CD  . ARG A 1 104 ? 9.531   -0.960  5.457   1.00 12.04 ? 152 ARG A CD  1 
ATOM   743  N  NE  . ARG A 1 104 ? 9.502   -0.839  6.912   1.00 13.13 ? 152 ARG A NE  1 
ATOM   744  C  CZ  . ARG A 1 104 ? 10.015  0.179   7.594   1.00 13.48 ? 152 ARG A CZ  1 
ATOM   745  N  NH1 . ARG A 1 104 ? 10.616  1.179   6.960   1.00 12.91 ? 152 ARG A NH1 1 
ATOM   746  N  NH2 . ARG A 1 104 ? 9.906   0.209   8.916   1.00 14.26 ? 152 ARG A NH2 1 
ATOM   747  N  N   . ARG A 1 105 ? 6.156   -5.428  6.581   1.00 13.58 ? 153 ARG A N   1 
ATOM   748  C  CA  . ARG A 1 105 ? 4.898   -5.936  7.110   1.00 12.47 ? 153 ARG A CA  1 
ATOM   749  C  C   . ARG A 1 105 ? 4.302   -5.002  8.153   1.00 13.26 ? 153 ARG A C   1 
ATOM   750  O  O   . ARG A 1 105 ? 5.028   -4.339  8.893   1.00 13.99 ? 153 ARG A O   1 
ATOM   751  C  CB  . ARG A 1 105 ? 5.135   -7.320  7.725   1.00 14.16 ? 153 ARG A CB  1 
ATOM   752  C  CG  . ARG A 1 105 ? 5.606   -8.343  6.709   1.00 18.88 ? 153 ARG A CG  1 
ATOM   753  C  CD  . ARG A 1 105 ? 6.274   -9.541  7.361   1.00 23.86 ? 153 ARG A CD  1 
ATOM   754  N  NE  . ARG A 1 105 ? 6.676   -10.525 6.360   1.00 31.54 ? 153 ARG A NE  1 
ATOM   755  C  CZ  . ARG A 1 105 ? 5.854   -11.416 5.815   1.00 33.89 ? 153 ARG A CZ  1 
ATOM   756  N  NH1 . ARG A 1 105 ? 4.579   -11.460 6.178   1.00 34.24 ? 153 ARG A NH1 1 
ATOM   757  N  NH2 . ARG A 1 105 ? 6.303   -12.255 4.890   1.00 37.18 ? 153 ARG A NH2 1 
ATOM   758  N  N   . ILE A 1 106 ? 2.975   -4.949  8.201   1.00 12.02 ? 154 ILE A N   1 
ATOM   759  C  CA  . ILE A 1 106 ? 2.284   -4.107  9.172   1.00 12.27 ? 154 ILE A CA  1 
ATOM   760  C  C   . ILE A 1 106 ? 1.104   -4.856  9.789   1.00 12.66 ? 154 ILE A C   1 
ATOM   761  O  O   . ILE A 1 106 ? 0.656   -5.879  9.271   1.00 12.20 ? 154 ILE A O   1 
ATOM   762  C  CB  . ILE A 1 106 ? 1.726   -2.812  8.530   1.00 12.87 ? 154 ILE A CB  1 
ATOM   763  C  CG1 . ILE A 1 106 ? 0.734   -3.168  7.420   1.00 14.26 ? 154 ILE A CG1 1 
ATOM   764  C  CG2 . ILE A 1 106 ? 2.863   -1.960  7.990   1.00 14.22 ? 154 ILE A CG2 1 
ATOM   765  C  CD1 . ILE A 1 106 ? -0.036  -1.977  6.874   1.00 16.73 ? 154 ILE A CD1 1 
ATOM   766  N  N   . SER A 1 107 ? 0.621   -4.326  10.906  1.00 11.86 ? 155 SER A N   1 
ATOM   767  C  CA  . SER A 1 107 ? -0.528  -4.860  11.628  1.00 14.49 ? 155 SER A CA  1 
ATOM   768  C  C   . SER A 1 107 ? -1.223  -3.602  12.132  1.00 13.62 ? 155 SER A C   1 
ATOM   769  O  O   . SER A 1 107 ? -0.613  -2.784  12.821  1.00 15.55 ? 155 SER A O   1 
ATOM   770  C  CB  . SER A 1 107 ? -0.083  -5.722  12.808  1.00 15.58 ? 155 SER A CB  1 
ATOM   771  O  OG  . SER A 1 107 ? -1.209  -6.276  13.466  1.00 20.68 ? 155 SER A OG  1 
ATOM   772  N  N   . HIS A 1 108 ? -2.495  -3.438  11.795  1.00 11.44 ? 156 HIS A N   1 
ATOM   773  C  CA  . HIS A 1 108 ? -3.194  -2.228  12.198  1.00 9.76  ? 156 HIS A CA  1 
ATOM   774  C  C   . HIS A 1 108 ? -4.704  -2.403  12.233  1.00 11.46 ? 156 HIS A C   1 
ATOM   775  O  O   . HIS A 1 108 ? -5.276  -3.136  11.425  1.00 13.22 ? 156 HIS A O   1 
ATOM   776  C  CB  . HIS A 1 108 ? -2.816  -1.100  11.220  1.00 11.34 ? 156 HIS A CB  1 
ATOM   777  C  CG  . HIS A 1 108 ? -3.499  0.209   11.492  1.00 12.42 ? 156 HIS A CG  1 
ATOM   778  N  ND1 . HIS A 1 108 ? -4.476  0.721   10.671  1.00 15.92 ? 156 HIS A ND1 1 
ATOM   779  C  CD2 . HIS A 1 108 ? -3.330  1.102   12.494  1.00 11.87 ? 156 HIS A CD2 1 
ATOM   780  C  CE1 . HIS A 1 108 ? -4.887  1.885   11.158  1.00 14.28 ? 156 HIS A CE1 1 
ATOM   781  N  NE2 . HIS A 1 108 ? -4.209  2.137   12.258  1.00 17.13 ? 156 HIS A NE2 1 
ATOM   782  N  N   . LEU A 1 109 ? -5.343  -1.734  13.189  1.00 12.27 ? 157 LEU A N   1 
ATOM   783  C  CA  . LEU A 1 109 ? -6.792  -1.777  13.299  1.00 11.62 ? 157 LEU A CA  1 
ATOM   784  C  C   . LEU A 1 109 ? -7.303  -0.602  12.473  1.00 11.92 ? 157 LEU A C   1 
ATOM   785  O  O   . LEU A 1 109 ? -7.205  0.559   12.887  1.00 13.00 ? 157 LEU A O   1 
ATOM   786  C  CB  . LEU A 1 109 ? -7.234  -1.620  14.758  1.00 12.32 ? 157 LEU A CB  1 
ATOM   787  C  CG  . LEU A 1 109 ? -8.716  -1.831  15.099  1.00 16.54 ? 157 LEU A CG  1 
ATOM   788  C  CD1 . LEU A 1 109 ? -9.575  -0.780  14.421  1.00 19.75 ? 157 LEU A CD1 1 
ATOM   789  C  CD2 . LEU A 1 109 ? -9.148  -3.229  14.677  1.00 16.08 ? 157 LEU A CD2 1 
ATOM   790  N  N   . PHE A 1 110 ? -7.818  -0.903  11.288  1.00 11.63 ? 158 PHE A N   1 
ATOM   791  C  CA  . PHE A 1 110 ? -8.359  0.125   10.416  1.00 11.95 ? 158 PHE A CA  1 
ATOM   792  C  C   . PHE A 1 110 ? -9.780  0.507   10.821  1.00 11.78 ? 158 PHE A C   1 
ATOM   793  O  O   . PHE A 1 110 ? -10.609 -0.359  11.100  1.00 13.25 ? 158 PHE A O   1 
ATOM   794  C  CB  . PHE A 1 110 ? -8.380  -0.358  8.960   1.00 10.76 ? 158 PHE A CB  1 
ATOM   795  C  CG  . PHE A 1 110 ? -7.021  -0.481  8.340   1.00 12.02 ? 158 PHE A CG  1 
ATOM   796  C  CD1 . PHE A 1 110 ? -6.226  -1.596  8.582   1.00 11.37 ? 158 PHE A CD1 1 
ATOM   797  C  CD2 . PHE A 1 110 ? -6.531  0.526   7.513   1.00 13.09 ? 158 PHE A CD2 1 
ATOM   798  C  CE1 . PHE A 1 110 ? -4.953  -1.704  8.013   1.00 12.98 ? 158 PHE A CE1 1 
ATOM   799  C  CE2 . PHE A 1 110 ? -5.259  0.428   6.939   1.00 12.12 ? 158 PHE A CE2 1 
ATOM   800  C  CZ  . PHE A 1 110 ? -4.472  -0.691  7.189   1.00 12.27 ? 158 PHE A CZ  1 
ATOM   801  N  N   . PHE A 1 111 ? -10.047 1.807   10.873  1.00 12.67 ? 159 PHE A N   1 
ATOM   802  C  CA  . PHE A 1 111 ? -11.387 2.303   11.179  1.00 12.81 ? 159 PHE A CA  1 
ATOM   803  C  C   . PHE A 1 111 ? -11.473 3.742   10.677  1.00 14.34 ? 159 PHE A C   1 
ATOM   804  O  O   . PHE A 1 111 ? -10.477 4.279   10.190  1.00 11.84 ? 159 PHE A O   1 
ATOM   805  C  CB  . PHE A 1 111 ? -11.734 2.142   12.676  1.00 14.42 ? 159 PHE A CB  1 
ATOM   806  C  CG  . PHE A 1 111 ? -11.065 3.116   13.602  1.00 15.91 ? 159 PHE A CG  1 
ATOM   807  C  CD1 . PHE A 1 111 ? -11.809 4.127   14.209  1.00 15.18 ? 159 PHE A CD1 1 
ATOM   808  C  CD2 . PHE A 1 111 ? -9.712  3.006   13.910  1.00 16.21 ? 159 PHE A CD2 1 
ATOM   809  C  CE1 . PHE A 1 111 ? -11.225 4.985   15.141  1.00 16.21 ? 159 PHE A CE1 1 
ATOM   810  C  CE2 . PHE A 1 111 ? -9.118  3.860   14.842  1.00 18.02 ? 159 PHE A CE2 1 
ATOM   811  C  CZ  . PHE A 1 111 ? -9.873  4.860   15.445  1.00 15.78 ? 159 PHE A CZ  1 
ATOM   812  N  N   . HIS A 1 112 ? -12.641 4.368   10.765  1.00 12.68 ? 160 HIS A N   1 
ATOM   813  C  CA  . HIS A 1 112 ? -12.790 5.706   10.198  1.00 15.44 ? 160 HIS A CA  1 
ATOM   814  C  C   . HIS A 1 112 ? -11.773 6.780   10.571  1.00 14.64 ? 160 HIS A C   1 
ATOM   815  O  O   . HIS A 1 112 ? -11.399 7.589   9.717   1.00 17.62 ? 160 HIS A O   1 
ATOM   816  C  CB  . HIS A 1 112 ? -14.217 6.237   10.418  1.00 15.66 ? 160 HIS A CB  1 
ATOM   817  C  CG  . HIS A 1 112 ? -14.470 6.773   11.794  1.00 23.03 ? 160 HIS A CG  1 
ATOM   818  N  ND1 . HIS A 1 112 ? -14.585 5.967   12.898  1.00 23.37 ? 160 HIS A ND1 1 
ATOM   819  C  CD2 . HIS A 1 112 ? -14.638 8.049   12.231  1.00 21.78 ? 160 HIS A CD2 1 
ATOM   820  C  CE1 . HIS A 1 112 ? -14.816 6.718   13.969  1.00 25.56 ? 160 HIS A CE1 1 
ATOM   821  N  NE2 . HIS A 1 112 ? -14.852 7.978   13.585  1.00 23.84 ? 160 HIS A NE2 1 
ATOM   822  N  N   . LYS A 1 113 ? -11.314 6.802   11.819  1.00 16.09 ? 161 LYS A N   1 
ATOM   823  C  CA  . LYS A 1 113 ? -10.345 7.819   12.230  1.00 16.65 ? 161 LYS A CA  1 
ATOM   824  C  C   . LYS A 1 113 ? -8.902  7.487   11.865  1.00 17.21 ? 161 LYS A C   1 
ATOM   825  O  O   . LYS A 1 113 ? -8.048  8.371   11.854  1.00 18.73 ? 161 LYS A O   1 
ATOM   826  C  CB  . LYS A 1 113 ? -10.442 8.076   13.737  1.00 19.31 ? 161 LYS A CB  1 
ATOM   827  C  CG  . LYS A 1 113 ? -11.764 8.680   14.176  1.00 24.33 ? 161 LYS A CG  1 
ATOM   828  C  CD  . LYS A 1 113 ? -11.751 8.994   15.666  1.00 32.80 ? 161 LYS A CD  1 
ATOM   829  C  CE  . LYS A 1 113 ? -13.093 9.551   16.127  1.00 36.33 ? 161 LYS A CE  1 
ATOM   830  N  NZ  . LYS A 1 113 ? -13.109 9.827   17.593  1.00 38.92 ? 161 LYS A NZ  1 
ATOM   831  N  N   . GLU A 1 114 ? -8.630  6.218   11.580  1.00 14.44 ? 162 GLU A N   1 
ATOM   832  C  CA  . GLU A 1 114 ? -7.285  5.786   11.204  1.00 14.41 ? 162 GLU A CA  1 
ATOM   833  C  C   . GLU A 1 114 ? -7.459  4.804   10.055  1.00 14.16 ? 162 GLU A C   1 
ATOM   834  O  O   . GLU A 1 114 ? -7.251  3.597   10.207  1.00 13.42 ? 162 GLU A O   1 
ATOM   835  C  CB  . GLU A 1 114 ? -6.592  5.114   12.397  1.00 18.29 ? 162 GLU A CB  1 
ATOM   836  C  CG  . GLU A 1 114 ? -6.551  6.006   13.632  1.00 18.36 ? 162 GLU A CG  1 
ATOM   837  C  CD  . GLU A 1 114 ? -5.826  5.384   14.806  1.00 26.39 ? 162 GLU A CD  1 
ATOM   838  O  OE1 . GLU A 1 114 ? -5.953  5.924   15.926  1.00 30.65 ? 162 GLU A OE1 1 
ATOM   839  O  OE2 . GLU A 1 114 ? -5.126  4.370   14.618  1.00 28.78 ? 162 GLU A OE2 1 
ATOM   840  N  N   . ASN A 1 115 ? -7.841  5.332   8.896   1.00 12.47 ? 163 ASN A N   1 
ATOM   841  C  CA  . ASN A 1 115 ? -8.097  4.482   7.743   1.00 11.49 ? 163 ASN A CA  1 
ATOM   842  C  C   . ASN A 1 115 ? -6.915  4.163   6.844   1.00 11.63 ? 163 ASN A C   1 
ATOM   843  O  O   . ASN A 1 115 ? -7.071  3.478   5.835   1.00 11.66 ? 163 ASN A O   1 
ATOM   844  C  CB  . ASN A 1 115 ? -9.275  5.040   6.920   1.00 11.95 ? 163 ASN A CB  1 
ATOM   845  C  CG  . ASN A 1 115 ? -8.969  6.373   6.249   1.00 14.86 ? 163 ASN A CG  1 
ATOM   846  O  OD1 . ASN A 1 115 ? -9.889  7.117   5.892   1.00 19.31 ? 163 ASN A OD1 1 
ATOM   847  N  ND2 . ASN A 1 115 ? -7.696  6.672   6.052   1.00 11.82 ? 163 ASN A ND2 1 
ATOM   848  N  N   . ASP A 1 116 ? -5.729  4.646   7.202   1.00 12.27 ? 164 ASP A N   1 
ATOM   849  C  CA  . ASP A 1 116 ? -4.545  4.333   6.414   1.00 13.60 ? 164 ASP A CA  1 
ATOM   850  C  C   . ASP A 1 116 ? -3.347  4.075   7.320   1.00 12.67 ? 164 ASP A C   1 
ATOM   851  O  O   . ASP A 1 116 ? -3.296  4.540   8.458   1.00 13.40 ? 164 ASP A O   1 
ATOM   852  C  CB  . ASP A 1 116 ? -4.258  5.432   5.378   1.00 13.91 ? 164 ASP A CB  1 
ATOM   853  C  CG  . ASP A 1 116 ? -4.201  6.813   5.976   1.00 16.80 ? 164 ASP A CG  1 
ATOM   854  O  OD1 . ASP A 1 116 ? -4.207  7.792   5.200   1.00 18.42 ? 164 ASP A OD1 1 
ATOM   855  O  OD2 . ASP A 1 116 ? -4.146  6.926   7.211   1.00 15.30 ? 164 ASP A OD2 1 
ATOM   856  N  N   . TRP A 1 117 ? -2.391  3.305   6.819   1.00 12.09 ? 165 TRP A N   1 
ATOM   857  C  CA  . TRP A 1 117 ? -1.218  2.946   7.607   1.00 10.60 ? 165 TRP A CA  1 
ATOM   858  C  C   . TRP A 1 117 ? -0.100  2.581   6.642   1.00 10.90 ? 165 TRP A C   1 
ATOM   859  O  O   . TRP A 1 117 ? -0.335  1.906   5.637   1.00 11.70 ? 165 TRP A O   1 
ATOM   860  C  CB  . TRP A 1 117 ? -1.575  1.753   8.499   1.00 10.86 ? 165 TRP A CB  1 
ATOM   861  C  CG  . TRP A 1 117 ? -0.635  1.509   9.633   1.00 13.18 ? 165 TRP A CG  1 
ATOM   862  C  CD1 . TRP A 1 117 ? 0.200   0.438   9.793   1.00 14.21 ? 165 TRP A CD1 1 
ATOM   863  C  CD2 . TRP A 1 117 ? -0.459  2.336   10.791  1.00 14.59 ? 165 TRP A CD2 1 
ATOM   864  N  NE1 . TRP A 1 117 ? 0.878   0.541   10.984  1.00 13.72 ? 165 TRP A NE1 1 
ATOM   865  C  CE2 . TRP A 1 117 ? 0.489   1.687   11.618  1.00 15.28 ? 165 TRP A CE2 1 
ATOM   866  C  CE3 . TRP A 1 117 ? -1.022  3.544   11.215  1.00 13.18 ? 165 TRP A CE3 1 
ATOM   867  C  CZ2 . TRP A 1 117 ? 0.901   2.230   12.843  1.00 15.63 ? 165 TRP A CZ2 1 
ATOM   868  C  CZ3 . TRP A 1 117 ? -0.612  4.081   12.433  1.00 14.66 ? 165 TRP A CZ3 1 
ATOM   869  C  CH2 . TRP A 1 117 ? 0.336   3.415   13.236  1.00 15.43 ? 165 TRP A CH2 1 
ATOM   870  N  N   . GLY A 1 118 ? 1.114   3.024   6.945   1.00 9.94  ? 166 GLY A N   1 
ATOM   871  C  CA  . GLY A 1 118 ? 2.214   2.735   6.054   1.00 10.48 ? 166 GLY A CA  1 
ATOM   872  C  C   . GLY A 1 118 ? 3.506   3.445   6.382   1.00 11.64 ? 166 GLY A C   1 
ATOM   873  O  O   . GLY A 1 118 ? 3.765   3.806   7.534   1.00 11.46 ? 166 GLY A O   1 
ATOM   874  N  N   . PHE A 1 119 ? 4.302   3.676   5.345   1.00 10.17 ? 167 PHE A N   1 
ATOM   875  C  CA  . PHE A 1 119 ? 5.612   4.280   5.502   1.00 10.13 ? 167 PHE A CA  1 
ATOM   876  C  C   . PHE A 1 119 ? 5.836   5.493   4.618   1.00 11.38 ? 167 PHE A C   1 
ATOM   877  O  O   . PHE A 1 119 ? 5.685   5.422   3.399   1.00 12.68 ? 167 PHE A O   1 
ATOM   878  C  CB  . PHE A 1 119 ? 6.679   3.229   5.196   1.00 12.10 ? 167 PHE A CB  1 
ATOM   879  C  CG  . PHE A 1 119 ? 6.409   1.909   5.855   1.00 11.64 ? 167 PHE A CG  1 
ATOM   880  C  CD1 . PHE A 1 119 ? 5.596   0.957   5.240   1.00 12.08 ? 167 PHE A CD1 1 
ATOM   881  C  CD2 . PHE A 1 119 ? 6.966   1.614   7.097   1.00 12.86 ? 167 PHE A CD2 1 
ATOM   882  C  CE1 . PHE A 1 119 ? 5.295   -0.250  5.879   1.00 14.14 ? 167 PHE A CE1 1 
ATOM   883  C  CE2 . PHE A 1 119 ? 6.671   0.410   7.746   1.00 13.92 ? 167 PHE A CE2 1 
ATOM   884  C  CZ  . PHE A 1 119 ? 5.853   -0.531  7.125   1.00 14.44 ? 167 PHE A CZ  1 
ATOM   885  N  N   . SER A 1 120 ? 6.217   6.604   5.238   1.00 12.86 ? 168 SER A N   1 
ATOM   886  C  CA  . SER A 1 120 ? 6.470   7.828   4.491   1.00 13.44 ? 168 SER A CA  1 
ATOM   887  C  C   . SER A 1 120 ? 7.876   7.814   3.887   1.00 15.13 ? 168 SER A C   1 
ATOM   888  O  O   . SER A 1 120 ? 8.160   8.545   2.941   1.00 15.46 ? 168 SER A O   1 
ATOM   889  C  CB  . SER A 1 120 ? 6.298   9.037   5.408   1.00 12.93 ? 168 SER A CB  1 
ATOM   890  O  OG  . SER A 1 120 ? 7.041   8.868   6.601   1.00 14.56 ? 168 SER A OG  1 
ATOM   891  N  N   . ASN A 1 121 ? 8.747   6.969   4.429   1.00 15.69 ? 169 ASN A N   1 
ATOM   892  C  CA  . ASN A 1 121 ? 10.116  6.861   3.933   1.00 15.33 ? 169 ASN A CA  1 
ATOM   893  C  C   . ASN A 1 121 ? 10.391  5.394   3.607   1.00 16.17 ? 169 ASN A C   1 
ATOM   894  O  O   . ASN A 1 121 ? 11.353  4.800   4.090   1.00 16.54 ? 169 ASN A O   1 
ATOM   895  C  CB  . ASN A 1 121 ? 11.090  7.386   4.998   1.00 16.70 ? 169 ASN A CB  1 
ATOM   896  C  CG  . ASN A 1 121 ? 12.519  7.463   4.501   1.00 21.12 ? 169 ASN A CG  1 
ATOM   897  O  OD1 . ASN A 1 121 ? 12.767  7.641   3.308   1.00 20.77 ? 169 ASN A OD1 1 
ATOM   898  N  ND2 . ASN A 1 121 ? 13.472  7.343   5.419   1.00 27.89 ? 169 ASN A ND2 1 
ATOM   899  N  N   . PHE A 1 122 ? 9.520   4.826   2.777   1.00 15.04 ? 170 PHE A N   1 
ATOM   900  C  CA  . PHE A 1 122 ? 9.612   3.426   2.375   1.00 14.89 ? 170 PHE A CA  1 
ATOM   901  C  C   . PHE A 1 122 ? 10.917  3.111   1.647   1.00 15.48 ? 170 PHE A C   1 
ATOM   902  O  O   . PHE A 1 122 ? 11.565  2.107   1.933   1.00 16.34 ? 170 PHE A O   1 
ATOM   903  C  CB  . PHE A 1 122 ? 8.427   3.069   1.477   1.00 14.65 ? 170 PHE A CB  1 
ATOM   904  C  CG  . PHE A 1 122 ? 8.269   1.594   1.243   1.00 15.03 ? 170 PHE A CG  1 
ATOM   905  C  CD1 . PHE A 1 122 ? 7.662   0.784   2.199   1.00 14.28 ? 170 PHE A CD1 1 
ATOM   906  C  CD2 . PHE A 1 122 ? 8.720   1.016   0.064   1.00 14.44 ? 170 PHE A CD2 1 
ATOM   907  C  CE1 . PHE A 1 122 ? 7.510   -0.584  1.985   1.00 14.34 ? 170 PHE A CE1 1 
ATOM   908  C  CE2 . PHE A 1 122 ? 8.574   -0.348  -0.161  1.00 14.69 ? 170 PHE A CE2 1 
ATOM   909  C  CZ  . PHE A 1 122 ? 7.964   -1.151  0.800   1.00 13.88 ? 170 PHE A CZ  1 
ATOM   910  N  N   . MET A 1 123 ? 11.285  3.964   0.697   1.00 15.26 ? 171 MET A N   1 
ATOM   911  C  CA  . MET A 1 123 ? 12.512  3.781   -0.072  1.00 16.34 ? 171 MET A CA  1 
ATOM   912  C  C   . MET A 1 123 ? 12.997  5.126   -0.601  1.00 15.09 ? 171 MET A C   1 
ATOM   913  O  O   . MET A 1 123 ? 12.196  6.026   -0.854  1.00 15.38 ? 171 MET A O   1 
ATOM   914  C  CB  . MET A 1 123 ? 12.261  2.837   -1.254  1.00 14.76 ? 171 MET A CB  1 
ATOM   915  C  CG  . MET A 1 123 ? 13.495  2.534   -2.099  1.00 19.01 ? 171 MET A CG  1 
ATOM   916  S  SD  . MET A 1 123 ? 13.145  1.355   -3.430  1.00 24.10 ? 171 MET A SD  1 
ATOM   917  C  CE  . MET A 1 123 ? 12.354  0.054   -2.486  1.00 16.31 ? 171 MET A CE  1 
ATOM   918  N  N   . ALA A 1 124 ? 14.309  5.263   -0.760  1.00 14.27 ? 172 ALA A N   1 
ATOM   919  C  CA  . ALA A 1 124 ? 14.873  6.498   -1.286  1.00 16.33 ? 172 ALA A CA  1 
ATOM   920  C  C   . ALA A 1 124 ? 14.369  6.682   -2.715  1.00 14.27 ? 172 ALA A C   1 
ATOM   921  O  O   . ALA A 1 124 ? 14.295  5.726   -3.487  1.00 15.47 ? 172 ALA A O   1 
ATOM   922  C  CB  . ALA A 1 124 ? 16.393  6.427   -1.277  1.00 16.10 ? 172 ALA A CB  1 
ATOM   923  N  N   . TRP A 1 125 ? 14.012  7.913   -3.064  1.00 14.77 ? 173 TRP A N   1 
ATOM   924  C  CA  . TRP A 1 125 ? 13.523  8.198   -4.404  1.00 17.73 ? 173 TRP A CA  1 
ATOM   925  C  C   . TRP A 1 125 ? 14.596  7.861   -5.437  1.00 18.53 ? 173 TRP A C   1 
ATOM   926  O  O   . TRP A 1 125 ? 14.291  7.382   -6.532  1.00 20.41 ? 173 TRP A O   1 
ATOM   927  C  CB  . TRP A 1 125 ? 13.135  9.674   -4.517  1.00 17.02 ? 173 TRP A CB  1 
ATOM   928  C  CG  . TRP A 1 125 ? 12.396  10.006  -5.777  1.00 18.88 ? 173 TRP A CG  1 
ATOM   929  C  CD1 . TRP A 1 125 ? 12.934  10.404  -6.968  1.00 21.88 ? 173 TRP A CD1 1 
ATOM   930  C  CD2 . TRP A 1 125 ? 10.981  9.935   -5.980  1.00 20.47 ? 173 TRP A CD2 1 
ATOM   931  N  NE1 . TRP A 1 125 ? 11.937  10.597  -7.897  1.00 21.53 ? 173 TRP A NE1 1 
ATOM   932  C  CE2 . TRP A 1 125 ? 10.727  10.331  -7.311  1.00 20.21 ? 173 TRP A CE2 1 
ATOM   933  C  CE3 . TRP A 1 125 ? 9.895   9.611   -5.154  1.00 20.84 ? 173 TRP A CE3 1 
ATOM   934  C  CZ2 . TRP A 1 125 ? 9.437   10.366  -7.851  1.00 21.74 ? 173 TRP A CZ2 1 
ATOM   935  C  CZ3 . TRP A 1 125 ? 8.613   9.648   -5.688  1.00 22.93 ? 173 TRP A CZ3 1 
ATOM   936  C  CH2 . TRP A 1 125 ? 8.395   10.040  -7.022  1.00 22.34 ? 173 TRP A CH2 1 
ATOM   937  N  N   . SER A 1 126 ? 15.853  8.103   -5.073  1.00 18.84 ? 174 SER A N   1 
ATOM   938  C  CA  . SER A 1 126 ? 16.976  7.836   -5.962  1.00 20.00 ? 174 SER A CA  1 
ATOM   939  C  C   . SER A 1 126 ? 17.185  6.343   -6.198  1.00 21.23 ? 174 SER A C   1 
ATOM   940  O  O   . SER A 1 126 ? 17.691  5.946   -7.250  1.00 21.93 ? 174 SER A O   1 
ATOM   941  C  CB  . SER A 1 126 ? 18.257  8.456   -5.395  1.00 22.06 ? 174 SER A CB  1 
ATOM   942  O  OG  . SER A 1 126 ? 18.553  7.936   -4.113  1.00 26.01 ? 174 SER A OG  1 
ATOM   943  N  N   . GLU A 1 127 ? 16.798  5.518   -5.227  1.00 19.16 ? 175 GLU A N   1 
ATOM   944  C  CA  . GLU A 1 127 ? 16.953  4.076   -5.363  1.00 20.67 ? 175 GLU A CA  1 
ATOM   945  C  C   . GLU A 1 127 ? 15.849  3.478   -6.224  1.00 17.95 ? 175 GLU A C   1 
ATOM   946  O  O   . GLU A 1 127 ? 16.115  2.699   -7.137  1.00 18.10 ? 175 GLU A O   1 
ATOM   947  C  CB  . GLU A 1 127 ? 16.960  3.389   -3.990  1.00 20.54 ? 175 GLU A CB  1 
ATOM   948  C  CG  . GLU A 1 127 ? 16.946  1.865   -4.093  1.00 27.87 ? 175 GLU A CG  1 
ATOM   949  C  CD  . GLU A 1 127 ? 17.112  1.157   -2.761  1.00 34.20 ? 175 GLU A CD  1 
ATOM   950  O  OE1 . GLU A 1 127 ? 17.036  -0.091  -2.743  1.00 35.36 ? 175 GLU A OE1 1 
ATOM   951  O  OE2 . GLU A 1 127 ? 17.322  1.839   -1.735  1.00 36.85 ? 175 GLU A OE2 1 
ATOM   952  N  N   . VAL A 1 128 ? 14.605  3.846   -5.936  1.00 16.22 ? 176 VAL A N   1 
ATOM   953  C  CA  . VAL A 1 128 ? 13.483  3.319   -6.693  1.00 18.38 ? 176 VAL A CA  1 
ATOM   954  C  C   . VAL A 1 128 ? 13.548  3.706   -8.172  1.00 18.72 ? 176 VAL A C   1 
ATOM   955  O  O   . VAL A 1 128 ? 13.126  2.937   -9.033  1.00 18.22 ? 176 VAL A O   1 
ATOM   956  C  CB  . VAL A 1 128 ? 12.133  3.796   -6.101  1.00 19.78 ? 176 VAL A CB  1 
ATOM   957  C  CG1 . VAL A 1 128 ? 11.952  5.287   -6.324  1.00 22.60 ? 176 VAL A CG1 1 
ATOM   958  C  CG2 . VAL A 1 128 ? 10.989  3.016   -6.731  1.00 20.56 ? 176 VAL A CG2 1 
ATOM   959  N  N   . THR A 1 129 ? 14.091  4.887   -8.465  1.00 19.19 ? 177 THR A N   1 
ATOM   960  C  CA  . THR A 1 129 ? 14.181  5.359   -9.845  1.00 20.23 ? 177 THR A CA  1 
ATOM   961  C  C   . THR A 1 129 ? 15.501  5.023   -10.539 1.00 21.19 ? 177 THR A C   1 
ATOM   962  O  O   . THR A 1 129 ? 15.708  5.403   -11.692 1.00 22.27 ? 177 THR A O   1 
ATOM   963  C  CB  . THR A 1 129 ? 13.958  6.888   -9.937  1.00 21.45 ? 177 THR A CB  1 
ATOM   964  O  OG1 . THR A 1 129 ? 14.956  7.570   -9.165  1.00 21.24 ? 177 THR A OG1 1 
ATOM   965  C  CG2 . THR A 1 129 ? 12.574  7.261   -9.418  1.00 20.52 ? 177 THR A CG2 1 
ATOM   966  N  N   . ASP A 1 130 ? 16.391  4.321   -9.843  1.00 21.80 ? 178 ASP A N   1 
ATOM   967  C  CA  . ASP A 1 130 ? 17.676  3.932   -10.427 1.00 24.38 ? 178 ASP A CA  1 
ATOM   968  C  C   . ASP A 1 130 ? 17.382  2.838   -11.453 1.00 26.25 ? 178 ASP A C   1 
ATOM   969  O  O   . ASP A 1 130 ? 17.069  1.708   -11.086 1.00 25.11 ? 178 ASP A O   1 
ATOM   970  C  CB  . ASP A 1 130 ? 18.609  3.376   -9.349  1.00 23.21 ? 178 ASP A CB  1 
ATOM   971  C  CG  . ASP A 1 130 ? 20.016  3.132   -9.860  1.00 24.75 ? 178 ASP A CG  1 
ATOM   972  O  OD1 . ASP A 1 130 ? 20.169  2.684   -11.014 1.00 27.89 ? 178 ASP A OD1 1 
ATOM   973  O  OD2 . ASP A 1 130 ? 20.971  3.378   -9.099  1.00 27.45 ? 178 ASP A OD2 1 
ATOM   974  N  N   . PRO A 1 131 ? 17.497  3.158   -12.752 1.00 30.30 ? 179 PRO A N   1 
ATOM   975  C  CA  . PRO A 1 131 ? 17.230  2.191   -13.822 1.00 35.25 ? 179 PRO A CA  1 
ATOM   976  C  C   . PRO A 1 131 ? 18.080  0.927   -13.770 1.00 37.99 ? 179 PRO A C   1 
ATOM   977  O  O   . PRO A 1 131 ? 17.940  0.045   -14.617 1.00 42.11 ? 179 PRO A O   1 
ATOM   978  C  CB  . PRO A 1 131 ? 17.490  3.006   -15.085 1.00 36.94 ? 179 PRO A CB  1 
ATOM   979  C  CG  . PRO A 1 131 ? 18.588  3.921   -14.656 1.00 36.98 ? 179 PRO A CG  1 
ATOM   980  C  CD  . PRO A 1 131 ? 18.098  4.384   -13.301 1.00 32.79 ? 179 PRO A CD  1 
ATOM   981  N  N   . GLU A 1 132 ? 18.945  0.833   -12.767 1.00 40.60 ? 180 GLU A N   1 
ATOM   982  C  CA  . GLU A 1 132 ? 19.825  -0.319  -12.627 1.00 42.66 ? 180 GLU A CA  1 
ATOM   983  C  C   . GLU A 1 132 ? 19.476  -1.222  -11.444 1.00 37.67 ? 180 GLU A C   1 
ATOM   984  O  O   . GLU A 1 132 ? 19.979  -2.341  -11.351 1.00 34.84 ? 180 GLU A O   1 
ATOM   985  C  CB  . GLU A 1 132 ? 21.272  0.168   -12.502 1.00 51.96 ? 180 GLU A CB  1 
ATOM   986  C  CG  . GLU A 1 132 ? 22.316  -0.928  -12.384 1.00 69.45 ? 180 GLU A CG  1 
ATOM   987  C  CD  . GLU A 1 132 ? 23.725  -0.372  -12.276 1.00 78.36 ? 180 GLU A CD  1 
ATOM   988  O  OE1 . GLU A 1 132 ? 24.673  -1.172  -12.131 1.00 84.54 ? 180 GLU A OE1 1 
ATOM   989  O  OE2 . GLU A 1 132 ? 23.884  0.866   -12.337 1.00 83.64 ? 180 GLU A OE2 1 
ATOM   990  N  N   . LYS A 1 133 ? 18.613  -0.749  -10.549 1.00 28.75 ? 181 LYS A N   1 
ATOM   991  C  CA  . LYS A 1 133 ? 18.247  -1.546  -9.381  1.00 28.88 ? 181 LYS A CA  1 
ATOM   992  C  C   . LYS A 1 133 ? 17.072  -2.501  -9.591  1.00 24.97 ? 181 LYS A C   1 
ATOM   993  O  O   . LYS A 1 133 ? 16.820  -3.368  -8.756  1.00 26.96 ? 181 LYS A O   1 
ATOM   994  C  CB  . LYS A 1 133 ? 17.982  -0.635  -8.182  1.00 28.29 ? 181 LYS A CB  1 
ATOM   995  C  CG  . LYS A 1 133 ? 19.237  0.069   -7.681  1.00 34.62 ? 181 LYS A CG  1 
ATOM   996  C  CD  . LYS A 1 133 ? 19.054  0.600   -6.272  1.00 41.25 ? 181 LYS A CD  1 
ATOM   997  C  CE  . LYS A 1 133 ? 18.763  -0.531  -5.288  1.00 43.49 ? 181 LYS A CE  1 
ATOM   998  N  NZ  . LYS A 1 133 ? 19.859  -1.538  -5.240  1.00 47.22 ? 181 LYS A NZ  1 
ATOM   999  N  N   . GLY A 1 134 ? 16.352  -2.332  -10.696 1.00 20.99 ? 182 GLY A N   1 
ATOM   1000 C  CA  . GLY A 1 134 ? 15.248  -3.227  -11.001 1.00 19.89 ? 182 GLY A CA  1 
ATOM   1001 C  C   . GLY A 1 134 ? 13.860  -2.936  -10.457 1.00 20.24 ? 182 GLY A C   1 
ATOM   1002 O  O   . GLY A 1 134 ? 12.978  -3.787  -10.573 1.00 17.67 ? 182 GLY A O   1 
ATOM   1003 N  N   . PHE A 1 135 ? 13.649  -1.760  -9.871  1.00 18.27 ? 183 PHE A N   1 
ATOM   1004 C  CA  . PHE A 1 135 ? 12.330  -1.417  -9.334  1.00 17.86 ? 183 PHE A CA  1 
ATOM   1005 C  C   . PHE A 1 135 ? 11.557  -0.529  -10.292 1.00 19.14 ? 183 PHE A C   1 
ATOM   1006 O  O   . PHE A 1 135 ? 10.383  -0.228  -10.070 1.00 18.54 ? 183 PHE A O   1 
ATOM   1007 C  CB  . PHE A 1 135 ? 12.450  -0.679  -7.997  1.00 16.07 ? 183 PHE A CB  1 
ATOM   1008 C  CG  . PHE A 1 135 ? 13.133  -1.468  -6.921  1.00 17.21 ? 183 PHE A CG  1 
ATOM   1009 C  CD1 . PHE A 1 135 ? 14.411  -1.121  -6.497  1.00 16.74 ? 183 PHE A CD1 1 
ATOM   1010 C  CD2 . PHE A 1 135 ? 12.491  -2.547  -6.317  1.00 17.15 ? 183 PHE A CD2 1 
ATOM   1011 C  CE1 . PHE A 1 135 ? 15.041  -1.836  -5.480  1.00 19.30 ? 183 PHE A CE1 1 
ATOM   1012 C  CE2 . PHE A 1 135 ? 13.112  -3.266  -5.301  1.00 18.43 ? 183 PHE A CE2 1 
ATOM   1013 C  CZ  . PHE A 1 135 ? 14.389  -2.911  -4.882  1.00 19.22 ? 183 PHE A CZ  1 
ATOM   1014 N  N   . ILE A 1 136 ? 12.214  -0.099  -11.359 1.00 17.51 ? 184 ILE A N   1 
ATOM   1015 C  CA  . ILE A 1 136 ? 11.558  0.778   -12.306 1.00 18.00 ? 184 ILE A CA  1 
ATOM   1016 C  C   . ILE A 1 136 ? 11.844  0.370   -13.739 1.00 21.70 ? 184 ILE A C   1 
ATOM   1017 O  O   . ILE A 1 136 ? 12.956  -0.030  -14.078 1.00 21.70 ? 184 ILE A O   1 
ATOM   1018 C  CB  . ILE A 1 136 ? 12.003  2.244   -12.073 1.00 15.69 ? 184 ILE A CB  1 
ATOM   1019 C  CG1 . ILE A 1 136 ? 11.122  3.201   -12.877 1.00 16.96 ? 184 ILE A CG1 1 
ATOM   1020 C  CG2 . ILE A 1 136 ? 13.472  2.415   -12.459 1.00 17.64 ? 184 ILE A CG2 1 
ATOM   1021 C  CD1 . ILE A 1 136 ? 11.268  4.654   -12.455 1.00 15.49 ? 184 ILE A CD1 1 
ATOM   1022 N  N   . ASP A 1 137 ? 10.821  0.456   -14.578 1.00 23.42 ? 185 ASP A N   1 
ATOM   1023 C  CA  . ASP A 1 137 ? 10.976  0.110   -15.978 1.00 28.73 ? 185 ASP A CA  1 
ATOM   1024 C  C   . ASP A 1 137 ? 10.020  0.940   -16.818 1.00 26.57 ? 185 ASP A C   1 
ATOM   1025 O  O   . ASP A 1 137 ? 8.812   0.943   -16.580 1.00 21.97 ? 185 ASP A O   1 
ATOM   1026 C  CB  . ASP A 1 137 ? 10.705  -1.372  -16.183 1.00 36.04 ? 185 ASP A CB  1 
ATOM   1027 C  CG  . ASP A 1 137 ? 11.123  -1.841  -17.552 1.00 44.35 ? 185 ASP A CG  1 
ATOM   1028 O  OD1 . ASP A 1 137 ? 10.658  -1.237  -18.541 1.00 50.19 ? 185 ASP A OD1 1 
ATOM   1029 O  OD2 . ASP A 1 137 ? 11.910  -2.807  -17.639 1.00 50.27 ? 185 ASP A OD2 1 
ATOM   1030 N  N   . ASP A 1 138 ? 10.570  1.645   -17.801 1.00 25.94 ? 186 ASP A N   1 
ATOM   1031 C  CA  . ASP A 1 138 ? 9.777   2.507   -18.665 1.00 26.57 ? 186 ASP A CA  1 
ATOM   1032 C  C   . ASP A 1 138 ? 9.069   3.525   -17.777 1.00 24.41 ? 186 ASP A C   1 
ATOM   1033 O  O   . ASP A 1 138 ? 7.920   3.894   -18.016 1.00 22.82 ? 186 ASP A O   1 
ATOM   1034 C  CB  . ASP A 1 138 ? 8.761   1.683   -19.462 1.00 31.22 ? 186 ASP A CB  1 
ATOM   1035 C  CG  . ASP A 1 138 ? 8.124   2.475   -20.589 1.00 37.88 ? 186 ASP A CG  1 
ATOM   1036 O  OD1 . ASP A 1 138 ? 8.871   3.134   -21.344 1.00 39.41 ? 186 ASP A OD1 1 
ATOM   1037 O  OD2 . ASP A 1 138 ? 6.883   2.434   -20.725 1.00 41.84 ? 186 ASP A OD2 1 
ATOM   1038 N  N   . ASP A 1 139 ? 9.785   3.964   -16.745 1.00 21.78 ? 187 ASP A N   1 
ATOM   1039 C  CA  . ASP A 1 139 ? 9.299   4.937   -15.772 1.00 20.69 ? 187 ASP A CA  1 
ATOM   1040 C  C   . ASP A 1 139 ? 8.044   4.459   -15.049 1.00 18.83 ? 187 ASP A C   1 
ATOM   1041 O  O   . ASP A 1 139 ? 7.165   5.255   -14.715 1.00 20.01 ? 187 ASP A O   1 
ATOM   1042 C  CB  . ASP A 1 139 ? 9.026   6.285   -16.444 1.00 20.74 ? 187 ASP A CB  1 
ATOM   1043 C  CG  . ASP A 1 139 ? 9.155   7.457   -15.478 1.00 24.90 ? 187 ASP A CG  1 
ATOM   1044 O  OD1 . ASP A 1 139 ? 8.728   8.576   -15.833 1.00 24.44 ? 187 ASP A OD1 1 
ATOM   1045 O  OD2 . ASP A 1 139 ? 9.691   7.265   -14.365 1.00 22.29 ? 187 ASP A OD2 1 
ATOM   1046 N  N   . LYS A 1 140 ? 7.967   3.155   -14.806 1.00 17.66 ? 188 LYS A N   1 
ATOM   1047 C  CA  . LYS A 1 140 ? 6.826   2.576   -14.108 1.00 17.04 ? 188 LYS A CA  1 
ATOM   1048 C  C   . LYS A 1 140 ? 7.290   1.770   -12.901 1.00 14.94 ? 188 LYS A C   1 
ATOM   1049 O  O   . LYS A 1 140 ? 8.201   0.953   -13.001 1.00 15.72 ? 188 LYS A O   1 
ATOM   1050 C  CB  . LYS A 1 140 ? 6.030   1.671   -15.052 1.00 16.11 ? 188 LYS A CB  1 
ATOM   1051 C  CG  . LYS A 1 140 ? 5.489   2.395   -16.269 1.00 20.17 ? 188 LYS A CG  1 
ATOM   1052 C  CD  . LYS A 1 140 ? 4.687   1.467   -17.165 1.00 27.10 ? 188 LYS A CD  1 
ATOM   1053 C  CE  . LYS A 1 140 ? 4.182   2.208   -18.395 1.00 27.60 ? 188 LYS A CE  1 
ATOM   1054 N  NZ  . LYS A 1 140 ? 3.372   1.327   -19.276 1.00 33.22 ? 188 LYS A NZ  1 
ATOM   1055 N  N   . VAL A 1 141 ? 6.661   2.014   -11.758 1.00 13.61 ? 189 VAL A N   1 
ATOM   1056 C  CA  . VAL A 1 141 ? 6.995   1.304   -10.530 1.00 13.62 ? 189 VAL A CA  1 
ATOM   1057 C  C   . VAL A 1 141 ? 5.738   0.578   -10.067 1.00 12.09 ? 189 VAL A C   1 
ATOM   1058 O  O   . VAL A 1 141 ? 4.661   1.167   -10.014 1.00 14.19 ? 189 VAL A O   1 
ATOM   1059 C  CB  . VAL A 1 141 ? 7.455   2.284   -9.435  1.00 13.83 ? 189 VAL A CB  1 
ATOM   1060 C  CG1 . VAL A 1 141 ? 7.753   1.527   -8.145  1.00 13.67 ? 189 VAL A CG1 1 
ATOM   1061 C  CG2 . VAL A 1 141 ? 8.692   3.038   -9.909  1.00 16.65 ? 189 VAL A CG2 1 
ATOM   1062 N  N   . THR A 1 142 ? 5.875   -0.701  -9.737  1.00 13.08 ? 190 THR A N   1 
ATOM   1063 C  CA  . THR A 1 142 ? 4.719   -1.482  -9.306  1.00 12.79 ? 190 THR A CA  1 
ATOM   1064 C  C   . THR A 1 142 ? 4.735   -1.789  -7.818  1.00 14.25 ? 190 THR A C   1 
ATOM   1065 O  O   . THR A 1 142 ? 5.701   -2.343  -7.291  1.00 13.86 ? 190 THR A O   1 
ATOM   1066 C  CB  . THR A 1 142 ? 4.625   -2.798  -10.101 1.00 13.63 ? 190 THR A CB  1 
ATOM   1067 O  OG1 . THR A 1 142 ? 4.516   -2.494  -11.500 1.00 14.55 ? 190 THR A OG1 1 
ATOM   1068 C  CG2 . THR A 1 142 ? 3.395   -3.606  -9.676  1.00 13.41 ? 190 THR A CG2 1 
ATOM   1069 N  N   . PHE A 1 143 ? 3.647   -1.413  -7.156  1.00 13.17 ? 191 PHE A N   1 
ATOM   1070 C  CA  . PHE A 1 143 ? 3.467   -1.625  -5.727  1.00 13.48 ? 191 PHE A CA  1 
ATOM   1071 C  C   . PHE A 1 143 ? 2.517   -2.791  -5.540  1.00 12.66 ? 191 PHE A C   1 
ATOM   1072 O  O   . PHE A 1 143 ? 1.591   -2.982  -6.329  1.00 14.98 ? 191 PHE A O   1 
ATOM   1073 C  CB  . PHE A 1 143 ? 2.871   -0.372  -5.081  1.00 14.06 ? 191 PHE A CB  1 
ATOM   1074 C  CG  . PHE A 1 143 ? 3.740   0.841   -5.221  1.00 14.48 ? 191 PHE A CG  1 
ATOM   1075 C  CD1 . PHE A 1 143 ? 3.873   1.479   -6.451  1.00 14.23 ? 191 PHE A CD1 1 
ATOM   1076 C  CD2 . PHE A 1 143 ? 4.462   1.319   -4.135  1.00 14.41 ? 191 PHE A CD2 1 
ATOM   1077 C  CE1 . PHE A 1 143 ? 4.730   2.563   -6.598  1.00 13.55 ? 191 PHE A CE1 1 
ATOM   1078 C  CE2 . PHE A 1 143 ? 5.323   2.405   -4.273  1.00 12.79 ? 191 PHE A CE2 1 
ATOM   1079 C  CZ  . PHE A 1 143 ? 5.454   3.029   -5.505  1.00 15.02 ? 191 PHE A CZ  1 
ATOM   1080 N  N   . GLU A 1 144 ? 2.745   -3.571  -4.494  1.00 12.77 ? 192 GLU A N   1 
ATOM   1081 C  CA  . GLU A 1 144 ? 1.897   -4.717  -4.225  1.00 13.15 ? 192 GLU A CA  1 
ATOM   1082 C  C   . GLU A 1 144 ? 1.574   -4.831  -2.748  1.00 12.70 ? 192 GLU A C   1 
ATOM   1083 O  O   . GLU A 1 144 ? 2.407   -4.541  -1.885  1.00 12.72 ? 192 GLU A O   1 
ATOM   1084 C  CB  . GLU A 1 144 ? 2.581   -6.005  -4.694  1.00 14.73 ? 192 GLU A CB  1 
ATOM   1085 C  CG  . GLU A 1 144 ? 1.744   -7.261  -4.486  1.00 16.80 ? 192 GLU A CG  1 
ATOM   1086 C  CD  . GLU A 1 144 ? 2.461   -8.520  -4.930  1.00 21.57 ? 192 GLU A CD  1 
ATOM   1087 O  OE1 . GLU A 1 144 ? 3.425   -8.932  -4.248  1.00 26.55 ? 192 GLU A OE1 1 
ATOM   1088 O  OE2 . GLU A 1 144 ? 2.068   -9.094  -5.965  1.00 21.08 ? 192 GLU A OE2 1 
ATOM   1089 N  N   . VAL A 1 145 ? 0.346   -5.244  -2.461  1.00 11.91 ? 193 VAL A N   1 
ATOM   1090 C  CA  . VAL A 1 145 ? -0.075  -5.435  -1.090  1.00 12.37 ? 193 VAL A CA  1 
ATOM   1091 C  C   . VAL A 1 145 ? -0.794  -6.760  -0.937  1.00 12.80 ? 193 VAL A C   1 
ATOM   1092 O  O   . VAL A 1 145 ? -1.655  -7.111  -1.744  1.00 13.16 ? 193 VAL A O   1 
ATOM   1093 C  CB  . VAL A 1 145 ? -1.042  -4.320  -0.609  1.00 13.48 ? 193 VAL A CB  1 
ATOM   1094 C  CG1 . VAL A 1 145 ? -1.733  -4.741  0.696   1.00 13.63 ? 193 VAL A CG1 1 
ATOM   1095 C  CG2 . VAL A 1 145 ? -0.275  -3.027  -0.390  1.00 15.70 ? 193 VAL A CG2 1 
ATOM   1096 N  N   . PHE A 1 146 ? -0.387  -7.514  0.075   1.00 11.86 ? 194 PHE A N   1 
ATOM   1097 C  CA  . PHE A 1 146 ? -1.055  -8.758  0.423   1.00 12.63 ? 194 PHE A CA  1 
ATOM   1098 C  C   . PHE A 1 146 ? -1.711  -8.343  1.728   1.00 12.95 ? 194 PHE A C   1 
ATOM   1099 O  O   . PHE A 1 146 ? -1.025  -7.887  2.641   1.00 12.72 ? 194 PHE A O   1 
ATOM   1100 C  CB  . PHE A 1 146 ? -0.074  -9.886  0.723   1.00 13.09 ? 194 PHE A CB  1 
ATOM   1101 C  CG  . PHE A 1 146 ? -0.725  -11.057 1.404   1.00 16.39 ? 194 PHE A CG  1 
ATOM   1102 C  CD1 . PHE A 1 146 ? -1.682  -11.818 0.741   1.00 18.06 ? 194 PHE A CD1 1 
ATOM   1103 C  CD2 . PHE A 1 146 ? -0.406  -11.382 2.719   1.00 21.57 ? 194 PHE A CD2 1 
ATOM   1104 C  CE1 . PHE A 1 146 ? -2.327  -12.874 1.377   1.00 21.00 ? 194 PHE A CE1 1 
ATOM   1105 C  CE2 . PHE A 1 146 ? -1.047  -12.439 3.368   1.00 26.01 ? 194 PHE A CE2 1 
ATOM   1106 C  CZ  . PHE A 1 146 ? -2.004  -13.190 2.692   1.00 23.20 ? 194 PHE A CZ  1 
ATOM   1107 N  N   . VAL A 1 147 ? -3.029  -8.469  1.816   1.00 11.52 ? 195 VAL A N   1 
ATOM   1108 C  CA  . VAL A 1 147 ? -3.714  -8.082  3.039   1.00 12.55 ? 195 VAL A CA  1 
ATOM   1109 C  C   . VAL A 1 147 ? -4.638  -9.178  3.544   1.00 12.72 ? 195 VAL A C   1 
ATOM   1110 O  O   . VAL A 1 147 ? -5.320  -9.838  2.764   1.00 13.36 ? 195 VAL A O   1 
ATOM   1111 C  CB  . VAL A 1 147 ? -4.528  -6.772  2.832   1.00 13.94 ? 195 VAL A CB  1 
ATOM   1112 C  CG1 . VAL A 1 147 ? -5.525  -6.948  1.699   1.00 12.96 ? 195 VAL A CG1 1 
ATOM   1113 C  CG2 . VAL A 1 147 ? -5.236  -6.386  4.126   1.00 15.05 ? 195 VAL A CG2 1 
ATOM   1114 N  N   . GLN A 1 148 ? -4.631  -9.374  4.860   1.00 12.45 ? 196 GLN A N   1 
ATOM   1115 C  CA  . GLN A 1 148 ? -5.481  -10.362 5.521   1.00 15.95 ? 196 GLN A CA  1 
ATOM   1116 C  C   . GLN A 1 148 ? -6.235  -9.555  6.567   1.00 13.71 ? 196 GLN A C   1 
ATOM   1117 O  O   . GLN A 1 148 ? -5.618  -8.876  7.385   1.00 14.88 ? 196 GLN A O   1 
ATOM   1118 C  CB  . GLN A 1 148 ? -4.638  -11.426 6.225   1.00 18.15 ? 196 GLN A CB  1 
ATOM   1119 C  CG  . GLN A 1 148 ? -3.742  -12.240 5.317   1.00 26.88 ? 196 GLN A CG  1 
ATOM   1120 C  CD  . GLN A 1 148 ? -2.863  -13.210 6.090   1.00 32.01 ? 196 GLN A CD  1 
ATOM   1121 O  OE1 . GLN A 1 148 ? -2.041  -12.800 6.912   1.00 33.93 ? 196 GLN A OE1 1 
ATOM   1122 N  NE2 . GLN A 1 148 ? -3.031  -14.503 5.829   1.00 34.73 ? 196 GLN A NE2 1 
ATOM   1123 N  N   . ALA A 1 149 ? -7.561  -9.620  6.546   1.00 13.81 ? 197 ALA A N   1 
ATOM   1124 C  CA  . ALA A 1 149 ? -8.346  -8.850  7.500   1.00 13.41 ? 197 ALA A CA  1 
ATOM   1125 C  C   . ALA A 1 149 ? -9.455  -9.667  8.131   1.00 14.08 ? 197 ALA A C   1 
ATOM   1126 O  O   . ALA A 1 149 ? -9.935  -10.639 7.546   1.00 16.25 ? 197 ALA A O   1 
ATOM   1127 C  CB  . ALA A 1 149 ? -8.941  -7.629  6.809   1.00 14.52 ? 197 ALA A CB  1 
ATOM   1128 N  N   . ASP A 1 150 ? -9.853  -9.272  9.334   1.00 14.64 ? 198 ASP A N   1 
ATOM   1129 C  CA  . ASP A 1 150 ? -10.934 -9.960  10.016  1.00 14.21 ? 198 ASP A CA  1 
ATOM   1130 C  C   . ASP A 1 150 ? -12.187 -9.107  9.880   1.00 14.13 ? 198 ASP A C   1 
ATOM   1131 O  O   . ASP A 1 150 ? -12.187 -8.091  9.179   1.00 14.28 ? 198 ASP A O   1 
ATOM   1132 C  CB  . ASP A 1 150 ? -10.592 -10.203 11.497  1.00 14.43 ? 198 ASP A CB  1 
ATOM   1133 C  CG  . ASP A 1 150 ? -10.590 -8.933  12.333  1.00 18.26 ? 198 ASP A CG  1 
ATOM   1134 O  OD1 . ASP A 1 150 ? -10.807 -7.829  11.789  1.00 15.13 ? 198 ASP A OD1 1 
ATOM   1135 O  OD2 . ASP A 1 150 ? -10.367 -9.049  13.558  1.00 18.82 ? 198 ASP A OD2 1 
ATOM   1136 N  N   . ALA A 1 151 ? -13.256 -9.524  10.541  1.00 13.07 ? 199 ALA A N   1 
ATOM   1137 C  CA  . ALA A 1 151 ? -14.508 -8.792  10.478  1.00 12.94 ? 199 ALA A CA  1 
ATOM   1138 C  C   . ALA A 1 151 ? -15.402 -9.267  11.601  1.00 13.59 ? 199 ALA A C   1 
ATOM   1139 O  O   . ALA A 1 151 ? -15.235 -10.374 12.114  1.00 12.57 ? 199 ALA A O   1 
ATOM   1140 C  CB  . ALA A 1 151 ? -15.188 -9.038  9.139   1.00 15.37 ? 199 ALA A CB  1 
ATOM   1141 N  N   . PRO A 1 152 ? -16.360 -8.433  12.009  1.00 14.28 ? 200 PRO A N   1 
ATOM   1142 C  CA  . PRO A 1 152 ? -17.251 -8.859  13.083  1.00 14.35 ? 200 PRO A CA  1 
ATOM   1143 C  C   . PRO A 1 152 ? -18.199 -9.906  12.520  1.00 14.26 ? 200 PRO A C   1 
ATOM   1144 O  O   . PRO A 1 152 ? -18.350 -10.031 11.301  1.00 14.88 ? 200 PRO A O   1 
ATOM   1145 C  CB  . PRO A 1 152 ? -17.969 -7.571  13.459  1.00 14.74 ? 200 PRO A CB  1 
ATOM   1146 C  CG  . PRO A 1 152 ? -18.086 -6.873  12.136  1.00 14.49 ? 200 PRO A CG  1 
ATOM   1147 C  CD  . PRO A 1 152 ? -16.709 -7.081  11.536  1.00 13.21 ? 200 PRO A CD  1 
ATOM   1148 N  N   . HIS A 1 153 ? -18.827 -10.665 13.406  1.00 13.06 ? 201 HIS A N   1 
ATOM   1149 C  CA  . HIS A 1 153 ? -19.775 -11.687 12.990  1.00 12.57 ? 201 HIS A CA  1 
ATOM   1150 C  C   . HIS A 1 153 ? -20.681 -12.016 14.166  1.00 14.49 ? 201 HIS A C   1 
ATOM   1151 O  O   . HIS A 1 153 ? -20.538 -11.440 15.250  1.00 11.42 ? 201 HIS A O   1 
ATOM   1152 C  CB  . HIS A 1 153 ? -19.043 -12.948 12.520  1.00 11.81 ? 201 HIS A CB  1 
ATOM   1153 C  CG  . HIS A 1 153 ? -18.246 -13.618 13.591  1.00 12.28 ? 201 HIS A CG  1 
ATOM   1154 N  ND1 . HIS A 1 153 ? -16.876 -13.483 13.700  1.00 15.96 ? 201 HIS A ND1 1 
ATOM   1155 C  CD2 . HIS A 1 153 ? -18.626 -14.405 14.625  1.00 11.01 ? 201 HIS A CD2 1 
ATOM   1156 C  CE1 . HIS A 1 153 ? -16.451 -14.158 14.750  1.00 11.37 ? 201 HIS A CE1 1 
ATOM   1157 N  NE2 . HIS A 1 153 ? -17.494 -14.727 15.332  1.00 15.64 ? 201 HIS A NE2 1 
ATOM   1158 N  N   . GLY A 1 154 ? -21.599 -12.951 13.952  1.00 12.57 ? 202 GLY A N   1 
ATOM   1159 C  CA  . GLY A 1 154 ? -22.525 -13.322 15.002  1.00 13.84 ? 202 GLY A CA  1 
ATOM   1160 C  C   . GLY A 1 154 ? -22.360 -14.725 15.545  1.00 14.14 ? 202 GLY A C   1 
ATOM   1161 O  O   . GLY A 1 154 ? -23.298 -15.278 16.099  1.00 16.98 ? 202 GLY A O   1 
ATOM   1162 N  N   . VAL A 1 155 ? -21.186 -15.322 15.403  1.00 12.20 ? 203 VAL A N   1 
ATOM   1163 C  CA  . VAL A 1 155 ? -20.999 -16.666 15.930  1.00 12.86 ? 203 VAL A CA  1 
ATOM   1164 C  C   . VAL A 1 155 ? -20.593 -16.562 17.395  1.00 13.19 ? 203 VAL A C   1 
ATOM   1165 O  O   . VAL A 1 155 ? -19.415 -16.449 17.726  1.00 12.50 ? 203 VAL A O   1 
ATOM   1166 C  CB  . VAL A 1 155 ? -19.929 -17.433 15.141  1.00 13.52 ? 203 VAL A CB  1 
ATOM   1167 C  CG1 . VAL A 1 155 ? -19.839 -18.873 15.650  1.00 15.03 ? 203 VAL A CG1 1 
ATOM   1168 C  CG2 . VAL A 1 155 ? -20.279 -17.414 13.659  1.00 15.19 ? 203 VAL A CG2 1 
ATOM   1169 N  N   . ALA A 1 156 ? -21.599 -16.572 18.262  1.00 12.83 ? 204 ALA A N   1 
ATOM   1170 C  CA  . ALA A 1 156 ? -21.385 -16.480 19.698  1.00 13.23 ? 204 ALA A CA  1 
ATOM   1171 C  C   . ALA A 1 156 ? -22.366 -17.413 20.386  1.00 13.11 ? 204 ALA A C   1 
ATOM   1172 O  O   . ALA A 1 156 ? -23.295 -17.921 19.762  1.00 15.02 ? 204 ALA A O   1 
ATOM   1173 C  CB  . ALA A 1 156 ? -21.589 -15.037 20.177  1.00 13.83 ? 204 ALA A CB  1 
ATOM   1174 N  N   . TRP A 1 157 ? -22.167 -17.631 21.677  1.00 14.01 ? 205 TRP A N   1 
ATOM   1175 C  CA  . TRP A 1 157 ? -23.031 -18.534 22.409  1.00 13.21 ? 205 TRP A CA  1 
ATOM   1176 C  C   . TRP A 1 157 ? -23.199 -18.159 23.866  1.00 14.56 ? 205 TRP A C   1 
ATOM   1177 O  O   . TRP A 1 157 ? -22.364 -17.469 24.450  1.00 14.33 ? 205 TRP A O   1 
ATOM   1178 C  CB  . TRP A 1 157 ? -22.484 -19.962 22.307  1.00 13.13 ? 205 TRP A CB  1 
ATOM   1179 C  CG  . TRP A 1 157 ? -21.005 -20.062 22.576  1.00 11.88 ? 205 TRP A CG  1 
ATOM   1180 C  CD1 . TRP A 1 157 ? -20.386 -20.094 23.794  1.00 14.25 ? 205 TRP A CD1 1 
ATOM   1181 C  CD2 . TRP A 1 157 ? -19.965 -20.161 21.595  1.00 12.19 ? 205 TRP A CD2 1 
ATOM   1182 N  NE1 . TRP A 1 157 ? -19.024 -20.189 23.632  1.00 16.01 ? 205 TRP A NE1 1 
ATOM   1183 C  CE2 . TRP A 1 157 ? -18.735 -20.199 22.293  1.00 14.00 ? 205 TRP A CE2 1 
ATOM   1184 C  CE3 . TRP A 1 157 ? -19.947 -20.141 20.194  1.00 13.30 ? 205 TRP A CE3 1 
ATOM   1185 C  CZ2 . TRP A 1 157 ? -17.502 -20.323 21.635  1.00 14.38 ? 205 TRP A CZ2 1 
ATOM   1186 C  CZ3 . TRP A 1 157 ? -18.718 -20.257 19.538  1.00 15.45 ? 205 TRP A CZ3 1 
ATOM   1187 C  CH2 . TRP A 1 157 ? -17.512 -20.311 20.262  1.00 15.72 ? 205 TRP A CH2 1 
ATOM   1188 N  N   . ASP A 1 158 ? -24.299 -18.635 24.437  1.00 14.00 ? 206 ASP A N   1 
ATOM   1189 C  CA  . ASP A 1 158 ? -24.626 -18.386 25.826  1.00 16.72 ? 206 ASP A CA  1 
ATOM   1190 C  C   . ASP A 1 158 ? -23.622 -19.094 26.723  1.00 16.22 ? 206 ASP A C   1 
ATOM   1191 O  O   . ASP A 1 158 ? -22.940 -20.033 26.257  1.00 17.43 ? 206 ASP A O   1 
ATOM   1192 C  CB  . ASP A 1 158 ? -26.038 -18.901 26.115  1.00 16.36 ? 206 ASP A CB  1 
ATOM   1193 C  CG  . ASP A 1 158 ? -26.470 -18.656 27.545  1.00 20.64 ? 206 ASP A CG  1 
ATOM   1194 O  OD1 . ASP A 1 158 ? -26.741 -19.647 28.264  1.00 18.53 ? 206 ASP A OD1 1 
ATOM   1195 O  OD2 . ASP A 1 158 ? -26.541 -17.476 27.945  1.00 18.00 ? 206 ASP A OD2 1 
ATOM   1196 O  OXT . ASP A 1 158 ? -23.548 -18.698 27.896  1.00 17.71 ? 206 ASP A OXT 1 
HETATM 1197 CA CA  . CA  B 2 .   ? -4.285  12.904  -5.311  1.00 17.84 ? 301 CA  A CA  1 
HETATM 1198 CA CA  . CA  C 2 .   ? -25.738 -15.182 16.219  1.00 12.59 ? 302 CA  A CA  1 
HETATM 1199 O  O   . HOH D 3 .   ? -29.017 -18.580 29.841  1.00 41.21 ? 303 HOH A O   1 
HETATM 1200 O  O   . HOH D 3 .   ? -17.202 -3.378  10.365  1.00 14.24 ? 304 HOH A O   1 
HETATM 1201 O  O   . HOH D 3 .   ? -16.421 -3.899  13.089  1.00 15.91 ? 305 HOH A O   1 
HETATM 1202 O  O   . HOH D 3 .   ? -14.956 3.354   11.992  1.00 15.32 ? 306 HOH A O   1 
HETATM 1203 O  O   . HOH D 3 .   ? -10.117 3.043   0.588   1.00 14.72 ? 307 HOH A O   1 
HETATM 1204 O  O   . HOH D 3 .   ? -13.899 -5.930  8.716   1.00 16.36 ? 308 HOH A O   1 
HETATM 1205 O  O   . HOH D 3 .   ? 2.091   -1.962  12.043  1.00 16.51 ? 309 HOH A O   1 
HETATM 1206 O  O   . HOH D 3 .   ? -6.544  7.830   3.725   1.00 15.50 ? 310 HOH A O   1 
HETATM 1207 O  O   . HOH D 3 .   ? 15.021  0.758   -9.710  1.00 18.54 ? 311 HOH A O   1 
HETATM 1208 O  O   . HOH D 3 .   ? -4.419  6.202   10.122  1.00 19.36 ? 312 HOH A O   1 
HETATM 1209 O  O   . HOH D 3 .   ? -2.193  -0.397  -11.803 1.00 22.06 ? 313 HOH A O   1 
HETATM 1210 O  O   . HOH D 3 .   ? -4.206  -0.378  15.500  1.00 22.60 ? 314 HOH A O   1 
HETATM 1211 O  O   . HOH D 3 .   ? -10.389 6.059   -1.350  1.00 16.84 ? 315 HOH A O   1 
HETATM 1212 O  O   . HOH D 3 .   ? -1.689  -6.501  -11.578 1.00 21.73 ? 316 HOH A O   1 
HETATM 1213 O  O   . HOH D 3 .   ? 11.914  1.298   4.620   1.00 18.60 ? 317 HOH A O   1 
HETATM 1214 O  O   . HOH D 3 .   ? -12.821 3.970   -0.226  1.00 19.57 ? 318 HOH A O   1 
HETATM 1215 O  O   . HOH D 3 .   ? 12.216  -10.371 -15.031 1.00 21.24 ? 319 HOH A O   1 
HETATM 1216 O  O   . HOH D 3 .   ? -18.770 0.818   5.490   1.00 25.02 ? 320 HOH A O   1 
HETATM 1217 O  O   . HOH D 3 .   ? -16.077 -6.191  6.868   1.00 23.15 ? 321 HOH A O   1 
HETATM 1218 O  O   . HOH D 3 .   ? -5.305  -12.742 -4.525  1.00 26.59 ? 322 HOH A O   1 
HETATM 1219 O  O   . HOH D 3 .   ? -7.014  8.315   8.368   1.00 22.17 ? 323 HOH A O   1 
HETATM 1220 O  O   . HOH D 3 .   ? -5.663  8.913   -7.342  1.00 27.68 ? 324 HOH A O   1 
HETATM 1221 O  O   . HOH D 3 .   ? -4.620  9.883   6.372   1.00 26.66 ? 325 HOH A O   1 
HETATM 1222 O  O   . HOH D 3 .   ? 9.610   -10.019 -8.911  1.00 19.59 ? 326 HOH A O   1 
HETATM 1223 O  O   . HOH D 3 .   ? -6.151  1.909   15.088  1.00 18.98 ? 327 HOH A O   1 
HETATM 1224 O  O   . HOH D 3 .   ? 8.568   -6.356  7.834   1.00 20.16 ? 328 HOH A O   1 
HETATM 1225 O  O   . HOH D 3 .   ? 8.352   -1.901  -9.391  1.00 20.37 ? 329 HOH A O   1 
HETATM 1226 O  O   . HOH D 3 .   ? -20.122 2.984   16.087  1.00 29.36 ? 330 HOH A O   1 
HETATM 1227 O  O   . HOH D 3 .   ? -19.878 -1.839  10.334  1.00 28.43 ? 331 HOH A O   1 
HETATM 1228 O  O   . HOH D 3 .   ? 10.625  -16.702 -11.397 1.00 30.98 ? 332 HOH A O   1 
HETATM 1229 O  O   . HOH D 3 .   ? -7.996  9.218   -0.268  1.00 22.01 ? 333 HOH A O   1 
HETATM 1230 O  O   . HOH D 3 .   ? 10.340  -8.749  -0.310  1.00 21.62 ? 334 HOH A O   1 
HETATM 1231 O  O   . HOH D 3 .   ? 6.871   12.549  6.131   1.00 18.98 ? 335 HOH A O   1 
HETATM 1232 O  O   . HOH D 3 .   ? -8.938  4.803   -6.348  1.00 24.10 ? 336 HOH A O   1 
HETATM 1233 O  O   . HOH D 3 .   ? 5.596   5.582   -17.567 1.00 24.49 ? 337 HOH A O   1 
HETATM 1234 O  O   . HOH D 3 .   ? 9.503   4.866   6.481   1.00 26.00 ? 338 HOH A O   1 
HETATM 1235 O  O   . HOH D 3 .   ? 2.904   14.219  -1.566  1.00 23.85 ? 339 HOH A O   1 
HETATM 1236 O  O   . HOH D 3 .   ? 8.108   -9.808  -6.487  1.00 28.18 ? 340 HOH A O   1 
HETATM 1237 O  O   . HOH D 3 .   ? -12.477 7.143   6.902   1.00 26.37 ? 341 HOH A O   1 
HETATM 1238 O  O   . HOH D 3 .   ? -22.435 -13.740 11.424  1.00 27.48 ? 342 HOH A O   1 
HETATM 1239 O  O   . HOH D 3 .   ? 16.156  3.186   0.125   1.00 26.42 ? 343 HOH A O   1 
HETATM 1240 O  O   . HOH D 3 .   ? -15.324 3.382   1.324   1.00 27.83 ? 344 HOH A O   1 
HETATM 1241 O  O   . HOH D 3 .   ? -2.231  -4.141  15.735  1.00 33.49 ? 345 HOH A O   1 
HETATM 1242 O  O   . HOH D 3 .   ? -17.982 0.529   2.257   1.00 30.04 ? 346 HOH A O   1 
HETATM 1243 O  O   . HOH D 3 .   ? 15.841  -11.095 -14.714 1.00 31.19 ? 347 HOH A O   1 
HETATM 1244 O  O   . HOH D 3 .   ? -14.899 5.461   6.561   1.00 25.78 ? 348 HOH A O   1 
HETATM 1245 O  O   . HOH D 3 .   ? 3.136   11.195  -12.779 1.00 35.43 ? 349 HOH A O   1 
HETATM 1246 O  O   . HOH D 3 .   ? 10.323  -7.026  5.556   1.00 22.12 ? 350 HOH A O   1 
HETATM 1247 O  O   . HOH D 3 .   ? 16.517  10.010  -2.807  1.00 23.44 ? 351 HOH A O   1 
HETATM 1248 O  O   . HOH D 3 .   ? 12.379  -6.933  1.491   1.00 27.89 ? 352 HOH A O   1 
HETATM 1249 O  O   . HOH D 3 .   ? -13.906 2.863   -2.996  1.00 31.80 ? 353 HOH A O   1 
HETATM 1250 O  O   . HOH D 3 .   ? 12.301  -17.241 -7.033  1.00 26.78 ? 354 HOH A O   1 
HETATM 1251 O  O   . HOH D 3 .   ? -14.361 -11.636 14.625  1.00 20.27 ? 355 HOH A O   1 
HETATM 1252 O  O   . HOH D 3 .   ? 10.802  -3.034  -20.195 1.00 26.46 ? 356 HOH A O   1 
HETATM 1253 O  O   . HOH D 3 .   ? 15.228  -1.045  -13.232 1.00 32.55 ? 357 HOH A O   1 
HETATM 1254 O  O   . HOH D 3 .   ? -5.829  4.143   -9.979  1.00 35.25 ? 358 HOH A O   1 
HETATM 1255 O  O   . HOH D 3 .   ? 1.700   14.051  -10.670 1.00 30.57 ? 359 HOH A O   1 
HETATM 1256 O  O   . HOH D 3 .   ? 0.639   -1.177  14.664  1.00 32.92 ? 360 HOH A O   1 
HETATM 1257 O  O   . HOH D 3 .   ? 8.534   -9.198  4.357   1.00 32.67 ? 361 HOH A O   1 
HETATM 1258 O  O   . HOH D 3 .   ? -19.378 -8.944  8.911   1.00 31.29 ? 362 HOH A O   1 
HETATM 1259 O  O   . HOH D 3 .   ? -13.328 4.063   -5.770  1.00 45.06 ? 363 HOH A O   1 
HETATM 1260 O  O   . HOH D 3 .   ? -6.520  -9.818  10.885  1.00 31.01 ? 364 HOH A O   1 
HETATM 1261 O  O   . HOH D 3 .   ? -10.139 -13.461 9.828   1.00 36.11 ? 365 HOH A O   1 
HETATM 1262 O  O   . HOH D 3 .   ? -0.553  4.849   -12.585 1.00 42.17 ? 366 HOH A O   1 
HETATM 1263 O  O   . HOH D 3 .   ? 12.732  3.828   -16.321 1.00 29.19 ? 367 HOH A O   1 
HETATM 1264 O  O   . HOH D 3 .   ? 0.266   -3.504  -13.290 1.00 30.48 ? 368 HOH A O   1 
HETATM 1265 O  O   . HOH D 3 .   ? -8.220  -13.008 7.180   1.00 33.58 ? 369 HOH A O   1 
HETATM 1266 O  O   . HOH D 3 .   ? -13.023 -12.429 10.964  1.00 30.72 ? 370 HOH A O   1 
HETATM 1267 O  O   . HOH D 3 .   ? -21.754 5.404   10.799  1.00 30.36 ? 371 HOH A O   1 
HETATM 1268 O  O   . HOH D 3 .   ? 12.468  12.084  -10.465 1.00 38.06 ? 372 HOH A O   1 
HETATM 1269 O  O   . HOH D 3 .   ? 1.062   -12.205 -1.701  1.00 36.50 ? 373 HOH A O   1 
HETATM 1270 O  O   . HOH D 3 .   ? -0.826  -13.403 14.634  1.00 51.88 ? 374 HOH A O   1 
HETATM 1271 O  O   . HOH D 3 .   ? -2.239  -10.873 -7.876  1.00 32.57 ? 375 HOH A O   1 
HETATM 1272 O  O   . HOH D 3 .   ? 13.035  -16.597 -9.759  1.00 34.00 ? 376 HOH A O   1 
HETATM 1273 O  O   . HOH D 3 .   ? -3.460  -13.841 -1.947  1.00 38.83 ? 377 HOH A O   1 
HETATM 1274 O  O   . HOH D 3 .   ? 7.236   -1.224  -17.430 1.00 31.27 ? 378 HOH A O   1 
HETATM 1275 O  O   . HOH D 3 .   ? -9.904  9.524   4.319   1.00 23.49 ? 379 HOH A O   1 
HETATM 1276 O  O   . HOH D 3 .   ? 16.048  9.274   5.693   1.00 30.94 ? 380 HOH A O   1 
HETATM 1277 O  O   . HOH D 3 .   ? 3.216   -8.035  -0.826  1.00 30.18 ? 381 HOH A O   1 
HETATM 1278 O  O   . HOH D 3 .   ? 17.344  -6.401  -9.741  1.00 34.62 ? 382 HOH A O   1 
HETATM 1279 O  O   . HOH D 3 .   ? 8.584   13.716  -9.019  1.00 35.25 ? 383 HOH A O   1 
HETATM 1280 O  O   . HOH D 3 .   ? 18.143  -4.051  -5.755  1.00 38.68 ? 384 HOH A O   1 
HETATM 1281 O  O   . HOH D 3 .   ? 11.389  15.550  7.158   1.00 39.53 ? 385 HOH A O   1 
HETATM 1282 O  O   . HOH D 3 .   ? -24.764 -15.602 13.481  1.00 41.17 ? 386 HOH A O   1 
HETATM 1283 O  O   . HOH D 3 .   ? 16.131  -13.336 -11.635 1.00 41.74 ? 387 HOH A O   1 
HETATM 1284 O  O   . HOH D 3 .   ? -2.851  17.302  -4.682  1.00 30.44 ? 388 HOH A O   1 
HETATM 1285 O  O   . HOH D 3 .   ? -4.217  -1.596  -9.865  1.00 26.11 ? 389 HOH A O   1 
HETATM 1286 O  O   . HOH D 3 .   ? 12.881  3.881   6.101   1.00 31.95 ? 390 HOH A O   1 
HETATM 1287 O  O   . HOH D 3 .   ? 13.149  17.542  -1.509  1.00 42.89 ? 391 HOH A O   1 
HETATM 1288 O  O   . HOH D 3 .   ? 15.043  -14.519 -8.838  1.00 44.96 ? 392 HOH A O   1 
HETATM 1289 O  O   . HOH D 3 .   ? -25.512 -12.967 12.162  1.00 25.73 ? 393 HOH A O   1 
HETATM 1290 O  O   . HOH D 3 .   ? -1.587  0.742   14.745  1.00 23.68 ? 394 HOH A O   1 
HETATM 1291 O  O   . HOH D 3 .   ? 9.317   -10.947 -3.996  1.00 33.61 ? 395 HOH A O   1 
HETATM 1292 O  O   . HOH D 3 .   ? -7.414  -12.291 9.885   1.00 32.98 ? 396 HOH A O   1 
HETATM 1293 O  O   . HOH D 3 .   ? -10.901 8.841   -0.883  1.00 30.70 ? 397 HOH A O   1 
HETATM 1294 O  O   . HOH D 3 .   ? 5.492   16.397  -4.230  1.00 35.87 ? 398 HOH A O   1 
HETATM 1295 O  O   . HOH D 3 .   ? -12.498 -13.809 13.590  1.00 34.96 ? 399 HOH A O   1 
HETATM 1296 O  O   . HOH D 3 .   ? 3.649   -10.884 0.079   1.00 33.59 ? 400 HOH A O   1 
HETATM 1297 O  O   . HOH D 3 .   ? -8.493  1.484   16.943  1.00 32.19 ? 401 HOH A O   1 
HETATM 1298 O  O   . HOH D 3 .   ? 18.531  -8.893  -10.836 1.00 41.02 ? 402 HOH A O   1 
HETATM 1299 O  O   . HOH D 3 .   ? -8.899  3.739   -9.868  1.00 48.31 ? 403 HOH A O   1 
HETATM 1300 O  O   . HOH D 3 .   ? 14.336  0.861   -16.448 1.00 41.30 ? 404 HOH A O   1 
HETATM 1301 O  O   . HOH D 3 .   ? -17.682 -3.882  7.625   1.00 39.46 ? 405 HOH A O   1 
HETATM 1302 O  O   . HOH D 3 .   ? 14.496  5.501   -14.257 1.00 30.88 ? 406 HOH A O   1 
HETATM 1303 O  O   . HOH D 3 .   ? 15.660  12.211  7.059   1.00 37.36 ? 407 HOH A O   1 
HETATM 1304 O  O   . HOH D 3 .   ? -7.291  10.412  5.234   1.00 39.02 ? 408 HOH A O   1 
HETATM 1305 O  O   . HOH D 3 .   ? 7.880   11.129  9.629   1.00 41.47 ? 409 HOH A O   1 
HETATM 1306 O  O   . HOH D 3 .   ? -17.561 2.749   -0.677  1.00 44.91 ? 410 HOH A O   1 
HETATM 1307 O  O   . HOH D 3 .   ? 3.432   -0.219  14.691  1.00 41.35 ? 411 HOH A O   1 
HETATM 1308 O  O   . HOH D 3 .   ? 4.438   -11.282 -3.052  1.00 44.88 ? 412 HOH A O   1 
HETATM 1309 O  O   . HOH D 3 .   ? 12.967  14.004  -8.109  1.00 46.47 ? 413 HOH A O   1 
HETATM 1310 O  O   . HOH D 3 .   ? 3.154   5.668   -19.256 1.00 44.05 ? 414 HOH A O   1 
HETATM 1311 O  O   . HOH D 3 .   ? 23.356  2.044   -9.582  1.00 41.26 ? 415 HOH A O   1 
HETATM 1312 O  O   . HOH D 3 .   ? -2.508  14.468  -3.642  1.00 23.03 ? 416 HOH A O   1 
HETATM 1313 O  O   . HOH D 3 .   ? -4.639  11.788  -7.952  1.00 38.03 ? 417 HOH A O   1 
HETATM 1314 O  O   . HOH D 3 .   ? -21.623 4.725   18.270  1.00 34.61 ? 418 HOH A O   1 
HETATM 1315 O  O   . HOH D 3 .   ? -24.290 2.377   9.910   1.00 41.20 ? 419 HOH A O   1 
HETATM 1316 O  O   . HOH D 3 .   ? 14.288  1.710   2.128   1.00 38.52 ? 420 HOH A O   1 
HETATM 1317 O  O   . HOH D 3 .   ? 12.636  -5.055  -15.581 1.00 43.92 ? 421 HOH A O   1 
HETATM 1318 O  O   . HOH D 3 .   ? 9.502   -3.877  -16.931 1.00 31.78 ? 422 HOH A O   1 
HETATM 1319 O  O   . HOH D 3 .   ? -15.177 -7.864  -5.701  1.00 40.27 ? 423 HOH A O   1 
HETATM 1320 O  O   . HOH D 3 .   ? -12.058 -16.100 2.003   1.00 46.35 ? 424 HOH A O   1 
HETATM 1321 O  O   . HOH D 3 .   ? 1.531   8.704   -12.679 1.00 40.50 ? 425 HOH A O   1 
HETATM 1322 O  O   . HOH D 3 .   ? -0.234  17.005  -9.627  1.00 48.26 ? 426 HOH A O   1 
HETATM 1323 O  O   . HOH D 3 .   ? -0.972  12.057  -11.445 1.00 43.82 ? 427 HOH A O   1 
HETATM 1324 O  O   . HOH D 3 .   ? -4.343  6.844   -9.708  1.00 46.34 ? 428 HOH A O   1 
HETATM 1325 O  O   . HOH D 3 .   ? -10.813 4.039   -8.480  1.00 46.05 ? 429 HOH A O   1 
HETATM 1326 O  O   . HOH D 3 .   ? 20.580  15.440  6.328   1.00 44.54 ? 430 HOH A O   1 
HETATM 1327 O  O   . HOH D 3 .   ? 19.715  15.724  9.776   1.00 45.88 ? 431 HOH A O   1 
HETATM 1328 O  O   . HOH D 3 .   ? 15.213  13.755  -7.361  1.00 37.83 ? 432 HOH A O   1 
HETATM 1329 O  O   . HOH D 3 .   ? -19.051 -2.464  6.309   1.00 41.58 ? 433 HOH A O   1 
HETATM 1330 O  O   . HOH D 3 .   ? -20.506 0.585   8.415   1.00 39.53 ? 434 HOH A O   1 
HETATM 1331 O  O   . HOH D 3 .   ? -1.687  -11.220 11.614  1.00 43.66 ? 435 HOH A O   1 
HETATM 1332 O  O   . HOH D 3 .   ? 14.258  -3.477  -14.650 1.00 41.80 ? 436 HOH A O   1 
HETATM 1333 O  O   . HOH D 3 .   ? -15.964 10.401  14.596  1.00 44.11 ? 437 HOH A O   1 
HETATM 1334 O  O   . HOH D 3 .   ? 11.877  7.943   8.822   1.00 35.20 ? 438 HOH A O   1 
HETATM 1335 O  O   . HOH D 3 .   ? 12.653  7.050   -14.716 1.00 37.36 ? 439 HOH A O   1 
# 
